data_1ZV4
# 
_entry.id   1ZV4 
# 
_audit_conform.dict_name       mmcif_pdbx.dic 
_audit_conform.dict_version    5.376 
_audit_conform.dict_location   http://mmcif.pdb.org/dictionaries/ascii/mmcif_pdbx.dic 
# 
loop_
_database_2.database_id 
_database_2.database_code 
_database_2.pdbx_database_accession 
_database_2.pdbx_DOI 
PDB   1ZV4         pdb_00001zv4 10.2210/pdb1zv4/pdb 
RCSB  RCSB033155   ?            ?                   
WWPDB D_1000033155 ?            ?                   
# 
_pdbx_database_status.status_code                     REL 
_pdbx_database_status.entry_id                        1ZV4 
_pdbx_database_status.recvd_initial_deposition_date   2005-06-01 
_pdbx_database_status.deposit_site                    RCSB 
_pdbx_database_status.process_site                    RCSB 
_pdbx_database_status.status_code_sf                  REL 
_pdbx_database_status.status_code_mr                  ? 
_pdbx_database_status.SG_entry                        Y 
_pdbx_database_status.pdb_format_compatible           Y 
_pdbx_database_status.status_code_cs                  ? 
_pdbx_database_status.status_code_nmr_data            ? 
_pdbx_database_status.methods_development_category    ? 
# 
loop_
_audit_author.name 
_audit_author.pdbx_ordinal 
'Schoch, G.A.'                         1  
'Jansson, A.'                          2  
'Elkins, J.M.'                         3  
'Haroniti, A.'                         4  
'Niesen, F.H.'                         5  
'Bunkoczi, G.'                         6  
'Lee, W.H.'                            7  
'Turnbull, A.P.'                       8  
'Yang, X.'                             9  
'Sundstrom, M.'                        10 
'Arrowsmith, C.'                       11 
'Edwards, A.'                          12 
'Marsden, B.'                          13 
'Gileadi, O.'                          14 
'Ball, L.'                             15 
'von Delft, F.'                        16 
'Doyle, D.A.'                          17 
'Structural Genomics Consortium (SGC)' 18 
# 
_citation.id                        primary 
_citation.title                     
'Structural diversity in the RGS domain and its interaction with heterotrimeric G protein alpha-subunits.' 
_citation.journal_abbrev            Proc.Natl.Acad.Sci.Usa 
_citation.journal_volume            105 
_citation.page_first                6457 
_citation.page_last                 6462 
_citation.year                      2008 
_citation.journal_id_ASTM           PNASA6 
_citation.country                   US 
_citation.journal_id_ISSN           0027-8424 
_citation.journal_id_CSD            0040 
_citation.book_publisher            ? 
_citation.pdbx_database_id_PubMed   18434541 
_citation.pdbx_database_id_DOI      10.1073/pnas.0801508105 
# 
loop_
_citation_author.citation_id 
_citation_author.name 
_citation_author.ordinal 
_citation_author.identifier_ORCID 
primary 'Soundararajan, M.' 1  ? 
primary 'Willard, F.S.'     2  ? 
primary 'Kimple, A.J.'      3  ? 
primary 'Turnbull, A.P.'    4  ? 
primary 'Ball, L.J.'        5  ? 
primary 'Schoch, G.A.'      6  ? 
primary 'Gileadi, C.'       7  ? 
primary 'Fedorov, O.Y.'     8  ? 
primary 'Dowler, E.F.'      9  ? 
primary 'Higman, V.A.'      10 ? 
primary 'Hutsell, S.Q.'     11 ? 
primary 'Sundstrom, M.'     12 ? 
primary 'Doyle, D.A.'       13 ? 
primary 'Siderovski, D.P.'  14 ? 
# 
_cell.entry_id           1ZV4 
_cell.length_a           105.153 
_cell.length_b           105.153 
_cell.length_c           57.515 
_cell.angle_alpha        90.00 
_cell.angle_beta         90.00 
_cell.angle_gamma        120.00 
_cell.Z_PDB              12 
_cell.pdbx_unique_axis   ? 
_cell.length_a_esd       ? 
_cell.length_b_esd       ? 
_cell.length_c_esd       ? 
_cell.angle_alpha_esd    ? 
_cell.angle_beta_esd     ? 
_cell.angle_gamma_esd    ? 
# 
_symmetry.entry_id                         1ZV4 
_symmetry.space_group_name_H-M             'P 63 2 2' 
_symmetry.pdbx_full_space_group_name_H-M   ? 
_symmetry.cell_setting                     ? 
_symmetry.Int_Tables_number                182 
_symmetry.space_group_name_Hall            ? 
# 
loop_
_entity.id 
_entity.type 
_entity.src_method 
_entity.pdbx_description 
_entity.formula_weight 
_entity.pdbx_number_of_molecules 
_entity.pdbx_ec 
_entity.pdbx_mutation 
_entity.pdbx_fragment 
_entity.details 
1 polymer man 'Regulator of G-protein signaling 17' 18727.100 1 ? ? ? ? 
2 water   nat water                                 18.015    8 ? ? ? ? 
# 
_entity_name_com.entity_id   1 
_entity_name_com.name        RGS17 
# 
_entity_poly.entity_id                      1 
_entity_poly.type                           'polypeptide(L)' 
_entity_poly.nstd_linkage                   no 
_entity_poly.nstd_monomer                   no 
_entity_poly.pdbx_seq_one_letter_code       
;MHHHHHHSSGVDLGTENLYFQSMNPTAEEVLSWSQNFDKMMKAPAGRNLFREFLRTEYSEENLLFWLACEDLKKEQNKKV
IEEKARMIYEDYISILSPKEVSLDSRVREVINRNLLDPNPHMYEDAQLQIYTLMHRDSFPRFLNSQIYKSFVESTAGS
;
_entity_poly.pdbx_seq_one_letter_code_can   
;MHHHHHHSSGVDLGTENLYFQSMNPTAEEVLSWSQNFDKMMKAPAGRNLFREFLRTEYSEENLLFWLACEDLKKEQNKKV
IEEKARMIYEDYISILSPKEVSLDSRVREVINRNLLDPNPHMYEDAQLQIYTLMHRDSFPRFLNSQIYKSFVESTAGS
;
_entity_poly.pdbx_strand_id                 X 
_entity_poly.pdbx_target_identifier         ? 
# 
loop_
_entity_poly_seq.entity_id 
_entity_poly_seq.num 
_entity_poly_seq.mon_id 
_entity_poly_seq.hetero 
1 1   MET n 
1 2   HIS n 
1 3   HIS n 
1 4   HIS n 
1 5   HIS n 
1 6   HIS n 
1 7   HIS n 
1 8   SER n 
1 9   SER n 
1 10  GLY n 
1 11  VAL n 
1 12  ASP n 
1 13  LEU n 
1 14  GLY n 
1 15  THR n 
1 16  GLU n 
1 17  ASN n 
1 18  LEU n 
1 19  TYR n 
1 20  PHE n 
1 21  GLN n 
1 22  SER n 
1 23  MET n 
1 24  ASN n 
1 25  PRO n 
1 26  THR n 
1 27  ALA n 
1 28  GLU n 
1 29  GLU n 
1 30  VAL n 
1 31  LEU n 
1 32  SER n 
1 33  TRP n 
1 34  SER n 
1 35  GLN n 
1 36  ASN n 
1 37  PHE n 
1 38  ASP n 
1 39  LYS n 
1 40  MET n 
1 41  MET n 
1 42  LYS n 
1 43  ALA n 
1 44  PRO n 
1 45  ALA n 
1 46  GLY n 
1 47  ARG n 
1 48  ASN n 
1 49  LEU n 
1 50  PHE n 
1 51  ARG n 
1 52  GLU n 
1 53  PHE n 
1 54  LEU n 
1 55  ARG n 
1 56  THR n 
1 57  GLU n 
1 58  TYR n 
1 59  SER n 
1 60  GLU n 
1 61  GLU n 
1 62  ASN n 
1 63  LEU n 
1 64  LEU n 
1 65  PHE n 
1 66  TRP n 
1 67  LEU n 
1 68  ALA n 
1 69  CYS n 
1 70  GLU n 
1 71  ASP n 
1 72  LEU n 
1 73  LYS n 
1 74  LYS n 
1 75  GLU n 
1 76  GLN n 
1 77  ASN n 
1 78  LYS n 
1 79  LYS n 
1 80  VAL n 
1 81  ILE n 
1 82  GLU n 
1 83  GLU n 
1 84  LYS n 
1 85  ALA n 
1 86  ARG n 
1 87  MET n 
1 88  ILE n 
1 89  TYR n 
1 90  GLU n 
1 91  ASP n 
1 92  TYR n 
1 93  ILE n 
1 94  SER n 
1 95  ILE n 
1 96  LEU n 
1 97  SER n 
1 98  PRO n 
1 99  LYS n 
1 100 GLU n 
1 101 VAL n 
1 102 SER n 
1 103 LEU n 
1 104 ASP n 
1 105 SER n 
1 106 ARG n 
1 107 VAL n 
1 108 ARG n 
1 109 GLU n 
1 110 VAL n 
1 111 ILE n 
1 112 ASN n 
1 113 ARG n 
1 114 ASN n 
1 115 LEU n 
1 116 LEU n 
1 117 ASP n 
1 118 PRO n 
1 119 ASN n 
1 120 PRO n 
1 121 HIS n 
1 122 MET n 
1 123 TYR n 
1 124 GLU n 
1 125 ASP n 
1 126 ALA n 
1 127 GLN n 
1 128 LEU n 
1 129 GLN n 
1 130 ILE n 
1 131 TYR n 
1 132 THR n 
1 133 LEU n 
1 134 MET n 
1 135 HIS n 
1 136 ARG n 
1 137 ASP n 
1 138 SER n 
1 139 PHE n 
1 140 PRO n 
1 141 ARG n 
1 142 PHE n 
1 143 LEU n 
1 144 ASN n 
1 145 SER n 
1 146 GLN n 
1 147 ILE n 
1 148 TYR n 
1 149 LYS n 
1 150 SER n 
1 151 PHE n 
1 152 VAL n 
1 153 GLU n 
1 154 SER n 
1 155 THR n 
1 156 ALA n 
1 157 GLY n 
1 158 SER n 
# 
_entity_src_gen.entity_id                          1 
_entity_src_gen.pdbx_src_id                        1 
_entity_src_gen.pdbx_alt_source_flag               sample 
_entity_src_gen.pdbx_seq_type                      ? 
_entity_src_gen.pdbx_beg_seq_num                   ? 
_entity_src_gen.pdbx_end_seq_num                   ? 
_entity_src_gen.gene_src_common_name               human 
_entity_src_gen.gene_src_genus                     Homo 
_entity_src_gen.pdbx_gene_src_gene                 RGS17 
_entity_src_gen.gene_src_species                   ? 
_entity_src_gen.gene_src_strain                    ? 
_entity_src_gen.gene_src_tissue                    ? 
_entity_src_gen.gene_src_tissue_fraction           ? 
_entity_src_gen.gene_src_details                   ? 
_entity_src_gen.pdbx_gene_src_fragment             ? 
_entity_src_gen.pdbx_gene_src_scientific_name      'Homo sapiens' 
_entity_src_gen.pdbx_gene_src_ncbi_taxonomy_id     9606 
_entity_src_gen.pdbx_gene_src_variant              ? 
_entity_src_gen.pdbx_gene_src_cell_line            ? 
_entity_src_gen.pdbx_gene_src_atcc                 ? 
_entity_src_gen.pdbx_gene_src_organ                ? 
_entity_src_gen.pdbx_gene_src_organelle            ? 
_entity_src_gen.pdbx_gene_src_cell                 ? 
_entity_src_gen.pdbx_gene_src_cellular_location    ? 
_entity_src_gen.host_org_common_name               ? 
_entity_src_gen.pdbx_host_org_scientific_name      'Escherichia coli' 
_entity_src_gen.pdbx_host_org_ncbi_taxonomy_id     562 
_entity_src_gen.host_org_genus                     Escherichia 
_entity_src_gen.pdbx_host_org_gene                 ? 
_entity_src_gen.pdbx_host_org_organ                ? 
_entity_src_gen.host_org_species                   ? 
_entity_src_gen.pdbx_host_org_tissue               ? 
_entity_src_gen.pdbx_host_org_tissue_fraction      ? 
_entity_src_gen.pdbx_host_org_strain               'BL21(DE3)-R3' 
_entity_src_gen.pdbx_host_org_variant              ? 
_entity_src_gen.pdbx_host_org_cell_line            ? 
_entity_src_gen.pdbx_host_org_atcc                 ? 
_entity_src_gen.pdbx_host_org_culture_collection   ? 
_entity_src_gen.pdbx_host_org_cell                 ? 
_entity_src_gen.pdbx_host_org_organelle            ? 
_entity_src_gen.pdbx_host_org_cellular_location    ? 
_entity_src_gen.pdbx_host_org_vector_type          PLASMID 
_entity_src_gen.pdbx_host_org_vector               ? 
_entity_src_gen.host_org_details                   ? 
_entity_src_gen.expression_system_id               ? 
_entity_src_gen.plasmid_name                       pLIC-SGC 
_entity_src_gen.plasmid_details                    ? 
_entity_src_gen.pdbx_description                   ? 
# 
_struct_ref.id                         1 
_struct_ref.db_name                    UNP 
_struct_ref.db_code                    RGS17_HUMAN 
_struct_ref.pdbx_db_accession          Q9UGC6 
_struct_ref.entity_id                  1 
_struct_ref.pdbx_seq_one_letter_code   
;NPTAEEVLSWSQNFDKMMKAPAGRNLFREFLRTEYSEENLLFWLACEDLKKEQNKKVIEEKARMIYEDYISILSPKEVSL
DSRVREVINRNLLDPNPHMYEDAQLQIYTLMHRDSFPRFLNSQIYKSFVESTAGS
;
_struct_ref.pdbx_align_begin           72 
_struct_ref.pdbx_db_isoform            ? 
# 
_struct_ref_seq.align_id                      1 
_struct_ref_seq.ref_id                        1 
_struct_ref_seq.pdbx_PDB_id_code              1ZV4 
_struct_ref_seq.pdbx_strand_id                X 
_struct_ref_seq.seq_align_beg                 24 
_struct_ref_seq.pdbx_seq_align_beg_ins_code   ? 
_struct_ref_seq.seq_align_end                 158 
_struct_ref_seq.pdbx_seq_align_end_ins_code   ? 
_struct_ref_seq.pdbx_db_accession             Q9UGC6 
_struct_ref_seq.db_align_beg                  72 
_struct_ref_seq.pdbx_db_align_beg_ins_code    ? 
_struct_ref_seq.db_align_end                  206 
_struct_ref_seq.pdbx_db_align_end_ins_code    ? 
_struct_ref_seq.pdbx_auth_seq_align_beg       72 
_struct_ref_seq.pdbx_auth_seq_align_end       206 
# 
loop_
_struct_ref_seq_dif.align_id 
_struct_ref_seq_dif.pdbx_pdb_id_code 
_struct_ref_seq_dif.mon_id 
_struct_ref_seq_dif.pdbx_pdb_strand_id 
_struct_ref_seq_dif.seq_num 
_struct_ref_seq_dif.pdbx_pdb_ins_code 
_struct_ref_seq_dif.pdbx_seq_db_name 
_struct_ref_seq_dif.pdbx_seq_db_accession_code 
_struct_ref_seq_dif.db_mon_id 
_struct_ref_seq_dif.pdbx_seq_db_seq_num 
_struct_ref_seq_dif.details 
_struct_ref_seq_dif.pdbx_auth_seq_num 
_struct_ref_seq_dif.pdbx_ordinal 
1 1ZV4 MET X 1  ? UNP Q9UGC6 ? ? 'cloning artifact' 49 1  
1 1ZV4 HIS X 2  ? UNP Q9UGC6 ? ? 'expression tag'   50 2  
1 1ZV4 HIS X 3  ? UNP Q9UGC6 ? ? 'expression tag'   51 3  
1 1ZV4 HIS X 4  ? UNP Q9UGC6 ? ? 'expression tag'   52 4  
1 1ZV4 HIS X 5  ? UNP Q9UGC6 ? ? 'expression tag'   53 5  
1 1ZV4 HIS X 6  ? UNP Q9UGC6 ? ? 'expression tag'   54 6  
1 1ZV4 HIS X 7  ? UNP Q9UGC6 ? ? 'expression tag'   55 7  
1 1ZV4 SER X 8  ? UNP Q9UGC6 ? ? 'cloning artifact' 56 8  
1 1ZV4 SER X 9  ? UNP Q9UGC6 ? ? 'cloning artifact' 57 9  
1 1ZV4 GLY X 10 ? UNP Q9UGC6 ? ? 'cloning artifact' 58 10 
1 1ZV4 VAL X 11 ? UNP Q9UGC6 ? ? 'cloning artifact' 59 11 
1 1ZV4 ASP X 12 ? UNP Q9UGC6 ? ? 'cloning artifact' 60 12 
1 1ZV4 LEU X 13 ? UNP Q9UGC6 ? ? 'cloning artifact' 61 13 
1 1ZV4 GLY X 14 ? UNP Q9UGC6 ? ? 'cloning artifact' 62 14 
1 1ZV4 THR X 15 ? UNP Q9UGC6 ? ? 'cloning artifact' 63 15 
1 1ZV4 GLU X 16 ? UNP Q9UGC6 ? ? 'cloning artifact' 64 16 
1 1ZV4 ASN X 17 ? UNP Q9UGC6 ? ? 'cloning artifact' 65 17 
1 1ZV4 LEU X 18 ? UNP Q9UGC6 ? ? 'cloning artifact' 66 18 
1 1ZV4 TYR X 19 ? UNP Q9UGC6 ? ? 'cloning artifact' 67 19 
1 1ZV4 PHE X 20 ? UNP Q9UGC6 ? ? 'cloning artifact' 68 20 
1 1ZV4 GLN X 21 ? UNP Q9UGC6 ? ? 'cloning artifact' 69 21 
1 1ZV4 SER X 22 ? UNP Q9UGC6 ? ? 'cloning artifact' 70 22 
1 1ZV4 MET X 23 ? UNP Q9UGC6 ? ? 'cloning artifact' 71 23 
# 
loop_
_chem_comp.id 
_chem_comp.type 
_chem_comp.mon_nstd_flag 
_chem_comp.name 
_chem_comp.pdbx_synonyms 
_chem_comp.formula 
_chem_comp.formula_weight 
ALA 'L-peptide linking' y ALANINE         ? 'C3 H7 N O2'     89.093  
ARG 'L-peptide linking' y ARGININE        ? 'C6 H15 N4 O2 1' 175.209 
ASN 'L-peptide linking' y ASPARAGINE      ? 'C4 H8 N2 O3'    132.118 
ASP 'L-peptide linking' y 'ASPARTIC ACID' ? 'C4 H7 N O4'     133.103 
CYS 'L-peptide linking' y CYSTEINE        ? 'C3 H7 N O2 S'   121.158 
GLN 'L-peptide linking' y GLUTAMINE       ? 'C5 H10 N2 O3'   146.144 
GLU 'L-peptide linking' y 'GLUTAMIC ACID' ? 'C5 H9 N O4'     147.129 
GLY 'peptide linking'   y GLYCINE         ? 'C2 H5 N O2'     75.067  
HIS 'L-peptide linking' y HISTIDINE       ? 'C6 H10 N3 O2 1' 156.162 
HOH non-polymer         . WATER           ? 'H2 O'           18.015  
ILE 'L-peptide linking' y ISOLEUCINE      ? 'C6 H13 N O2'    131.173 
LEU 'L-peptide linking' y LEUCINE         ? 'C6 H13 N O2'    131.173 
LYS 'L-peptide linking' y LYSINE          ? 'C6 H15 N2 O2 1' 147.195 
MET 'L-peptide linking' y METHIONINE      ? 'C5 H11 N O2 S'  149.211 
PHE 'L-peptide linking' y PHENYLALANINE   ? 'C9 H11 N O2'    165.189 
PRO 'L-peptide linking' y PROLINE         ? 'C5 H9 N O2'     115.130 
SER 'L-peptide linking' y SERINE          ? 'C3 H7 N O3'     105.093 
THR 'L-peptide linking' y THREONINE       ? 'C4 H9 N O3'     119.119 
TRP 'L-peptide linking' y TRYPTOPHAN      ? 'C11 H12 N2 O2'  204.225 
TYR 'L-peptide linking' y TYROSINE        ? 'C9 H11 N O3'    181.189 
VAL 'L-peptide linking' y VALINE          ? 'C5 H11 N O2'    117.146 
# 
_exptl.entry_id          1ZV4 
_exptl.method            'X-RAY DIFFRACTION' 
_exptl.crystals_number   1 
# 
_exptl_crystal.id                    1 
_exptl_crystal.density_meas          ? 
_exptl_crystal.density_Matthews      2.5 
_exptl_crystal.density_percent_sol   49.5 
_exptl_crystal.description           ? 
_exptl_crystal.F_000                 ? 
_exptl_crystal.preparation           ? 
# 
_exptl_crystal_grow.crystal_id      1 
_exptl_crystal_grow.method          'VAPOR DIFFUSION, HANGING DROP' 
_exptl_crystal_grow.temp            293 
_exptl_crystal_grow.temp_details    ? 
_exptl_crystal_grow.pH              7.0 
_exptl_crystal_grow.pdbx_details    'mPEG2K, Na succinate, Hepes, pH 7.0, VAPOR DIFFUSION, HANGING DROP, temperature 293K' 
_exptl_crystal_grow.pdbx_pH_range   . 
# 
_diffrn.id                     1 
_diffrn.ambient_temp           100 
_diffrn.ambient_temp_details   ? 
_diffrn.crystal_id             1 
# 
_diffrn_detector.diffrn_id              1 
_diffrn_detector.detector               CCD 
_diffrn_detector.type                   'MARMOSAIC 225 mm CCD' 
_diffrn_detector.pdbx_collection_date   2005-05-23 
_diffrn_detector.details                ? 
# 
_diffrn_radiation.diffrn_id                        1 
_diffrn_radiation.wavelength_id                    1 
_diffrn_radiation.pdbx_monochromatic_or_laue_m_l   M 
_diffrn_radiation.monochromator                    ? 
_diffrn_radiation.pdbx_diffrn_protocol             'SINGLE WAVELENGTH' 
_diffrn_radiation.pdbx_scattering_type             x-ray 
# 
_diffrn_radiation_wavelength.id           1 
_diffrn_radiation_wavelength.wavelength   0.987 
_diffrn_radiation_wavelength.wt           1.0 
# 
_diffrn_source.diffrn_id                   1 
_diffrn_source.source                      SYNCHROTRON 
_diffrn_source.type                        'SLS BEAMLINE X10SA' 
_diffrn_source.pdbx_synchrotron_site       SLS 
_diffrn_source.pdbx_synchrotron_beamline   X10SA 
_diffrn_source.pdbx_wavelength             ? 
_diffrn_source.pdbx_wavelength_list        0.987 
# 
_reflns.entry_id                     1ZV4 
_reflns.observed_criterion_sigma_F   0 
_reflns.observed_criterion_sigma_I   0 
_reflns.d_resolution_high            2.4 
_reflns.d_resolution_low             52.56 
_reflns.number_all                   7748 
_reflns.number_obs                   7589 
_reflns.percent_possible_obs         98.4 
_reflns.pdbx_Rmerge_I_obs            0.072 
_reflns.pdbx_Rsym_value              ? 
_reflns.pdbx_netI_over_sigmaI        23 
_reflns.B_iso_Wilson_estimate        71.3 
_reflns.pdbx_redundancy              9.9 
_reflns.R_free_details               ? 
_reflns.limit_h_max                  ? 
_reflns.limit_h_min                  ? 
_reflns.limit_k_max                  ? 
_reflns.limit_k_min                  ? 
_reflns.limit_l_max                  ? 
_reflns.limit_l_min                  ? 
_reflns.observed_criterion_F_max     ? 
_reflns.observed_criterion_F_min     ? 
_reflns.pdbx_chi_squared             ? 
_reflns.pdbx_scaling_rejects         ? 
_reflns.pdbx_ordinal                 1 
_reflns.pdbx_diffrn_id               1 
# 
_reflns_shell.d_res_high             2.4 
_reflns_shell.d_res_low              2.53 
_reflns_shell.percent_possible_all   100 
_reflns_shell.Rmerge_I_obs           0.421 
_reflns_shell.pdbx_Rsym_value        ? 
_reflns_shell.meanI_over_sigI_obs    4.2 
_reflns_shell.pdbx_redundancy        9.0 
_reflns_shell.percent_possible_obs   ? 
_reflns_shell.number_unique_all      1082 
_reflns_shell.number_measured_all    ? 
_reflns_shell.number_measured_obs    ? 
_reflns_shell.number_unique_obs      ? 
_reflns_shell.pdbx_chi_squared       ? 
_reflns_shell.pdbx_ordinal           1 
_reflns_shell.pdbx_diffrn_id         1 
# 
_refine.entry_id                                 1ZV4 
_refine.ls_number_reflns_obs                     7229 
_refine.ls_number_reflns_all                     ? 
_refine.pdbx_ls_sigma_I                          0 
_refine.pdbx_ls_sigma_F                          0 
_refine.pdbx_data_cutoff_high_absF               ? 
_refine.pdbx_data_cutoff_low_absF                ? 
_refine.pdbx_data_cutoff_high_rms_absF           ? 
_refine.ls_d_res_low                             35.7 
_refine.ls_d_res_high                            2.40 
_refine.ls_percent_reflns_obs                    97.94 
_refine.ls_R_factor_obs                          0.22935 
_refine.ls_R_factor_all                          0.22935 
_refine.ls_R_factor_R_work                       0.22777 
_refine.ls_R_factor_R_free                       0.26204 
_refine.ls_R_factor_R_free_error                 ? 
_refine.ls_R_factor_R_free_error_details         ? 
_refine.ls_percent_reflns_R_free                 4.6 
_refine.ls_number_reflns_R_free                  349 
_refine.ls_number_parameters                     ? 
_refine.ls_number_restraints                     ? 
_refine.occupancy_min                            ? 
_refine.occupancy_max                            ? 
_refine.correlation_coeff_Fo_to_Fc               0.938 
_refine.correlation_coeff_Fo_to_Fc_free          0.925 
_refine.B_iso_mean                               68.449 
_refine.aniso_B[1][1]                            -2.85 
_refine.aniso_B[2][2]                            -2.85 
_refine.aniso_B[3][3]                            4.28 
_refine.aniso_B[1][2]                            -1.43 
_refine.aniso_B[1][3]                            0.00 
_refine.aniso_B[2][3]                            0.00 
_refine.solvent_model_details                    MASK 
_refine.solvent_model_param_ksol                 ? 
_refine.solvent_model_param_bsol                 ? 
_refine.pdbx_solvent_vdw_probe_radii             1.20 
_refine.pdbx_solvent_ion_probe_radii             0.80 
_refine.pdbx_solvent_shrinkage_radii             0.80 
_refine.pdbx_ls_cross_valid_method               THROUGHOUT 
_refine.details                                  'HYDROGENS HAVE BEEN ADDED IN THE RIDING POSITIONS' 
_refine.pdbx_starting_model                      1CMZ 
_refine.pdbx_method_to_determine_struct          'MOLECULAR REPLACEMENT' 
_refine.pdbx_isotropic_thermal_model             ? 
_refine.pdbx_stereochemistry_target_values       'MAXIMUM LIKELIHOOD' 
_refine.pdbx_stereochem_target_val_spec_case     ? 
_refine.pdbx_R_Free_selection_details            RANDOM 
_refine.pdbx_overall_ESU_R                       0.338 
_refine.pdbx_overall_ESU_R_Free                  0.248 
_refine.overall_SU_ML                            0.195 
_refine.overall_SU_B                             17.958 
_refine.ls_redundancy_reflns_obs                 ? 
_refine.B_iso_min                                ? 
_refine.B_iso_max                                ? 
_refine.overall_SU_R_Cruickshank_DPI             ? 
_refine.overall_SU_R_free                        ? 
_refine.ls_wR_factor_R_free                      ? 
_refine.ls_wR_factor_R_work                      ? 
_refine.overall_FOM_free_R_set                   ? 
_refine.overall_FOM_work_R_set                   ? 
_refine.pdbx_refine_id                           'X-RAY DIFFRACTION' 
_refine.pdbx_overall_phase_error                 ? 
_refine.pdbx_TLS_residual_ADP_flag               'LIKELY RESIDUAL' 
_refine.pdbx_diffrn_id                           1 
_refine.pdbx_overall_SU_R_free_Cruickshank_DPI   ? 
_refine.pdbx_overall_SU_R_Blow_DPI               ? 
_refine.pdbx_overall_SU_R_free_Blow_DPI          ? 
# 
_refine_hist.pdbx_refine_id                   'X-RAY DIFFRACTION' 
_refine_hist.cycle_id                         LAST 
_refine_hist.pdbx_number_atoms_protein        1064 
_refine_hist.pdbx_number_atoms_nucleic_acid   0 
_refine_hist.pdbx_number_atoms_ligand         0 
_refine_hist.number_atoms_solvent             8 
_refine_hist.number_atoms_total               1072 
_refine_hist.d_res_high                       2.40 
_refine_hist.d_res_low                        35.7 
# 
loop_
_refine_ls_restr.type 
_refine_ls_restr.dev_ideal 
_refine_ls_restr.dev_ideal_target 
_refine_ls_restr.weight 
_refine_ls_restr.number 
_refine_ls_restr.pdbx_refine_id 
_refine_ls_restr.pdbx_restraint_function 
r_bond_refined_d             0.010  0.022  ? 1088 'X-RAY DIFFRACTION' ? 
r_bond_other_d               0.001  0.020  ? 953  'X-RAY DIFFRACTION' ? 
r_angle_refined_deg          1.187  1.944  ? 1478 'X-RAY DIFFRACTION' ? 
r_angle_other_deg            0.848  3.000  ? 2184 'X-RAY DIFFRACTION' ? 
r_dihedral_angle_1_deg       5.441  5.000  ? 136  'X-RAY DIFFRACTION' ? 
r_dihedral_angle_2_deg       38.229 24.118 ? 51   'X-RAY DIFFRACTION' ? 
r_dihedral_angle_3_deg       13.510 15.000 ? 164  'X-RAY DIFFRACTION' ? 
r_dihedral_angle_4_deg       15.797 15.000 ? 6    'X-RAY DIFFRACTION' ? 
r_chiral_restr               0.066  0.200  ? 164  'X-RAY DIFFRACTION' ? 
r_gen_planes_refined         0.004  0.020  ? 1231 'X-RAY DIFFRACTION' ? 
r_gen_planes_other           0.001  0.020  ? 233  'X-RAY DIFFRACTION' ? 
r_nbd_refined                0.191  0.200  ? 248  'X-RAY DIFFRACTION' ? 
r_nbd_other                  0.159  0.200  ? 874  'X-RAY DIFFRACTION' ? 
r_nbtor_refined              0.174  0.200  ? 554  'X-RAY DIFFRACTION' ? 
r_nbtor_other                0.085  0.200  ? 566  'X-RAY DIFFRACTION' ? 
r_xyhbond_nbd_refined        0.115  0.200  ? 20   'X-RAY DIFFRACTION' ? 
r_xyhbond_nbd_other          ?      ?      ? ?    'X-RAY DIFFRACTION' ? 
r_metal_ion_refined          ?      ?      ? ?    'X-RAY DIFFRACTION' ? 
r_metal_ion_other            ?      ?      ? ?    'X-RAY DIFFRACTION' ? 
r_symmetry_vdw_refined       0.176  0.200  ? 5    'X-RAY DIFFRACTION' ? 
r_symmetry_vdw_other         0.131  0.200  ? 21   'X-RAY DIFFRACTION' ? 
r_symmetry_hbond_refined     0.215  0.200  ? 1    'X-RAY DIFFRACTION' ? 
r_symmetry_hbond_other       ?      ?      ? ?    'X-RAY DIFFRACTION' ? 
r_symmetry_metal_ion_refined ?      ?      ? ?    'X-RAY DIFFRACTION' ? 
r_symmetry_metal_ion_other   ?      ?      ? ?    'X-RAY DIFFRACTION' ? 
r_mcbond_it                  0.434  1.500  ? 712  'X-RAY DIFFRACTION' ? 
r_mcbond_other               0.072  1.500  ? 273  'X-RAY DIFFRACTION' ? 
r_mcangle_it                 0.692  2.000  ? 1095 'X-RAY DIFFRACTION' ? 
r_scbond_it                  1.029  3.000  ? 437  'X-RAY DIFFRACTION' ? 
r_scangle_it                 1.640  4.500  ? 383  'X-RAY DIFFRACTION' ? 
r_rigid_bond_restr           ?      ?      ? ?    'X-RAY DIFFRACTION' ? 
r_sphericity_free            ?      ?      ? ?    'X-RAY DIFFRACTION' ? 
r_sphericity_bonded          ?      ?      ? ?    'X-RAY DIFFRACTION' ? 
# 
_refine_ls_shell.pdbx_total_number_of_bins_used   20 
_refine_ls_shell.d_res_high                       2.400 
_refine_ls_shell.d_res_low                        2.462 
_refine_ls_shell.number_reflns_R_work             515 
_refine_ls_shell.R_factor_R_work                  0.277 
_refine_ls_shell.percent_reflns_obs               100.00 
_refine_ls_shell.R_factor_R_free                  0.429 
_refine_ls_shell.R_factor_R_free_error            ? 
_refine_ls_shell.percent_reflns_R_free            ? 
_refine_ls_shell.number_reflns_R_free             28 
_refine_ls_shell.number_reflns_obs                ? 
_refine_ls_shell.redundancy_reflns_obs            ? 
_refine_ls_shell.number_reflns_all                ? 
_refine_ls_shell.pdbx_refine_id                   'X-RAY DIFFRACTION' 
_refine_ls_shell.R_factor_all                     ? 
# 
_struct.entry_id                  1ZV4 
_struct.title                     'Structure of the Regulator of G-Protein Signaling 17 (RGSZ2)' 
_struct.pdbx_model_details        ? 
_struct.pdbx_CASP_flag            ? 
_struct.pdbx_model_type_details   ? 
# 
_struct_keywords.entry_id        1ZV4 
_struct_keywords.pdbx_keywords   'SIGNALING PROTEIN' 
_struct_keywords.text            
;Human RGSZ2, Human RGS17(Z2); regulator of G-protein signaling; mu-opioid receptor interacting protein, GTPase-activating proteins (GAP), Regulator of Gz-selective protein signaling 2, Structural Genomics, Structural Genomics Consortium, SGC, SIGNALING PROTEIN
;
# 
loop_
_struct_asym.id 
_struct_asym.pdbx_blank_PDB_chainid_flag 
_struct_asym.pdbx_modified 
_struct_asym.entity_id 
_struct_asym.details 
A N N 1 ? 
B N N 2 ? 
# 
_struct_biol.id                    1 
_struct_biol.pdbx_parent_biol_id   ? 
_struct_biol.details               ? 
# 
loop_
_struct_conf.conf_type_id 
_struct_conf.id 
_struct_conf.pdbx_PDB_helix_id 
_struct_conf.beg_label_comp_id 
_struct_conf.beg_label_asym_id 
_struct_conf.beg_label_seq_id 
_struct_conf.pdbx_beg_PDB_ins_code 
_struct_conf.end_label_comp_id 
_struct_conf.end_label_asym_id 
_struct_conf.end_label_seq_id 
_struct_conf.pdbx_end_PDB_ins_code 
_struct_conf.beg_auth_comp_id 
_struct_conf.beg_auth_asym_id 
_struct_conf.beg_auth_seq_id 
_struct_conf.end_auth_comp_id 
_struct_conf.end_auth_asym_id 
_struct_conf.end_auth_seq_id 
_struct_conf.pdbx_PDB_helix_class 
_struct_conf.details 
_struct_conf.pdbx_PDB_helix_length 
HELX_P HELX_P1 1 THR A 26  ? TRP A 33  ? THR X 74  TRP X 81  1 ? 8  
HELX_P HELX_P2 2 ASN A 36  ? LYS A 42  ? ASN X 84  LYS X 90  1 ? 7  
HELX_P HELX_P3 3 ALA A 43  ? GLU A 57  ? ALA X 91  GLU X 105 1 ? 15 
HELX_P HELX_P4 4 SER A 59  ? GLU A 75  ? SER X 107 GLU X 123 1 ? 17 
HELX_P HELX_P5 5 ASN A 77  ? ILE A 93  ? ASN X 125 ILE X 141 1 ? 17 
HELX_P HELX_P6 6 ASP A 104 ? ASN A 114 ? ASP X 152 ASN X 162 1 ? 11 
HELX_P HELX_P7 7 TYR A 123 ? ASP A 137 ? TYR X 171 ASP X 185 1 ? 15 
HELX_P HELX_P8 8 SER A 138 ? LEU A 143 ? SER X 186 LEU X 191 1 ? 6  
HELX_P HELX_P9 9 SER A 145 ? ALA A 156 ? SER X 193 ALA X 204 1 ? 12 
# 
_struct_conf_type.id          HELX_P 
_struct_conf_type.criteria    ? 
_struct_conf_type.reference   ? 
# 
_struct_mon_prot_cis.pdbx_id                1 
_struct_mon_prot_cis.label_comp_id          PRO 
_struct_mon_prot_cis.label_seq_id           98 
_struct_mon_prot_cis.label_asym_id          A 
_struct_mon_prot_cis.label_alt_id           . 
_struct_mon_prot_cis.pdbx_PDB_ins_code      ? 
_struct_mon_prot_cis.auth_comp_id           PRO 
_struct_mon_prot_cis.auth_seq_id            146 
_struct_mon_prot_cis.auth_asym_id           X 
_struct_mon_prot_cis.pdbx_label_comp_id_2   LYS 
_struct_mon_prot_cis.pdbx_label_seq_id_2    99 
_struct_mon_prot_cis.pdbx_label_asym_id_2   A 
_struct_mon_prot_cis.pdbx_PDB_ins_code_2    ? 
_struct_mon_prot_cis.pdbx_auth_comp_id_2    LYS 
_struct_mon_prot_cis.pdbx_auth_seq_id_2     147 
_struct_mon_prot_cis.pdbx_auth_asym_id_2    X 
_struct_mon_prot_cis.pdbx_PDB_model_num     1 
_struct_mon_prot_cis.pdbx_omega_angle       -13.63 
# 
_atom_sites.entry_id                    1ZV4 
_atom_sites.fract_transf_matrix[1][1]   0.00505805 
_atom_sites.fract_transf_matrix[1][2]   -0.00907203 
_atom_sites.fract_transf_matrix[1][3]   -0.00356449 
_atom_sites.fract_transf_matrix[2][1]   0.01012653 
_atom_sites.fract_transf_matrix[2][2]   -0.00238192 
_atom_sites.fract_transf_matrix[2][3]   0.00351599 
_atom_sites.fract_transf_matrix[3][1]   -0.00672432 
_atom_sites.fract_transf_matrix[3][2]   -0.00897076 
_atom_sites.fract_transf_matrix[3][3]   0.01328972 
_atom_sites.fract_transf_vector[1]      0.393823 
_atom_sites.fract_transf_vector[2]      0.157072 
_atom_sites.fract_transf_vector[3]      -0.078918 
# 
loop_
_atom_type.symbol 
C 
N 
O 
S 
# 
loop_
_atom_site.group_PDB 
_atom_site.id 
_atom_site.type_symbol 
_atom_site.label_atom_id 
_atom_site.label_alt_id 
_atom_site.label_comp_id 
_atom_site.label_asym_id 
_atom_site.label_entity_id 
_atom_site.label_seq_id 
_atom_site.pdbx_PDB_ins_code 
_atom_site.Cartn_x 
_atom_site.Cartn_y 
_atom_site.Cartn_z 
_atom_site.occupancy 
_atom_site.B_iso_or_equiv 
_atom_site.pdbx_formal_charge 
_atom_site.auth_seq_id 
_atom_site.auth_comp_id 
_atom_site.auth_asym_id 
_atom_site.auth_atom_id 
_atom_site.pdbx_PDB_model_num 
ATOM   1    N N   . LEU A 1 18  ? -17.406 3.729   -5.475  1.00 73.56 ? 66  LEU X N   1 
ATOM   2    C CA  . LEU A 1 18  ? -17.162 3.432   -6.917  1.00 73.56 ? 66  LEU X CA  1 
ATOM   3    C C   . LEU A 1 18  ? -15.937 2.530   -7.136  1.00 73.59 ? 66  LEU X C   1 
ATOM   4    O O   . LEU A 1 18  ? -15.073 2.829   -7.962  1.00 73.58 ? 66  LEU X O   1 
ATOM   5    C CB  . LEU A 1 18  ? -17.013 4.733   -7.714  1.00 73.56 ? 66  LEU X CB  1 
ATOM   6    N N   . TYR A 1 19  ? -15.862 1.446   -6.363  1.00 73.61 ? 67  TYR X N   1 
ATOM   7    C CA  . TYR A 1 19  ? -15.017 0.291   -6.693  1.00 73.45 ? 67  TYR X CA  1 
ATOM   8    C C   . TYR A 1 19  ? -15.826 -0.670  -7.567  1.00 73.37 ? 67  TYR X C   1 
ATOM   9    O O   . TYR A 1 19  ? -15.265 -1.520  -8.263  1.00 73.44 ? 67  TYR X O   1 
ATOM   10   C CB  . TYR A 1 19  ? -14.555 -0.423  -5.422  1.00 73.54 ? 67  TYR X CB  1 
ATOM   11   N N   . PHE A 1 20  ? -17.152 -0.529  -7.501  1.00 73.17 ? 68  PHE X N   1 
ATOM   12   C CA  . PHE A 1 20  ? -18.106 -1.196  -8.393  1.00 73.07 ? 68  PHE X CA  1 
ATOM   13   C C   . PHE A 1 20  ? -17.592 -1.294  -9.828  1.00 73.37 ? 68  PHE X C   1 
ATOM   14   O O   . PHE A 1 20  ? -17.565 -2.381  -10.402 1.00 73.20 ? 68  PHE X O   1 
ATOM   15   C CB  . PHE A 1 20  ? -19.450 -0.444  -8.326  1.00 72.69 ? 68  PHE X CB  1 
ATOM   16   C CG  . PHE A 1 20  ? -20.398 -0.743  -9.458  1.00 72.15 ? 68  PHE X CG  1 
ATOM   17   C CD1 . PHE A 1 20  ? -21.078 -1.949  -9.518  1.00 71.63 ? 68  PHE X CD1 1 
ATOM   18   C CD2 . PHE A 1 20  ? -20.645 0.208   -10.439 1.00 71.64 ? 68  PHE X CD2 1 
ATOM   19   C CE1 . PHE A 1 20  ? -21.964 -2.212  -10.551 1.00 71.51 ? 68  PHE X CE1 1 
ATOM   20   C CE2 . PHE A 1 20  ? -21.528 -0.048  -11.470 1.00 71.56 ? 68  PHE X CE2 1 
ATOM   21   C CZ  . PHE A 1 20  ? -22.190 -1.259  -11.527 1.00 71.69 ? 68  PHE X CZ  1 
ATOM   22   N N   . GLN A 1 21  ? -17.165 -0.161  -10.384 1.00 73.90 ? 69  GLN X N   1 
ATOM   23   C CA  . GLN A 1 21  ? -16.625 -0.115  -11.750 1.00 74.40 ? 69  GLN X CA  1 
ATOM   24   C C   . GLN A 1 21  ? -15.231 -0.728  -11.878 1.00 74.70 ? 69  GLN X C   1 
ATOM   25   O O   . GLN A 1 21  ? -14.811 -1.068  -12.984 1.00 74.82 ? 69  GLN X O   1 
ATOM   26   C CB  . GLN A 1 21  ? -16.623 1.321   -12.296 1.00 74.46 ? 69  GLN X CB  1 
ATOM   27   C CG  . GLN A 1 21  ? -17.967 1.751   -12.870 1.00 74.57 ? 69  GLN X CG  1 
ATOM   28   C CD  . GLN A 1 21  ? -17.971 3.187   -13.351 1.00 74.60 ? 69  GLN X CD  1 
ATOM   29   O OE1 . GLN A 1 21  ? -18.027 3.453   -14.551 1.00 74.89 ? 69  GLN X OE1 1 
ATOM   30   N NE2 . GLN A 1 21  ? -17.911 4.125   -12.413 1.00 74.87 ? 69  GLN X NE2 1 
ATOM   31   N N   . SER A 1 22  ? -14.521 -0.872  -10.759 1.00 75.19 ? 70  SER X N   1 
ATOM   32   C CA  . SER A 1 22  ? -13.213 -1.546  -10.736 1.00 75.48 ? 70  SER X CA  1 
ATOM   33   C C   . SER A 1 22  ? -13.296 -3.039  -10.386 1.00 75.72 ? 70  SER X C   1 
ATOM   34   O O   . SER A 1 22  ? -12.313 -3.768  -10.549 1.00 76.00 ? 70  SER X O   1 
ATOM   35   C CB  . SER A 1 22  ? -12.285 -0.849  -9.735  1.00 75.52 ? 70  SER X CB  1 
ATOM   36   N N   . MET A 1 23  ? -14.469 -3.485  -9.927  1.00 75.96 ? 71  MET X N   1 
ATOM   37   C CA  . MET A 1 23  ? -14.676 -4.837  -9.381  1.00 76.05 ? 71  MET X CA  1 
ATOM   38   C C   . MET A 1 23  ? -14.105 -5.967  -10.236 1.00 76.21 ? 71  MET X C   1 
ATOM   39   O O   . MET A 1 23  ? -13.191 -6.676  -9.789  1.00 76.56 ? 71  MET X O   1 
ATOM   40   C CB  . MET A 1 23  ? -16.172 -5.085  -9.144  1.00 76.11 ? 71  MET X CB  1 
ATOM   41   N N   . ASN A 1 24  ? -14.640 -6.134  -11.452 1.00 75.97 ? 72  ASN X N   1 
ATOM   42   C CA  . ASN A 1 24  ? -14.206 -7.197  -12.376 1.00 75.67 ? 72  ASN X CA  1 
ATOM   43   C C   . ASN A 1 24  ? -13.337 -6.650  -13.516 1.00 75.12 ? 72  ASN X C   1 
ATOM   44   O O   . ASN A 1 24  ? -13.864 -6.168  -14.524 1.00 75.13 ? 72  ASN X O   1 
ATOM   45   C CB  . ASN A 1 24  ? -15.422 -7.931  -12.957 1.00 75.77 ? 72  ASN X CB  1 
ATOM   46   C CG  . ASN A 1 24  ? -16.165 -8.751  -11.914 1.00 76.44 ? 72  ASN X CG  1 
ATOM   47   O OD1 . ASN A 1 24  ? -16.122 -8.451  -10.716 1.00 77.26 ? 72  ASN X OD1 1 
ATOM   48   N ND2 . ASN A 1 24  ? -16.859 -9.790  -12.369 1.00 77.17 ? 72  ASN X ND2 1 
ATOM   49   N N   . PRO A 1 25  ? -12.003 -6.750  -13.381 1.00 74.34 ? 73  PRO X N   1 
ATOM   50   C CA  . PRO A 1 25  ? -11.130 -6.065  -14.331 1.00 73.94 ? 73  PRO X CA  1 
ATOM   51   C C   . PRO A 1 25  ? -11.089 -6.720  -15.724 1.00 73.72 ? 73  PRO X C   1 
ATOM   52   O O   . PRO A 1 25  ? -11.104 -7.954  -15.851 1.00 73.33 ? 73  PRO X O   1 
ATOM   53   C CB  . PRO A 1 25  ? -9.761  -6.126  -13.649 1.00 73.93 ? 73  PRO X CB  1 
ATOM   54   C CG  . PRO A 1 25  ? -9.821  -7.336  -12.797 1.00 73.98 ? 73  PRO X CG  1 
ATOM   55   C CD  . PRO A 1 25  ? -11.240 -7.514  -12.375 1.00 74.14 ? 73  PRO X CD  1 
ATOM   56   N N   . THR A 1 26  ? -11.035 -5.880  -16.753 1.00 73.34 ? 74  THR X N   1 
ATOM   57   C CA  . THR A 1 26  ? -10.928 -6.342  -18.123 1.00 73.25 ? 74  THR X CA  1 
ATOM   58   C C   . THR A 1 26  ? -9.558  -6.956  -18.335 1.00 73.17 ? 74  THR X C   1 
ATOM   59   O O   . THR A 1 26  ? -8.643  -6.732  -17.540 1.00 73.25 ? 74  THR X O   1 
ATOM   60   C CB  . THR A 1 26  ? -11.079 -5.186  -19.124 1.00 73.20 ? 74  THR X CB  1 
ATOM   61   O OG1 . THR A 1 26  ? -10.140 -4.157  -18.795 1.00 73.08 ? 74  THR X OG1 1 
ATOM   62   C CG2 . THR A 1 26  ? -12.487 -4.617  -19.094 1.00 73.23 ? 74  THR X CG2 1 
ATOM   63   N N   . ALA A 1 27  ? -9.420  -7.722  -19.417 1.00 72.80 ? 75  ALA X N   1 
ATOM   64   C CA  . ALA A 1 27  ? -8.126  -8.277  -19.802 1.00 72.42 ? 75  ALA X CA  1 
ATOM   65   C C   . ALA A 1 27  ? -7.114  -7.172  -20.114 1.00 72.09 ? 75  ALA X C   1 
ATOM   66   O O   . ALA A 1 27  ? -5.938  -7.325  -19.829 1.00 71.78 ? 75  ALA X O   1 
ATOM   67   C CB  . ALA A 1 27  ? -8.281  -9.210  -20.989 1.00 72.21 ? 75  ALA X CB  1 
ATOM   68   N N   . GLU A 1 28  ? -7.576  -6.059  -20.681 1.00 72.16 ? 76  GLU X N   1 
ATOM   69   C CA  . GLU A 1 28  ? -6.668  -4.961  -21.053 1.00 72.46 ? 76  GLU X CA  1 
ATOM   70   C C   . GLU A 1 28  ? -6.109  -4.247  -19.815 1.00 72.82 ? 76  GLU X C   1 
ATOM   71   O O   . GLU A 1 28  ? -4.926  -3.867  -19.785 1.00 72.82 ? 76  GLU X O   1 
ATOM   72   C CB  . GLU A 1 28  ? -7.288  -3.968  -22.069 1.00 72.52 ? 76  GLU X CB  1 
ATOM   73   C CG  . GLU A 1 28  ? -8.814  -3.867  -22.119 1.00 72.39 ? 76  GLU X CG  1 
ATOM   74   C CD  . GLU A 1 28  ? -9.455  -4.886  -23.054 1.00 72.11 ? 76  GLU X CD  1 
ATOM   75   O OE1 . GLU A 1 28  ? -10.156 -5.797  -22.560 1.00 72.08 ? 76  GLU X OE1 1 
ATOM   76   O OE2 . GLU A 1 28  ? -9.260  -4.777  -24.284 1.00 71.84 ? 76  GLU X OE2 1 
ATOM   77   N N   . GLU A 1 29  ? -6.949  -4.087  -18.792 1.00 73.03 ? 77  GLU X N   1 
ATOM   78   C CA  . GLU A 1 29  ? -6.483  -3.638  -17.486 1.00 73.09 ? 77  GLU X CA  1 
ATOM   79   C C   . GLU A 1 29  ? -5.441  -4.590  -16.907 1.00 72.42 ? 77  GLU X C   1 
ATOM   80   O O   . GLU A 1 29  ? -4.345  -4.170  -16.565 1.00 72.16 ? 77  GLU X O   1 
ATOM   81   C CB  . GLU A 1 29  ? -7.648  -3.488  -16.499 1.00 73.48 ? 77  GLU X CB  1 
ATOM   82   C CG  . GLU A 1 29  ? -8.059  -2.060  -16.255 1.00 75.43 ? 77  GLU X CG  1 
ATOM   83   C CD  . GLU A 1 29  ? -6.951  -1.237  -15.623 1.00 78.58 ? 77  GLU X CD  1 
ATOM   84   O OE1 . GLU A 1 29  ? -6.331  -1.707  -14.639 1.00 80.65 ? 77  GLU X OE1 1 
ATOM   85   O OE2 . GLU A 1 29  ? -6.696  -0.116  -16.117 1.00 80.75 ? 77  GLU X OE2 1 
ATOM   86   N N   . VAL A 1 30  ? -5.791  -5.867  -16.802 1.00 72.07 ? 78  VAL X N   1 
ATOM   87   C CA  . VAL A 1 30  ? -4.888  -6.881  -16.245 1.00 72.13 ? 78  VAL X CA  1 
ATOM   88   C C   . VAL A 1 30  ? -3.570  -6.991  -17.026 1.00 72.38 ? 78  VAL X C   1 
ATOM   89   O O   . VAL A 1 30  ? -2.512  -7.206  -16.434 1.00 73.02 ? 78  VAL X O   1 
ATOM   90   C CB  . VAL A 1 30  ? -5.558  -8.279  -16.203 1.00 71.97 ? 78  VAL X CB  1 
ATOM   91   C CG1 . VAL A 1 30  ? -4.562  -9.363  -15.784 1.00 71.29 ? 78  VAL X CG1 1 
ATOM   92   C CG2 . VAL A 1 30  ? -6.748  -8.259  -15.266 1.00 72.03 ? 78  VAL X CG2 1 
ATOM   93   N N   . LEU A 1 31  ? -3.633  -6.837  -18.346 1.00 72.31 ? 79  LEU X N   1 
ATOM   94   C CA  . LEU A 1 31  ? -2.441  -6.909  -19.183 1.00 72.29 ? 79  LEU X CA  1 
ATOM   95   C C   . LEU A 1 31  ? -1.347  -5.900  -18.782 1.00 72.58 ? 79  LEU X C   1 
ATOM   96   O O   . LEU A 1 31  ? -0.162  -6.200  -18.887 1.00 72.65 ? 79  LEU X O   1 
ATOM   97   C CB  . LEU A 1 31  ? -2.833  -6.715  -20.653 1.00 72.35 ? 79  LEU X CB  1 
ATOM   98   C CG  . LEU A 1 31  ? -1.801  -6.983  -21.750 1.00 71.88 ? 79  LEU X CG  1 
ATOM   99   C CD1 . LEU A 1 31  ? -1.235  -8.391  -21.663 1.00 71.58 ? 79  LEU X CD1 1 
ATOM   100  C CD2 . LEU A 1 31  ? -2.449  -6.755  -23.086 1.00 71.94 ? 79  LEU X CD2 1 
ATOM   101  N N   . SER A 1 32  ? -1.740  -4.723  -18.299 1.00 73.11 ? 80  SER X N   1 
ATOM   102  C CA  . SER A 1 32  ? -0.782  -3.634  -18.031 1.00 73.23 ? 80  SER X CA  1 
ATOM   103  C C   . SER A 1 32  ? 0.039   -3.799  -16.741 1.00 73.33 ? 80  SER X C   1 
ATOM   104  O O   . SER A 1 32  ? 1.093   -3.167  -16.594 1.00 72.63 ? 80  SER X O   1 
ATOM   105  C CB  . SER A 1 32  ? -1.512  -2.295  -18.007 1.00 73.12 ? 80  SER X CB  1 
ATOM   106  O OG  . SER A 1 32  ? -2.485  -2.297  -16.983 1.00 74.22 ? 80  SER X OG  1 
ATOM   107  N N   . TRP A 1 33  ? -0.424  -4.673  -15.844 1.00 73.70 ? 81  TRP X N   1 
ATOM   108  C CA  . TRP A 1 33  ? 0.139   -4.804  -14.496 1.00 74.01 ? 81  TRP X CA  1 
ATOM   109  C C   . TRP A 1 33  ? 1.562   -5.377  -14.379 1.00 74.48 ? 81  TRP X C   1 
ATOM   110  O O   . TRP A 1 33  ? 2.384   -4.825  -13.628 1.00 74.58 ? 81  TRP X O   1 
ATOM   111  C CB  . TRP A 1 33  ? -0.797  -5.622  -13.595 1.00 73.91 ? 81  TRP X CB  1 
ATOM   112  C CG  . TRP A 1 33  ? -2.163  -5.013  -13.375 1.00 73.54 ? 81  TRP X CG  1 
ATOM   113  C CD1 . TRP A 1 33  ? -2.569  -3.739  -13.678 1.00 73.18 ? 81  TRP X CD1 1 
ATOM   114  C CD2 . TRP A 1 33  ? -3.292  -5.662  -12.790 1.00 73.56 ? 81  TRP X CD2 1 
ATOM   115  N NE1 . TRP A 1 33  ? -3.888  -3.567  -13.337 1.00 73.00 ? 81  TRP X NE1 1 
ATOM   116  C CE2 . TRP A 1 33  ? -4.355  -4.730  -12.783 1.00 73.20 ? 81  TRP X CE2 1 
ATOM   117  C CE3 . TRP A 1 33  ? -3.515  -6.947  -12.277 1.00 73.36 ? 81  TRP X CE3 1 
ATOM   118  C CZ2 . TRP A 1 33  ? -5.620  -5.042  -12.277 1.00 73.21 ? 81  TRP X CZ2 1 
ATOM   119  C CZ3 . TRP A 1 33  ? -4.776  -7.256  -11.772 1.00 73.40 ? 81  TRP X CZ3 1 
ATOM   120  C CH2 . TRP A 1 33  ? -5.809  -6.306  -11.779 1.00 73.31 ? 81  TRP X CH2 1 
ATOM   121  N N   . SER A 1 34  ? 1.873   -6.465  -15.082 1.00 74.93 ? 82  SER X N   1 
ATOM   122  C CA  . SER A 1 34  ? 3.188   -7.099  -14.896 1.00 75.46 ? 82  SER X CA  1 
ATOM   123  C C   . SER A 1 34  ? 4.332   -6.128  -15.233 1.00 75.48 ? 82  SER X C   1 
ATOM   124  O O   . SER A 1 34  ? 5.308   -6.012  -14.471 1.00 75.62 ? 82  SER X O   1 
ATOM   125  C CB  . SER A 1 34  ? 3.306   -8.424  -15.648 1.00 75.29 ? 82  SER X CB  1 
ATOM   126  O OG  . SER A 1 34  ? 3.540   -8.243  -17.026 1.00 78.05 ? 82  SER X OG  1 
ATOM   127  N N   . GLN A 1 35  ? 4.176   -5.378  -16.322 1.00 75.14 ? 83  GLN X N   1 
ATOM   128  C CA  . GLN A 1 35  ? 5.164   -4.358  -16.684 1.00 74.92 ? 83  GLN X CA  1 
ATOM   129  C C   . GLN A 1 35  ? 5.030   -3.022  -15.905 1.00 74.67 ? 83  GLN X C   1 
ATOM   130  O O   . GLN A 1 35  ? 5.831   -2.113  -16.116 1.00 74.43 ? 83  GLN X O   1 
ATOM   131  C CB  . GLN A 1 35  ? 5.128   -4.110  -18.199 1.00 75.17 ? 83  GLN X CB  1 
ATOM   132  N N   . ASN A 1 36  ? 4.049   -2.910  -15.000 1.00 74.14 ? 84  ASN X N   1 
ATOM   133  C CA  . ASN A 1 36  ? 3.748   -1.645  -14.324 1.00 73.57 ? 84  ASN X CA  1 
ATOM   134  C C   . ASN A 1 36  ? 3.178   -1.839  -12.889 1.00 73.57 ? 84  ASN X C   1 
ATOM   135  O O   . ASN A 1 36  ? 1.951   -1.828  -12.683 1.00 73.77 ? 84  ASN X O   1 
ATOM   136  C CB  . ASN A 1 36  ? 2.757   -0.815  -15.157 1.00 73.25 ? 84  ASN X CB  1 
ATOM   137  C CG  . ASN A 1 36  ? 3.243   -0.529  -16.600 1.00 73.94 ? 84  ASN X CG  1 
ATOM   138  O OD1 . ASN A 1 36  ? 4.005   0.412   -16.841 1.00 73.59 ? 84  ASN X OD1 1 
ATOM   139  N ND2 . ASN A 1 36  ? 2.760   -1.329  -17.564 1.00 71.36 ? 84  ASN X ND2 1 
ATOM   140  N N   . PHE A 1 37  ? 4.068   -2.003  -11.907 1.00 72.99 ? 85  PHE X N   1 
ATOM   141  C CA  . PHE A 1 37  ? 3.672   -2.132  -10.493 1.00 72.66 ? 85  PHE X CA  1 
ATOM   142  C C   . PHE A 1 37  ? 2.787   -0.970  -10.031 1.00 72.65 ? 85  PHE X C   1 
ATOM   143  O O   . PHE A 1 37  ? 1.812   -1.175  -9.298  1.00 71.81 ? 85  PHE X O   1 
ATOM   144  C CB  . PHE A 1 37  ? 4.914   -2.209  -9.602  1.00 72.47 ? 85  PHE X CB  1 
ATOM   145  C CG  . PHE A 1 37  ? 4.618   -2.470  -8.147  1.00 72.20 ? 85  PHE X CG  1 
ATOM   146  C CD1 . PHE A 1 37  ? 3.865   -3.563  -7.760  1.00 71.60 ? 85  PHE X CD1 1 
ATOM   147  C CD2 . PHE A 1 37  ? 5.114   -1.624  -7.161  1.00 72.87 ? 85  PHE X CD2 1 
ATOM   148  C CE1 . PHE A 1 37  ? 3.594   -3.810  -6.427  1.00 72.01 ? 85  PHE X CE1 1 
ATOM   149  C CE2 . PHE A 1 37  ? 4.848   -1.868  -5.811  1.00 72.87 ? 85  PHE X CE2 1 
ATOM   150  C CZ  . PHE A 1 37  ? 4.090   -2.966  -5.450  1.00 72.61 ? 85  PHE X CZ  1 
ATOM   151  N N   . ASP A 1 38  ? 3.151   0.237   -10.465 1.00 72.89 ? 86  ASP X N   1 
ATOM   152  C CA  . ASP A 1 38  ? 2.392   1.461   -10.187 1.00 73.42 ? 86  ASP X CA  1 
ATOM   153  C C   . ASP A 1 38  ? 0.963   1.415   -10.731 1.00 73.56 ? 86  ASP X C   1 
ATOM   154  O O   . ASP A 1 38  ? 0.042   1.811   -10.047 1.00 73.57 ? 86  ASP X O   1 
ATOM   155  C CB  . ASP A 1 38  ? 3.127   2.719   -10.709 1.00 73.58 ? 86  ASP X CB  1 
ATOM   156  C CG  . ASP A 1 38  ? 3.378   2.693   -12.203 1.00 74.10 ? 86  ASP X CG  1 
ATOM   157  O OD1 . ASP A 1 38  ? 3.037   3.677   -12.892 1.00 77.80 ? 86  ASP X OD1 1 
ATOM   158  O OD2 . ASP A 1 38  ? 3.920   1.694   -12.703 1.00 76.45 ? 86  ASP X OD2 1 
ATOM   159  N N   . LYS A 1 39  ? 0.781   0.916   -11.950 1.00 74.48 ? 87  LYS X N   1 
ATOM   160  C CA  . LYS A 1 39  ? -0.567  0.702   -12.493 1.00 74.75 ? 87  LYS X CA  1 
ATOM   161  C C   . LYS A 1 39  ? -1.363  -0.296  -11.659 1.00 74.62 ? 87  LYS X C   1 
ATOM   162  O O   . LYS A 1 39  ? -2.543  -0.085  -11.397 1.00 74.59 ? 87  LYS X O   1 
ATOM   163  C CB  . LYS A 1 39  ? -0.498  0.221   -13.932 1.00 74.77 ? 87  LYS X CB  1 
ATOM   164  C CG  . LYS A 1 39  ? 0.007   1.279   -14.892 1.00 75.92 ? 87  LYS X CG  1 
ATOM   165  C CD  . LYS A 1 39  ? -0.182  0.836   -16.319 1.00 77.16 ? 87  LYS X CD  1 
ATOM   166  C CE  . LYS A 1 39  ? 0.434   1.812   -17.307 1.00 78.70 ? 87  LYS X CE  1 
ATOM   167  N N   . MET A 1 40  ? -0.719  -1.380  -11.247 1.00 74.62 ? 88  MET X N   1 
ATOM   168  C CA  . MET A 1 40  ? -1.395  -2.392  -10.441 1.00 75.19 ? 88  MET X CA  1 
ATOM   169  C C   . MET A 1 40  ? -1.789  -1.866  -9.062  1.00 74.69 ? 88  MET X C   1 
ATOM   170  O O   . MET A 1 40  ? -2.890  -2.119  -8.583  1.00 73.72 ? 88  MET X O   1 
ATOM   171  C CB  . MET A 1 40  ? -0.519  -3.625  -10.262 1.00 74.67 ? 88  MET X CB  1 
ATOM   172  C CG  . MET A 1 40  ? -1.281  -4.775  -9.621  1.00 75.32 ? 88  MET X CG  1 
ATOM   173  S SD  . MET A 1 40  ? -0.248  -6.208  -9.339  1.00 78.30 ? 88  MET X SD  1 
ATOM   174  C CE  . MET A 1 40  ? 0.728   -5.573  -7.959  1.00 78.13 ? 88  MET X CE  1 
ATOM   175  N N   . MET A 1 41  ? -0.853  -1.167  -8.427  1.00 75.29 ? 89  MET X N   1 
ATOM   176  C CA  . MET A 1 41  ? -1.066  -0.558  -7.116  1.00 75.71 ? 89  MET X CA  1 
ATOM   177  C C   . MET A 1 41  ? -2.158  0.497   -7.110  1.00 75.70 ? 89  MET X C   1 
ATOM   178  O O   . MET A 1 41  ? -2.654  0.833   -6.054  1.00 76.47 ? 89  MET X O   1 
ATOM   179  C CB  . MET A 1 41  ? 0.242   0.045   -6.587  1.00 75.63 ? 89  MET X CB  1 
ATOM   180  C CG  . MET A 1 41  ? 1.242   -1.004  -6.137  1.00 76.47 ? 89  MET X CG  1 
ATOM   181  S SD  . MET A 1 41  ? 0.657   -2.002  -4.744  1.00 77.59 ? 89  MET X SD  1 
ATOM   182  C CE  . MET A 1 41  ? 0.992   -0.901  -3.377  1.00 79.65 ? 89  MET X CE  1 
ATOM   183  N N   . LYS A 1 42  ? -2.522  1.010   -8.277  1.00 76.12 ? 90  LYS X N   1 
ATOM   184  C CA  . LYS A 1 42  ? -3.590  2.008   -8.422  1.00 76.45 ? 90  LYS X CA  1 
ATOM   185  C C   . LYS A 1 42  ? -4.960  1.408   -8.732  1.00 76.15 ? 90  LYS X C   1 
ATOM   186  O O   . LYS A 1 42  ? -5.961  2.114   -8.689  1.00 76.09 ? 90  LYS X O   1 
ATOM   187  C CB  . LYS A 1 42  ? -3.240  2.988   -9.545  1.00 76.79 ? 90  LYS X CB  1 
ATOM   188  C CG  . LYS A 1 42  ? -2.254  4.081   -9.135  1.00 78.45 ? 90  LYS X CG  1 
ATOM   189  C CD  . LYS A 1 42  ? -2.155  5.132   -10.250 1.00 80.28 ? 90  LYS X CD  1 
ATOM   190  N N   . ALA A 1 43  ? -4.999  0.124   -9.076  1.00 75.80 ? 91  ALA X N   1 
ATOM   191  C CA  . ALA A 1 43  ? -6.245  -0.564  -9.404  1.00 75.69 ? 91  ALA X CA  1 
ATOM   192  C C   . ALA A 1 43  ? -6.713  -1.339  -8.172  1.00 75.92 ? 91  ALA X C   1 
ATOM   193  O O   . ALA A 1 43  ? -5.975  -2.166  -7.657  1.00 76.18 ? 91  ALA X O   1 
ATOM   194  C CB  . ALA A 1 43  ? -6.034  -1.506  -10.579 1.00 75.46 ? 91  ALA X CB  1 
ATOM   195  N N   . PRO A 1 44  ? -7.922  -1.041  -7.663  1.00 76.37 ? 92  PRO X N   1 
ATOM   196  C CA  . PRO A 1 44  ? -8.465  -1.810  -6.529  1.00 76.48 ? 92  PRO X CA  1 
ATOM   197  C C   . PRO A 1 44  ? -8.328  -3.340  -6.669  1.00 76.39 ? 92  PRO X C   1 
ATOM   198  O O   . PRO A 1 44  ? -7.931  -4.006  -5.715  1.00 76.48 ? 92  PRO X O   1 
ATOM   199  C CB  . PRO A 1 44  ? -9.940  -1.401  -6.514  1.00 76.45 ? 92  PRO X CB  1 
ATOM   200  C CG  . PRO A 1 44  ? -9.935  -0.009  -7.065  1.00 76.58 ? 92  PRO X CG  1 
ATOM   201  C CD  . PRO A 1 44  ? -8.834  0.045   -8.079  1.00 76.18 ? 92  PRO X CD  1 
ATOM   202  N N   . ALA A 1 45  ? -8.657  -3.878  -7.842  1.00 76.27 ? 93  ALA X N   1 
ATOM   203  C CA  . ALA A 1 45  ? -8.516  -5.313  -8.109  1.00 76.27 ? 93  ALA X CA  1 
ATOM   204  C C   . ALA A 1 45  ? -7.045  -5.766  -8.164  1.00 76.10 ? 93  ALA X C   1 
ATOM   205  O O   . ALA A 1 45  ? -6.731  -6.908  -7.829  1.00 76.33 ? 93  ALA X O   1 
ATOM   206  C CB  . ALA A 1 45  ? -9.234  -5.688  -9.406  1.00 76.15 ? 93  ALA X CB  1 
ATOM   207  N N   . GLY A 1 46  ? -6.154  -4.879  -8.600  1.00 75.61 ? 94  GLY X N   1 
ATOM   208  C CA  . GLY A 1 46  ? -4.727  -5.155  -8.578  1.00 75.42 ? 94  GLY X CA  1 
ATOM   209  C C   . GLY A 1 46  ? -4.199  -5.291  -7.163  1.00 75.29 ? 94  GLY X C   1 
ATOM   210  O O   . GLY A 1 46  ? -3.541  -6.283  -6.827  1.00 75.46 ? 94  GLY X O   1 
ATOM   211  N N   . ARG A 1 47  ? -4.488  -4.287  -6.338  1.00 74.88 ? 95  ARG X N   1 
ATOM   212  C CA  . ARG A 1 47  ? -4.089  -4.287  -4.932  1.00 74.56 ? 95  ARG X CA  1 
ATOM   213  C C   . ARG A 1 47  ? -4.665  -5.469  -4.156  1.00 73.61 ? 95  ARG X C   1 
ATOM   214  O O   . ARG A 1 47  ? -3.987  -6.027  -3.303  1.00 73.29 ? 95  ARG X O   1 
ATOM   215  C CB  . ARG A 1 47  ? -4.546  -3.000  -4.243  1.00 74.94 ? 95  ARG X CB  1 
ATOM   216  C CG  . ARG A 1 47  ? -3.853  -1.734  -4.714  1.00 76.00 ? 95  ARG X CG  1 
ATOM   217  C CD  . ARG A 1 47  ? -4.219  -0.581  -3.803  1.00 77.45 ? 95  ARG X CD  1 
ATOM   218  N NE  . ARG A 1 47  ? -5.654  -0.278  -3.829  1.00 77.42 ? 95  ARG X NE  1 
ATOM   219  C CZ  . ARG A 1 47  ? -6.210  0.800   -4.381  1.00 77.76 ? 95  ARG X CZ  1 
ATOM   220  N NH1 . ARG A 1 47  ? -5.478  1.723   -4.999  1.00 78.20 ? 95  ARG X NH1 1 
ATOM   221  N NH2 . ARG A 1 47  ? -7.525  0.959   -4.314  1.00 78.86 ? 95  ARG X NH2 1 
ATOM   222  N N   . ASN A 1 48  ? -5.918  -5.814  -4.438  1.00 72.64 ? 96  ASN X N   1 
ATOM   223  C CA  . ASN A 1 48  ? -6.607  -6.908  -3.753  1.00 72.15 ? 96  ASN X CA  1 
ATOM   224  C C   . ASN A 1 48  ? -5.989  -8.270  -4.047  1.00 71.86 ? 96  ASN X C   1 
ATOM   225  O O   . ASN A 1 48  ? -5.923  -9.133  -3.175  1.00 71.58 ? 96  ASN X O   1 
ATOM   226  C CB  . ASN A 1 48  ? -8.101  -6.922  -4.126  1.00 71.99 ? 96  ASN X CB  1 
ATOM   227  C CG  . ASN A 1 48  ? -8.909  -5.812  -3.423  1.00 71.59 ? 96  ASN X CG  1 
ATOM   228  O OD1 . ASN A 1 48  ? -10.118 -5.693  -3.631  1.00 71.94 ? 96  ASN X OD1 1 
ATOM   229  N ND2 . ASN A 1 48  ? -8.253  -5.020  -2.596  1.00 67.68 ? 96  ASN X ND2 1 
ATOM   230  N N   . LEU A 1 49  ? -5.543  -8.452  -5.283  1.00 71.64 ? 97  LEU X N   1 
ATOM   231  C CA  . LEU A 1 49  ? -4.864  -9.674  -5.688  1.00 71.72 ? 97  LEU X CA  1 
ATOM   232  C C   . LEU A 1 49  ? -3.493  -9.764  -5.009  1.00 71.44 ? 97  LEU X C   1 
ATOM   233  O O   . LEU A 1 49  ? -3.114  -10.791 -4.440  1.00 71.20 ? 97  LEU X O   1 
ATOM   234  C CB  . LEU A 1 49  ? -4.694  -9.683  -7.210  1.00 71.70 ? 97  LEU X CB  1 
ATOM   235  C CG  . LEU A 1 49  ? -4.270  -10.989 -7.861  1.00 71.80 ? 97  LEU X CG  1 
ATOM   236  C CD1 . LEU A 1 49  ? -5.313  -12.070 -7.610  1.00 72.29 ? 97  LEU X CD1 1 
ATOM   237  C CD2 . LEU A 1 49  ? -4.060  -10.761 -9.350  1.00 72.17 ? 97  LEU X CD2 1 
ATOM   238  N N   . PHE A 1 50  ? -2.762  -8.661  -5.079  1.00 71.11 ? 98  PHE X N   1 
ATOM   239  C CA  . PHE A 1 50  ? -1.450  -8.558  -4.475  1.00 71.18 ? 98  PHE X CA  1 
ATOM   240  C C   . PHE A 1 50  ? -1.534  -8.724  -2.955  1.00 71.57 ? 98  PHE X C   1 
ATOM   241  O O   . PHE A 1 50  ? -0.642  -9.306  -2.344  1.00 71.40 ? 98  PHE X O   1 
ATOM   242  C CB  . PHE A 1 50  ? -0.829  -7.215  -4.871  1.00 70.89 ? 98  PHE X CB  1 
ATOM   243  C CG  . PHE A 1 50  ? 0.591   -7.049  -4.451  1.00 70.29 ? 98  PHE X CG  1 
ATOM   244  C CD1 . PHE A 1 50  ? 1.541   -7.993  -4.786  1.00 70.56 ? 98  PHE X CD1 1 
ATOM   245  C CD2 . PHE A 1 50  ? 0.992   -5.919  -3.758  1.00 70.92 ? 98  PHE X CD2 1 
ATOM   246  C CE1 . PHE A 1 50  ? 2.864   -7.840  -4.407  1.00 71.00 ? 98  PHE X CE1 1 
ATOM   247  C CE2 . PHE A 1 50  ? 2.304   -5.751  -3.381  1.00 71.69 ? 98  PHE X CE2 1 
ATOM   248  C CZ  . PHE A 1 50  ? 3.248   -6.722  -3.699  1.00 71.06 ? 98  PHE X CZ  1 
ATOM   249  N N   . ARG A 1 51  ? -2.628  -8.239  -2.367  1.00 72.04 ? 99  ARG X N   1 
ATOM   250  C CA  . ARG A 1 51  ? -2.866  -8.315  -0.928  1.00 72.54 ? 99  ARG X CA  1 
ATOM   251  C C   . ARG A 1 51  ? -3.122  -9.746  -0.452  1.00 72.84 ? 99  ARG X C   1 
ATOM   252  O O   . ARG A 1 51  ? -2.770  -10.089 0.669   1.00 73.08 ? 99  ARG X O   1 
ATOM   253  C CB  . ARG A 1 51  ? -4.048  -7.416  -0.552  1.00 72.70 ? 99  ARG X CB  1 
ATOM   254  C CG  . ARG A 1 51  ? -4.310  -7.296  0.928   1.00 73.56 ? 99  ARG X CG  1 
ATOM   255  C CD  . ARG A 1 51  ? -5.445  -6.328  1.208   1.00 74.27 ? 99  ARG X CD  1 
ATOM   256  N NE  . ARG A 1 51  ? -6.052  -6.575  2.513   1.00 74.61 ? 99  ARG X NE  1 
ATOM   257  C CZ  . ARG A 1 51  ? -6.961  -5.787  3.089   1.00 75.04 ? 99  ARG X CZ  1 
ATOM   258  N NH1 . ARG A 1 51  ? -7.396  -4.685  2.484   1.00 75.46 ? 99  ARG X NH1 1 
ATOM   259  N NH2 . ARG A 1 51  ? -7.446  -6.117  4.280   1.00 74.61 ? 99  ARG X NH2 1 
ATOM   260  N N   . GLU A 1 52  ? -3.747  -10.573 -1.293  1.00 73.15 ? 100 GLU X N   1 
ATOM   261  C CA  . GLU A 1 52  ? -3.881  -12.003 -1.013  1.00 73.28 ? 100 GLU X CA  1 
ATOM   262  C C   . GLU A 1 52  ? -2.509  -12.685 -0.961  1.00 73.16 ? 100 GLU X C   1 
ATOM   263  O O   . GLU A 1 52  ? -2.207  -13.424 -0.021  1.00 73.34 ? 100 GLU X O   1 
ATOM   264  C CB  . GLU A 1 52  ? -4.757  -12.693 -2.071  1.00 73.47 ? 100 GLU X CB  1 
ATOM   265  N N   . PHE A 1 53  ? -1.693  -12.431 -1.978  1.00 72.94 ? 101 PHE X N   1 
ATOM   266  C CA  . PHE A 1 53  ? -0.335  -12.956 -2.027  1.00 73.15 ? 101 PHE X CA  1 
ATOM   267  C C   . PHE A 1 53  ? 0.527   -12.522 -0.838  1.00 73.55 ? 101 PHE X C   1 
ATOM   268  O O   . PHE A 1 53  ? 1.294   -13.329 -0.311  1.00 73.81 ? 101 PHE X O   1 
ATOM   269  C CB  . PHE A 1 53  ? 0.361   -12.553 -3.331  1.00 72.89 ? 101 PHE X CB  1 
ATOM   270  C CG  . PHE A 1 53  ? 1.812   -12.938 -3.374  1.00 72.79 ? 101 PHE X CG  1 
ATOM   271  C CD1 . PHE A 1 53  ? 2.180   -14.267 -3.530  1.00 72.78 ? 101 PHE X CD1 1 
ATOM   272  C CD2 . PHE A 1 53  ? 2.807   -11.983 -3.208  1.00 72.40 ? 101 PHE X CD2 1 
ATOM   273  C CE1 . PHE A 1 53  ? 3.515   -14.636 -3.548  1.00 72.85 ? 101 PHE X CE1 1 
ATOM   274  C CE2 . PHE A 1 53  ? 4.141   -12.341 -3.226  1.00 71.95 ? 101 PHE X CE2 1 
ATOM   275  C CZ  . PHE A 1 53  ? 4.496   -13.671 -3.401  1.00 72.87 ? 101 PHE X CZ  1 
ATOM   276  N N   . LEU A 1 54  ? 0.416   -11.255 -0.429  1.00 73.92 ? 102 LEU X N   1 
ATOM   277  C CA  . LEU A 1 54  ? 1.175   -10.750 0.713   1.00 74.00 ? 102 LEU X CA  1 
ATOM   278  C C   . LEU A 1 54  ? 0.740   -11.453 1.999   1.00 74.20 ? 102 LEU X C   1 
ATOM   279  O O   . LEU A 1 54  ? 1.561   -11.685 2.877   1.00 74.09 ? 102 LEU X O   1 
ATOM   280  C CB  . LEU A 1 54  ? 1.014   -9.236  0.869   1.00 73.94 ? 102 LEU X CB  1 
ATOM   281  C CG  . LEU A 1 54  ? 1.538   -8.306  -0.234  1.00 74.29 ? 102 LEU X CG  1 
ATOM   282  C CD1 . LEU A 1 54  ? 1.315   -6.873  0.192   1.00 74.13 ? 102 LEU X CD1 1 
ATOM   283  C CD2 . LEU A 1 54  ? 3.005   -8.538  -0.572  1.00 74.21 ? 102 LEU X CD2 1 
ATOM   284  N N   . ARG A 1 55  ? -0.542  -11.792 2.106   1.00 74.58 ? 103 ARG X N   1 
ATOM   285  C CA  . ARG A 1 55  ? -1.049  -12.526 3.275   1.00 75.24 ? 103 ARG X CA  1 
ATOM   286  C C   . ARG A 1 55  ? -0.320  -13.858 3.473   1.00 75.12 ? 103 ARG X C   1 
ATOM   287  O O   . ARG A 1 55  ? -0.037  -14.246 4.604   1.00 75.14 ? 103 ARG X O   1 
ATOM   288  C CB  . ARG A 1 55  ? -2.567  -12.760 3.177   1.00 75.28 ? 103 ARG X CB  1 
ATOM   289  C CG  . ARG A 1 55  ? -3.435  -11.558 3.575   1.00 75.91 ? 103 ARG X CG  1 
ATOM   290  C CD  . ARG A 1 55  ? -4.938  -11.867 3.440   1.00 76.32 ? 103 ARG X CD  1 
ATOM   291  N NE  . ARG A 1 55  ? -5.744  -11.109 4.401   1.00 77.91 ? 103 ARG X NE  1 
ATOM   292  C CZ  . ARG A 1 55  ? -7.038  -11.317 4.660   1.00 78.80 ? 103 ARG X CZ  1 
ATOM   293  N NH1 . ARG A 1 55  ? -7.725  -12.274 4.037   1.00 79.45 ? 103 ARG X NH1 1 
ATOM   294  N NH2 . ARG A 1 55  ? -7.656  -10.556 5.564   1.00 78.84 ? 103 ARG X NH2 1 
ATOM   295  N N   . THR A 1 56  ? 0.003   -14.536 2.368   1.00 75.27 ? 104 THR X N   1 
ATOM   296  C CA  . THR A 1 56  ? 0.705   -15.824 2.415   1.00 75.35 ? 104 THR X CA  1 
ATOM   297  C C   . THR A 1 56  ? 2.167   -15.692 2.865   1.00 75.57 ? 104 THR X C   1 
ATOM   298  O O   . THR A 1 56  ? 2.746   -16.647 3.378   1.00 75.86 ? 104 THR X O   1 
ATOM   299  C CB  . THR A 1 56  ? 0.671   -16.539 1.050   1.00 75.24 ? 104 THR X CB  1 
ATOM   300  O OG1 . THR A 1 56  ? 1.408   -15.776 0.090   1.00 75.42 ? 104 THR X OG1 1 
ATOM   301  C CG2 . THR A 1 56  ? -0.762  -16.710 0.562   1.00 75.18 ? 104 THR X CG2 1 
ATOM   302  N N   . GLU A 1 57  ? 2.754   -14.515 2.659   1.00 75.84 ? 105 GLU X N   1 
ATOM   303  C CA  . GLU A 1 57  ? 4.103   -14.196 3.145   1.00 75.96 ? 105 GLU X CA  1 
ATOM   304  C C   . GLU A 1 57  ? 4.091   -13.375 4.439   1.00 75.72 ? 105 GLU X C   1 
ATOM   305  O O   . GLU A 1 57  ? 5.135   -12.897 4.887   1.00 75.55 ? 105 GLU X O   1 
ATOM   306  C CB  . GLU A 1 57  ? 4.860   -13.408 2.077   1.00 76.05 ? 105 GLU X CB  1 
ATOM   307  C CG  . GLU A 1 57  ? 5.022   -14.156 0.785   1.00 77.04 ? 105 GLU X CG  1 
ATOM   308  C CD  . GLU A 1 57  ? 5.907   -13.427 -0.199  1.00 78.27 ? 105 GLU X CD  1 
ATOM   309  O OE1 . GLU A 1 57  ? 6.161   -12.224 0.008   1.00 78.15 ? 105 GLU X OE1 1 
ATOM   310  O OE2 . GLU A 1 57  ? 6.343   -14.067 -1.180  1.00 79.67 ? 105 GLU X OE2 1 
ATOM   311  N N   . TYR A 1 58  ? 2.902   -13.187 5.011   1.00 75.63 ? 106 TYR X N   1 
ATOM   312  C CA  . TYR A 1 58  ? 2.723   -12.457 6.269   1.00 75.65 ? 106 TYR X CA  1 
ATOM   313  C C   . TYR A 1 58  ? 3.277   -11.029 6.241   1.00 75.52 ? 106 TYR X C   1 
ATOM   314  O O   . TYR A 1 58  ? 3.699   -10.498 7.268   1.00 75.57 ? 106 TYR X O   1 
ATOM   315  C CB  . TYR A 1 58  ? 3.325   -13.266 7.426   1.00 75.89 ? 106 TYR X CB  1 
ATOM   316  C CG  . TYR A 1 58  ? 2.809   -14.682 7.473   1.00 75.72 ? 106 TYR X CG  1 
ATOM   317  C CD1 . TYR A 1 58  ? 3.470   -15.708 6.807   1.00 76.20 ? 106 TYR X CD1 1 
ATOM   318  C CD2 . TYR A 1 58  ? 1.648   -14.991 8.168   1.00 76.27 ? 106 TYR X CD2 1 
ATOM   319  C CE1 . TYR A 1 58  ? 2.994   -17.014 6.843   1.00 76.23 ? 106 TYR X CE1 1 
ATOM   320  C CE2 . TYR A 1 58  ? 1.164   -16.293 8.216   1.00 76.42 ? 106 TYR X CE2 1 
ATOM   321  C CZ  . TYR A 1 58  ? 1.840   -17.296 7.547   1.00 76.13 ? 106 TYR X CZ  1 
ATOM   322  O OH  . TYR A 1 58  ? 1.360   -18.581 7.591   1.00 76.78 ? 106 TYR X OH  1 
ATOM   323  N N   . SER A 1 59  ? 3.239   -10.409 5.059   1.00 75.37 ? 107 SER X N   1 
ATOM   324  C CA  . SER A 1 59  ? 3.731   -9.047  4.854   1.00 75.07 ? 107 SER X CA  1 
ATOM   325  C C   . SER A 1 59  ? 2.609   -8.095  4.416   1.00 75.02 ? 107 SER X C   1 
ATOM   326  O O   . SER A 1 59  ? 2.884   -7.023  3.894   1.00 74.63 ? 107 SER X O   1 
ATOM   327  C CB  . SER A 1 59  ? 4.831   -9.052  3.797   1.00 74.90 ? 107 SER X CB  1 
ATOM   328  O OG  . SER A 1 59  ? 4.284   -9.364  2.527   1.00 75.16 ? 107 SER X OG  1 
ATOM   329  N N   . GLU A 1 60  ? 1.354   -8.481  4.655   1.00 75.25 ? 108 GLU X N   1 
ATOM   330  C CA  . GLU A 1 60  ? 0.186   -7.680  4.256   1.00 75.48 ? 108 GLU X CA  1 
ATOM   331  C C   . GLU A 1 60  ? 0.280   -6.251  4.775   1.00 75.20 ? 108 GLU X C   1 
ATOM   332  O O   . GLU A 1 60  ? -0.054  -5.311  4.054   1.00 75.12 ? 108 GLU X O   1 
ATOM   333  C CB  . GLU A 1 60  ? -1.103  -8.332  4.776   1.00 75.57 ? 108 GLU X CB  1 
ATOM   334  C CG  . GLU A 1 60  ? -2.419  -7.691  4.312   1.00 76.18 ? 108 GLU X CG  1 
ATOM   335  C CD  . GLU A 1 60  ? -3.660  -8.275  5.021   1.00 76.67 ? 108 GLU X CD  1 
ATOM   336  O OE1 . GLU A 1 60  ? -3.542  -8.816  6.146   1.00 78.26 ? 108 GLU X OE1 1 
ATOM   337  O OE2 . GLU A 1 60  ? -4.767  -8.191  4.449   1.00 78.36 ? 108 GLU X OE2 1 
ATOM   338  N N   . GLU A 1 61  ? 0.753   -6.101  6.015   1.00 74.92 ? 109 GLU X N   1 
ATOM   339  C CA  . GLU A 1 61  ? 0.828   -4.798  6.685   1.00 75.00 ? 109 GLU X CA  1 
ATOM   340  C C   . GLU A 1 61  ? 1.538   -3.715  5.861   1.00 74.19 ? 109 GLU X C   1 
ATOM   341  O O   . GLU A 1 61  ? 1.152   -2.547  5.920   1.00 74.26 ? 109 GLU X O   1 
ATOM   342  C CB  . GLU A 1 61  ? 1.440   -4.928  8.105   1.00 75.55 ? 109 GLU X CB  1 
ATOM   343  C CG  . GLU A 1 61  ? 2.980   -5.123  8.205   1.00 77.69 ? 109 GLU X CG  1 
ATOM   344  C CD  . GLU A 1 61  ? 3.476   -6.551  7.923   1.00 80.48 ? 109 GLU X CD  1 
ATOM   345  O OE1 . GLU A 1 61  ? 2.680   -7.423  7.492   1.00 81.82 ? 109 GLU X OE1 1 
ATOM   346  O OE2 . GLU A 1 61  ? 4.688   -6.799  8.127   1.00 82.52 ? 109 GLU X OE2 1 
ATOM   347  N N   . ASN A 1 62  ? 2.550   -4.097  5.081   1.00 73.33 ? 110 ASN X N   1 
ATOM   348  C CA  . ASN A 1 62  ? 3.216   -3.156  4.172   1.00 72.64 ? 110 ASN X CA  1 
ATOM   349  C C   . ASN A 1 62  ? 2.247   -2.501  3.193   1.00 72.69 ? 110 ASN X C   1 
ATOM   350  O O   . ASN A 1 62  ? 2.336   -1.301  2.922   1.00 72.34 ? 110 ASN X O   1 
ATOM   351  C CB  . ASN A 1 62  ? 4.300   -3.859  3.357   1.00 72.67 ? 110 ASN X CB  1 
ATOM   352  C CG  . ASN A 1 62  ? 5.542   -4.175  4.156   1.00 71.94 ? 110 ASN X CG  1 
ATOM   353  O OD1 . ASN A 1 62  ? 5.718   -3.717  5.285   1.00 73.68 ? 110 ASN X OD1 1 
ATOM   354  N ND2 . ASN A 1 62  ? 6.415   -4.974  3.569   1.00 70.32 ? 110 ASN X ND2 1 
ATOM   355  N N   . LEU A 1 63  ? 1.328   -3.293  2.647   1.00 72.81 ? 111 LEU X N   1 
ATOM   356  C CA  . LEU A 1 63  ? 0.365   -2.779  1.674   1.00 72.87 ? 111 LEU X CA  1 
ATOM   357  C C   . LEU A 1 63  ? -0.699  -1.954  2.394   1.00 72.58 ? 111 LEU X C   1 
ATOM   358  O O   . LEU A 1 63  ? -1.073  -0.864  1.943   1.00 72.94 ? 111 LEU X O   1 
ATOM   359  C CB  . LEU A 1 63  ? -0.259  -3.917  0.858   1.00 72.66 ? 111 LEU X CB  1 
ATOM   360  C CG  . LEU A 1 63  ? -1.307  -3.554  -0.194  1.00 72.96 ? 111 LEU X CG  1 
ATOM   361  C CD1 . LEU A 1 63  ? -0.764  -2.573  -1.211  1.00 74.53 ? 111 LEU X CD1 1 
ATOM   362  C CD2 . LEU A 1 63  ? -1.764  -4.790  -0.901  1.00 73.49 ? 111 LEU X CD2 1 
ATOM   363  N N   . LEU A 1 64  ? -1.165  -2.468  3.526   1.00 71.99 ? 112 LEU X N   1 
ATOM   364  C CA  . LEU A 1 64  ? -2.138  -1.751  4.337   1.00 71.53 ? 112 LEU X CA  1 
ATOM   365  C C   . LEU A 1 64  ? -1.627  -0.369  4.763   1.00 71.33 ? 112 LEU X C   1 
ATOM   366  O O   . LEU A 1 64  ? -2.370  0.614   4.727   1.00 71.30 ? 112 LEU X O   1 
ATOM   367  C CB  . LEU A 1 64  ? -2.545  -2.598  5.553   1.00 71.58 ? 112 LEU X CB  1 
ATOM   368  C CG  . LEU A 1 64  ? -3.794  -3.474  5.385   1.00 71.39 ? 112 LEU X CG  1 
ATOM   369  C CD1 . LEU A 1 64  ? -3.830  -4.163  4.056   1.00 71.95 ? 112 LEU X CD1 1 
ATOM   370  C CD2 . LEU A 1 64  ? -3.890  -4.490  6.506   1.00 71.48 ? 112 LEU X CD2 1 
ATOM   371  N N   . PHE A 1 65  ? -0.362  -0.296  5.167   1.00 71.04 ? 113 PHE X N   1 
ATOM   372  C CA  . PHE A 1 65  ? 0.267   0.984   5.475   1.00 70.87 ? 113 PHE X CA  1 
ATOM   373  C C   . PHE A 1 65  ? 0.267   1.901   4.261   1.00 70.61 ? 113 PHE X C   1 
ATOM   374  O O   . PHE A 1 65  ? -0.113  3.066   4.348   1.00 70.74 ? 113 PHE X O   1 
ATOM   375  C CB  . PHE A 1 65  ? 1.702   0.776   5.970   1.00 71.01 ? 113 PHE X CB  1 
ATOM   376  C CG  . PHE A 1 65  ? 2.499   2.042   6.052   1.00 70.97 ? 113 PHE X CG  1 
ATOM   377  C CD1 . PHE A 1 65  ? 2.157   3.029   6.955   1.00 71.45 ? 113 PHE X CD1 1 
ATOM   378  C CD2 . PHE A 1 65  ? 3.580   2.258   5.207   1.00 71.60 ? 113 PHE X CD2 1 
ATOM   379  C CE1 . PHE A 1 65  ? 2.885   4.209   7.028   1.00 71.92 ? 113 PHE X CE1 1 
ATOM   380  C CE2 . PHE A 1 65  ? 4.302   3.430   5.271   1.00 71.43 ? 113 PHE X CE2 1 
ATOM   381  C CZ  . PHE A 1 65  ? 3.953   4.413   6.181   1.00 71.13 ? 113 PHE X CZ  1 
ATOM   382  N N   . TRP A 1 66  ? 0.701   1.361   3.127   1.00 71.05 ? 114 TRP X N   1 
ATOM   383  C CA  . TRP A 1 66  ? 0.764   2.102   1.868   1.00 70.73 ? 114 TRP X CA  1 
ATOM   384  C C   . TRP A 1 66  ? -0.610  2.661   1.499   1.00 70.48 ? 114 TRP X C   1 
ATOM   385  O O   . TRP A 1 66  ? -0.728  3.827   1.135   1.00 70.31 ? 114 TRP X O   1 
ATOM   386  C CB  . TRP A 1 66  ? 1.338   1.221   0.746   1.00 70.70 ? 114 TRP X CB  1 
ATOM   387  C CG  . TRP A 1 66  ? 1.573   1.993   -0.516  1.00 70.49 ? 114 TRP X CG  1 
ATOM   388  C CD1 . TRP A 1 66  ? 2.709   2.646   -0.879  1.00 70.46 ? 114 TRP X CD1 1 
ATOM   389  C CD2 . TRP A 1 66  ? 0.618   2.228   -1.562  1.00 70.06 ? 114 TRP X CD2 1 
ATOM   390  N NE1 . TRP A 1 66  ? 2.518   3.286   -2.088  1.00 70.68 ? 114 TRP X NE1 1 
ATOM   391  C CE2 . TRP A 1 66  ? 1.246   3.032   -2.528  1.00 69.50 ? 114 TRP X CE2 1 
ATOM   392  C CE3 . TRP A 1 66  ? -0.713  1.846   -1.762  1.00 70.07 ? 114 TRP X CE3 1 
ATOM   393  C CZ2 . TRP A 1 66  ? 0.598   3.445   -3.683  1.00 70.15 ? 114 TRP X CZ2 1 
ATOM   394  C CZ3 . TRP A 1 66  ? -1.350  2.253   -2.905  1.00 70.83 ? 114 TRP X CZ3 1 
ATOM   395  C CH2 . TRP A 1 66  ? -0.693  3.039   -3.861  1.00 70.34 ? 114 TRP X CH2 1 
ATOM   396  N N   . LEU A 1 67  ? -1.638  1.834   1.645   1.00 70.92 ? 115 LEU X N   1 
ATOM   397  C CA  . LEU A 1 67  ? -3.038  2.225   1.384   1.00 71.69 ? 115 LEU X CA  1 
ATOM   398  C C   . LEU A 1 67  ? -3.532  3.317   2.291   1.00 71.43 ? 115 LEU X C   1 
ATOM   399  O O   . LEU A 1 67  ? -4.223  4.239   1.849   1.00 71.57 ? 115 LEU X O   1 
ATOM   400  C CB  . LEU A 1 67  ? -3.979  1.035   1.576   1.00 71.89 ? 115 LEU X CB  1 
ATOM   401  C CG  . LEU A 1 67  ? -4.293  0.209   0.346   1.00 74.74 ? 115 LEU X CG  1 
ATOM   402  C CD1 . LEU A 1 67  ? -5.044  -1.062  0.783   1.00 75.99 ? 115 LEU X CD1 1 
ATOM   403  C CD2 . LEU A 1 67  ? -5.126  1.048   -0.659  1.00 75.94 ? 115 LEU X CD2 1 
ATOM   404  N N   . ALA A 1 68  ? -3.234  3.183   3.579   1.00 71.54 ? 116 ALA X N   1 
ATOM   405  C CA  . ALA A 1 68  ? -3.595  4.224   4.556   1.00 71.27 ? 116 ALA X CA  1 
ATOM   406  C C   . ALA A 1 68  ? -2.913  5.569   4.245   1.00 71.13 ? 116 ALA X C   1 
ATOM   407  O O   . ALA A 1 68  ? -3.540  6.614   4.362   1.00 71.15 ? 116 ALA X O   1 
ATOM   408  C CB  . ALA A 1 68  ? -3.280  3.767   5.953   1.00 71.31 ? 116 ALA X CB  1 
ATOM   409  N N   . CYS A 1 69  ? -1.655  5.554   3.817   1.00 71.25 ? 117 CYS X N   1 
ATOM   410  C CA  . CYS A 1 69  ? -1.002  6.802   3.393   1.00 71.86 ? 117 CYS X CA  1 
ATOM   411  C C   . CYS A 1 69  ? -1.641  7.409   2.152   1.00 72.25 ? 117 CYS X C   1 
ATOM   412  O O   . CYS A 1 69  ? -1.736  8.632   2.063   1.00 72.59 ? 117 CYS X O   1 
ATOM   413  C CB  . CYS A 1 69  ? 0.491   6.610   3.142   1.00 71.99 ? 117 CYS X CB  1 
ATOM   414  S SG  . CYS A 1 69  ? 1.365   6.074   4.565   1.00 72.63 ? 117 CYS X SG  1 
ATOM   415  N N   . GLU A 1 70  ? -2.076  6.566   1.208   1.00 72.86 ? 118 GLU X N   1 
ATOM   416  C CA  . GLU A 1 70  ? -2.877  7.025   0.051   1.00 73.59 ? 118 GLU X CA  1 
ATOM   417  C C   . GLU A 1 70  ? -4.194  7.673   0.450   1.00 73.93 ? 118 GLU X C   1 
ATOM   418  O O   . GLU A 1 70  ? -4.568  8.695   -0.119  1.00 73.96 ? 118 GLU X O   1 
ATOM   419  C CB  . GLU A 1 70  ? -3.187  5.876   -0.924  1.00 73.84 ? 118 GLU X CB  1 
ATOM   420  C CG  . GLU A 1 70  ? -2.032  5.468   -1.797  1.00 74.72 ? 118 GLU X CG  1 
ATOM   421  C CD  . GLU A 1 70  ? -1.514  6.606   -2.671  1.00 75.73 ? 118 GLU X CD  1 
ATOM   422  O OE1 . GLU A 1 70  ? -2.197  6.987   -3.654  1.00 74.80 ? 118 GLU X OE1 1 
ATOM   423  O OE2 . GLU A 1 70  ? -0.408  7.101   -2.371  1.00 76.47 ? 118 GLU X OE2 1 
ATOM   424  N N   . ASP A 1 71  ? -4.890  7.066   1.415   1.00 74.71 ? 119 ASP X N   1 
ATOM   425  C CA  . ASP A 1 71  ? -6.161  7.582   1.942   1.00 75.16 ? 119 ASP X CA  1 
ATOM   426  C C   . ASP A 1 71  ? -6.006  8.929   2.666   1.00 75.61 ? 119 ASP X C   1 
ATOM   427  O O   . ASP A 1 71  ? -6.883  9.796   2.570   1.00 75.32 ? 119 ASP X O   1 
ATOM   428  C CB  . ASP A 1 71  ? -6.778  6.552   2.895   1.00 75.27 ? 119 ASP X CB  1 
ATOM   429  C CG  . ASP A 1 71  ? -8.173  6.942   3.366   1.00 76.47 ? 119 ASP X CG  1 
ATOM   430  O OD1 . ASP A 1 71  ? -9.138  6.776   2.590   1.00 78.79 ? 119 ASP X OD1 1 
ATOM   431  O OD2 . ASP A 1 71  ? -8.316  7.406   4.520   1.00 77.89 ? 119 ASP X OD2 1 
ATOM   432  N N   . LEU A 1 72  ? -4.904  9.095   3.397   1.00 76.20 ? 120 LEU X N   1 
ATOM   433  C CA  . LEU A 1 72  ? -4.610  10.354  4.094   1.00 76.75 ? 120 LEU X CA  1 
ATOM   434  C C   . LEU A 1 72  ? -4.318  11.506  3.121   1.00 77.56 ? 120 LEU X C   1 
ATOM   435  O O   . LEU A 1 72  ? -4.760  12.631  3.350   1.00 77.85 ? 120 LEU X O   1 
ATOM   436  C CB  . LEU A 1 72  ? -3.443  10.180  5.086   1.00 76.59 ? 120 LEU X CB  1 
ATOM   437  C CG  . LEU A 1 72  ? -2.956  11.434  5.831   1.00 76.78 ? 120 LEU X CG  1 
ATOM   438  C CD1 . LEU A 1 72  ? -4.079  12.047  6.648   1.00 77.01 ? 120 LEU X CD1 1 
ATOM   439  C CD2 . LEU A 1 72  ? -1.760  11.143  6.725   1.00 76.66 ? 120 LEU X CD2 1 
ATOM   440  N N   . LYS A 1 73  ? -3.583  11.235  2.046   1.00 78.76 ? 121 LYS X N   1 
ATOM   441  C CA  . LYS A 1 73  ? -3.312  12.261  1.015   1.00 79.97 ? 121 LYS X CA  1 
ATOM   442  C C   . LYS A 1 73  ? -4.553  12.901  0.386   1.00 80.32 ? 121 LYS X C   1 
ATOM   443  O O   . LYS A 1 73  ? -4.546  14.091  0.094   1.00 80.42 ? 121 LYS X O   1 
ATOM   444  C CB  . LYS A 1 73  ? -2.464  11.683  -0.117  1.00 80.45 ? 121 LYS X CB  1 
ATOM   445  C CG  . LYS A 1 73  ? -1.000  11.583  0.211   1.00 81.81 ? 121 LYS X CG  1 
ATOM   446  C CD  . LYS A 1 73  ? -0.169  11.460  -1.067  1.00 83.95 ? 121 LYS X CD  1 
ATOM   447  C CE  . LYS A 1 73  ? -0.050  10.032  -1.559  1.00 84.18 ? 121 LYS X CE  1 
ATOM   448  N NZ  . LYS A 1 73  ? 1.156   9.887   -2.435  1.00 84.72 ? 121 LYS X NZ  1 
ATOM   449  N N   . LYS A 1 74  ? -5.598  12.108  0.159   1.00 81.04 ? 122 LYS X N   1 
ATOM   450  C CA  . LYS A 1 74  ? -6.843  12.610  -0.455  1.00 81.37 ? 122 LYS X CA  1 
ATOM   451  C C   . LYS A 1 74  ? -7.655  13.480  0.486   1.00 81.97 ? 122 LYS X C   1 
ATOM   452  O O   . LYS A 1 74  ? -8.411  14.348  0.033   1.00 82.22 ? 122 LYS X O   1 
ATOM   453  C CB  . LYS A 1 74  ? -7.724  11.451  -0.926  1.00 81.34 ? 122 LYS X CB  1 
ATOM   454  N N   . GLU A 1 75  ? -7.521  13.254  1.792   1.00 82.43 ? 123 GLU X N   1 
ATOM   455  C CA  . GLU A 1 75  ? -8.347  13.974  2.760   1.00 82.76 ? 123 GLU X CA  1 
ATOM   456  C C   . GLU A 1 75  ? -8.026  15.464  2.760   1.00 82.65 ? 123 GLU X C   1 
ATOM   457  O O   . GLU A 1 75  ? -6.888  15.860  2.474   1.00 82.69 ? 123 GLU X O   1 
ATOM   458  C CB  . GLU A 1 75  ? -8.216  13.375  4.166   1.00 83.01 ? 123 GLU X CB  1 
ATOM   459  C CG  . GLU A 1 75  ? -9.222  12.259  4.440   1.00 83.98 ? 123 GLU X CG  1 
ATOM   460  C CD  . GLU A 1 75  ? -10.670 12.757  4.527   1.00 85.03 ? 123 GLU X CD  1 
ATOM   461  O OE1 . GLU A 1 75  ? -10.930 13.718  5.282   1.00 85.11 ? 123 GLU X OE1 1 
ATOM   462  O OE2 . GLU A 1 75  ? -11.551 12.185  3.847   1.00 86.35 ? 123 GLU X OE2 1 
ATOM   463  N N   . GLN A 1 76  ? -9.049  16.270  3.060   1.00 82.38 ? 124 GLN X N   1 
ATOM   464  C CA  . GLN A 1 76  ? -8.970  17.730  2.972   1.00 82.17 ? 124 GLN X CA  1 
ATOM   465  C C   . GLN A 1 76  ? -9.387  18.446  4.265   1.00 82.04 ? 124 GLN X C   1 
ATOM   466  O O   . GLN A 1 76  ? -8.807  19.481  4.609   1.00 82.21 ? 124 GLN X O   1 
ATOM   467  C CB  . GLN A 1 76  ? -9.830  18.226  1.804   1.00 82.14 ? 124 GLN X CB  1 
ATOM   468  N N   . ASN A 1 77  ? -10.397 17.922  4.964   1.00 81.71 ? 125 ASN X N   1 
ATOM   469  C CA  . ASN A 1 77  ? -10.832 18.504  6.243   1.00 81.34 ? 125 ASN X CA  1 
ATOM   470  C C   . ASN A 1 77  ? -9.772  18.255  7.316   1.00 81.06 ? 125 ASN X C   1 
ATOM   471  O O   . ASN A 1 77  ? -9.273  17.134  7.454   1.00 81.04 ? 125 ASN X O   1 
ATOM   472  C CB  . ASN A 1 77  ? -12.184 17.931  6.687   1.00 81.20 ? 125 ASN X CB  1 
ATOM   473  N N   . LYS A 1 78  ? -9.431  19.306  8.056   1.00 80.58 ? 126 LYS X N   1 
ATOM   474  C CA  . LYS A 1 78  ? -8.327  19.276  9.018   1.00 80.36 ? 126 LYS X CA  1 
ATOM   475  C C   . LYS A 1 78  ? -8.505  18.215  10.102  1.00 80.14 ? 126 LYS X C   1 
ATOM   476  O O   . LYS A 1 78  ? -7.575  17.463  10.395  1.00 80.22 ? 126 LYS X O   1 
ATOM   477  C CB  . LYS A 1 78  ? -8.165  20.653  9.679   1.00 80.38 ? 126 LYS X CB  1 
ATOM   478  N N   . LYS A 1 79  ? -9.698  18.165  10.695  1.00 79.76 ? 127 LYS X N   1 
ATOM   479  C CA  . LYS A 1 79  ? -9.988  17.255  11.806  1.00 79.33 ? 127 LYS X CA  1 
ATOM   480  C C   . LYS A 1 79  ? -9.787  15.778  11.458  1.00 78.86 ? 127 LYS X C   1 
ATOM   481  O O   . LYS A 1 79  ? -9.224  15.017  12.248  1.00 78.76 ? 127 LYS X O   1 
ATOM   482  N N   . VAL A 1 80  ? -10.240 15.387  10.267  1.00 78.40 ? 128 VAL X N   1 
ATOM   483  C CA  . VAL A 1 80  ? -10.172 13.991  9.830   1.00 78.05 ? 128 VAL X CA  1 
ATOM   484  C C   . VAL A 1 80  ? -8.748  13.623  9.398   1.00 77.54 ? 128 VAL X C   1 
ATOM   485  O O   . VAL A 1 80  ? -8.357  12.461  9.500   1.00 77.68 ? 128 VAL X O   1 
ATOM   486  C CB  . VAL A 1 80  ? -11.186 13.692  8.695   1.00 78.05 ? 128 VAL X CB  1 
ATOM   487  C CG1 . VAL A 1 80  ? -11.258 12.193  8.417   1.00 78.26 ? 128 VAL X CG1 1 
ATOM   488  C CG2 . VAL A 1 80  ? -12.573 14.222  9.058   1.00 78.55 ? 128 VAL X CG2 1 
ATOM   489  N N   . ILE A 1 81  ? -7.985  14.611  8.922   1.00 76.99 ? 129 ILE X N   1 
ATOM   490  C CA  . ILE A 1 81  ? -6.539  14.457  8.682   1.00 76.47 ? 129 ILE X CA  1 
ATOM   491  C C   . ILE A 1 81  ? -5.805  14.083  9.969   1.00 76.11 ? 129 ILE X C   1 
ATOM   492  O O   . ILE A 1 81  ? -4.919  13.236  9.960   1.00 76.11 ? 129 ILE X O   1 
ATOM   493  C CB  . ILE A 1 81  ? -5.903  15.763  8.117   1.00 76.40 ? 129 ILE X CB  1 
ATOM   494  C CG1 . ILE A 1 81  ? -6.316  15.970  6.663   1.00 76.17 ? 129 ILE X CG1 1 
ATOM   495  C CG2 . ILE A 1 81  ? -4.361  15.745  8.226   1.00 76.23 ? 129 ILE X CG2 1 
ATOM   496  C CD1 . ILE A 1 81  ? -6.112  17.391  6.173   1.00 76.35 ? 129 ILE X CD1 1 
ATOM   497  N N   . GLU A 1 82  ? -6.170  14.732  11.068  1.00 75.83 ? 130 GLU X N   1 
ATOM   498  C CA  . GLU A 1 82  ? -5.520  14.498  12.363  1.00 75.58 ? 130 GLU X CA  1 
ATOM   499  C C   . GLU A 1 82  ? -5.876  13.117  12.898  1.00 75.23 ? 130 GLU X C   1 
ATOM   500  O O   . GLU A 1 82  ? -5.009  12.394  13.398  1.00 74.90 ? 130 GLU X O   1 
ATOM   501  C CB  . GLU A 1 82  ? -5.921  15.581  13.372  1.00 75.27 ? 130 GLU X CB  1 
ATOM   502  N N   . GLU A 1 83  ? -7.157  12.766  12.783  1.00 75.09 ? 131 GLU X N   1 
ATOM   503  C CA  . GLU A 1 83  ? -7.656  11.453  13.184  1.00 74.76 ? 131 GLU X CA  1 
ATOM   504  C C   . GLU A 1 83  ? -6.977  10.352  12.379  1.00 74.41 ? 131 GLU X C   1 
ATOM   505  O O   . GLU A 1 83  ? -6.521  9.362   12.950  1.00 74.49 ? 131 GLU X O   1 
ATOM   506  C CB  . GLU A 1 83  ? -9.178  11.379  13.017  1.00 74.76 ? 131 GLU X CB  1 
ATOM   507  N N   . LYS A 1 84  ? -6.892  10.536  11.061  1.00 73.99 ? 132 LYS X N   1 
ATOM   508  C CA  . LYS A 1 84  ? -6.250  9.544   10.182  1.00 73.84 ? 132 LYS X CA  1 
ATOM   509  C C   . LYS A 1 84  ? -4.740  9.419   10.405  1.00 73.34 ? 132 LYS X C   1 
ATOM   510  O O   . LYS A 1 84  ? -4.215  8.308   10.416  1.00 73.48 ? 132 LYS X O   1 
ATOM   511  C CB  . LYS A 1 84  ? -6.529  9.835   8.701   1.00 73.99 ? 132 LYS X CB  1 
ATOM   512  C CG  . LYS A 1 84  ? -7.875  9.341   8.222   1.00 74.42 ? 132 LYS X CG  1 
ATOM   513  C CD  . LYS A 1 84  ? -8.124  9.756   6.795   1.00 75.54 ? 132 LYS X CD  1 
ATOM   514  C CE  . LYS A 1 84  ? -9.532  9.374   6.337   1.00 76.42 ? 132 LYS X CE  1 
ATOM   515  N NZ  . LYS A 1 84  ? -9.800  7.913   6.483   1.00 77.05 ? 132 LYS X NZ  1 
ATOM   516  N N   . ALA A 1 85  ? -4.049  10.547  10.562  1.00 72.77 ? 133 ALA X N   1 
ATOM   517  C CA  . ALA A 1 85  ? -2.612  10.540  10.873  1.00 72.31 ? 133 ALA X CA  1 
ATOM   518  C C   . ALA A 1 85  ? -2.311  9.837   12.208  1.00 72.28 ? 133 ALA X C   1 
ATOM   519  O O   . ALA A 1 85  ? -1.303  9.131   12.336  1.00 72.33 ? 133 ALA X O   1 
ATOM   520  C CB  . ALA A 1 85  ? -2.080  11.941  10.897  1.00 72.31 ? 133 ALA X CB  1 
ATOM   521  N N   . ARG A 1 86  ? -3.182  10.032  13.196  1.00 71.96 ? 134 ARG X N   1 
ATOM   522  C CA  . ARG A 1 86  ? -3.056  9.332   14.477  1.00 71.74 ? 134 ARG X CA  1 
ATOM   523  C C   . ARG A 1 86  ? -3.186  7.819   14.275  1.00 71.44 ? 134 ARG X C   1 
ATOM   524  O O   . ARG A 1 86  ? -2.321  7.048   14.706  1.00 71.33 ? 134 ARG X O   1 
ATOM   525  C CB  . ARG A 1 86  ? -4.108  9.829   15.474  1.00 71.64 ? 134 ARG X CB  1 
ATOM   526  N N   . MET A 1 87  ? -4.260  7.416   13.596  1.00 71.05 ? 135 MET X N   1 
ATOM   527  C CA  . MET A 1 87  ? -4.531  6.007   13.306  1.00 70.97 ? 135 MET X CA  1 
ATOM   528  C C   . MET A 1 87  ? -3.376  5.312   12.578  1.00 70.89 ? 135 MET X C   1 
ATOM   529  O O   . MET A 1 87  ? -3.003  4.203   12.940  1.00 70.69 ? 135 MET X O   1 
ATOM   530  C CB  . MET A 1 87  ? -5.816  5.876   12.476  1.00 70.98 ? 135 MET X CB  1 
ATOM   531  N N   . ILE A 1 88  ? -2.809  5.961   11.564  1.00 70.95 ? 136 ILE X N   1 
ATOM   532  C CA  . ILE A 1 88  ? -1.641  5.414   10.871  1.00 71.37 ? 136 ILE X CA  1 
ATOM   533  C C   . ILE A 1 88  ? -0.478  5.212   11.859  1.00 71.30 ? 136 ILE X C   1 
ATOM   534  O O   . ILE A 1 88  ? 0.155   4.166   11.860  1.00 71.59 ? 136 ILE X O   1 
ATOM   535  C CB  . ILE A 1 88  ? -1.188  6.305   9.673   1.00 71.22 ? 136 ILE X CB  1 
ATOM   536  C CG1 . ILE A 1 88  ? -2.257  6.327   8.579   1.00 71.97 ? 136 ILE X CG1 1 
ATOM   537  C CG2 . ILE A 1 88  ? 0.145   5.816   9.094   1.00 70.74 ? 136 ILE X CG2 1 
ATOM   538  C CD1 . ILE A 1 88  ? -2.071  7.450   7.538   1.00 72.07 ? 136 ILE X CD1 1 
ATOM   539  N N   . TYR A 1 89  ? -0.211  6.202   12.705  1.00 71.70 ? 137 TYR X N   1 
ATOM   540  C CA  . TYR A 1 89  ? 0.907   6.112   13.658  1.00 71.54 ? 137 TYR X CA  1 
ATOM   541  C C   . TYR A 1 89  ? 0.761   4.946   14.640  1.00 71.61 ? 137 TYR X C   1 
ATOM   542  O O   . TYR A 1 89  ? 1.669   4.127   14.766  1.00 71.25 ? 137 TYR X O   1 
ATOM   543  C CB  . TYR A 1 89  ? 1.103   7.411   14.440  1.00 71.18 ? 137 TYR X CB  1 
ATOM   544  C CG  . TYR A 1 89  ? 2.361   7.366   15.290  1.00 71.09 ? 137 TYR X CG  1 
ATOM   545  C CD1 . TYR A 1 89  ? 3.598   7.633   14.730  1.00 70.20 ? 137 TYR X CD1 1 
ATOM   546  C CD2 . TYR A 1 89  ? 2.311   7.020   16.636  1.00 70.68 ? 137 TYR X CD2 1 
ATOM   547  C CE1 . TYR A 1 89  ? 4.743   7.571   15.471  1.00 69.85 ? 137 TYR X CE1 1 
ATOM   548  C CE2 . TYR A 1 89  ? 3.463   6.951   17.393  1.00 70.75 ? 137 TYR X CE2 1 
ATOM   549  C CZ  . TYR A 1 89  ? 4.679   7.228   16.801  1.00 70.72 ? 137 TYR X CZ  1 
ATOM   550  O OH  . TYR A 1 89  ? 5.839   7.173   17.527  1.00 70.43 ? 137 TYR X OH  1 
ATOM   551  N N   . GLU A 1 90  ? -0.380  4.873   15.325  1.00 71.91 ? 138 GLU X N   1 
ATOM   552  C CA  . GLU A 1 90  ? -0.626  3.807   16.305  1.00 72.24 ? 138 GLU X CA  1 
ATOM   553  C C   . GLU A 1 90  ? -0.692  2.409   15.670  1.00 72.58 ? 138 GLU X C   1 
ATOM   554  O O   . GLU A 1 90  ? -0.353  1.424   16.324  1.00 72.87 ? 138 GLU X O   1 
ATOM   555  C CB  . GLU A 1 90  ? -1.915  4.071   17.098  1.00 72.25 ? 138 GLU X CB  1 
ATOM   556  N N   . ASP A 1 91  ? -1.117  2.325   14.408  1.00 72.73 ? 139 ASP X N   1 
ATOM   557  C CA  . ASP A 1 91  ? -1.244  1.040   13.717  1.00 72.88 ? 139 ASP X CA  1 
ATOM   558  C C   . ASP A 1 91  ? 0.049   0.587   13.027  1.00 72.89 ? 139 ASP X C   1 
ATOM   559  O O   . ASP A 1 91  ? 0.410   -0.580  13.123  1.00 72.69 ? 139 ASP X O   1 
ATOM   560  C CB  . ASP A 1 91  ? -2.381  1.088   12.680  1.00 73.25 ? 139 ASP X CB  1 
ATOM   561  C CG  . ASP A 1 91  ? -3.777  1.114   13.316  1.00 74.18 ? 139 ASP X CG  1 
ATOM   562  O OD1 . ASP A 1 91  ? -3.896  1.212   14.554  1.00 75.12 ? 139 ASP X OD1 1 
ATOM   563  O OD2 . ASP A 1 91  ? -4.769  1.032   12.560  1.00 76.86 ? 139 ASP X OD2 1 
ATOM   564  N N   . TYR A 1 92  ? 0.735   1.488   12.323  1.00 72.88 ? 140 TYR X N   1 
ATOM   565  C CA  . TYR A 1 92  ? 1.894   1.090   11.502  1.00 73.11 ? 140 TYR X CA  1 
ATOM   566  C C   . TYR A 1 92  ? 3.253   1.596   11.983  1.00 73.23 ? 140 TYR X C   1 
ATOM   567  O O   . TYR A 1 92  ? 4.278   1.024   11.620  1.00 73.20 ? 140 TYR X O   1 
ATOM   568  C CB  . TYR A 1 92  ? 1.669   1.493   10.029  1.00 73.06 ? 140 TYR X CB  1 
ATOM   569  C CG  . TYR A 1 92  ? 0.338   1.007   9.528   1.00 72.85 ? 140 TYR X CG  1 
ATOM   570  C CD1 . TYR A 1 92  ? 0.125   -0.350  9.273   1.00 73.34 ? 140 TYR X CD1 1 
ATOM   571  C CD2 . TYR A 1 92  ? -0.725  1.877   9.372   1.00 72.08 ? 140 TYR X CD2 1 
ATOM   572  C CE1 . TYR A 1 92  ? -1.105  -0.813  8.843   1.00 73.12 ? 140 TYR X CE1 1 
ATOM   573  C CE2 . TYR A 1 92  ? -1.962  1.423   8.944   1.00 72.85 ? 140 TYR X CE2 1 
ATOM   574  C CZ  . TYR A 1 92  ? -2.147  0.079   8.679   1.00 73.14 ? 140 TYR X CZ  1 
ATOM   575  O OH  . TYR A 1 92  ? -3.377  -0.372  8.253   1.00 73.36 ? 140 TYR X OH  1 
ATOM   576  N N   . ILE A 1 93  ? 3.268   2.647   12.799  1.00 73.71 ? 141 ILE X N   1 
ATOM   577  C CA  . ILE A 1 93  ? 4.519   3.332   13.153  1.00 73.75 ? 141 ILE X CA  1 
ATOM   578  C C   . ILE A 1 93  ? 4.902   3.210   14.615  1.00 74.19 ? 141 ILE X C   1 
ATOM   579  O O   . ILE A 1 93  ? 6.075   3.315   14.947  1.00 74.77 ? 141 ILE X O   1 
ATOM   580  C CB  . ILE A 1 93  ? 4.462   4.844   12.783  1.00 73.65 ? 141 ILE X CB  1 
ATOM   581  C CG1 . ILE A 1 93  ? 3.880   5.062   11.371  1.00 72.90 ? 141 ILE X CG1 1 
ATOM   582  C CG2 . ILE A 1 93  ? 5.840   5.476   12.887  1.00 73.58 ? 141 ILE X CG2 1 
ATOM   583  C CD1 . ILE A 1 93  ? 4.716   4.522   10.272  1.00 72.06 ? 141 ILE X CD1 1 
ATOM   584  N N   . SER A 1 94  ? 3.936   3.021   15.504  1.00 74.67 ? 142 SER X N   1 
ATOM   585  C CA  . SER A 1 94  ? 4.245   2.910   16.931  1.00 74.78 ? 142 SER X CA  1 
ATOM   586  C C   . SER A 1 94  ? 4.959   1.593   17.231  1.00 75.22 ? 142 SER X C   1 
ATOM   587  O O   . SER A 1 94  ? 4.740   0.590   16.552  1.00 75.09 ? 142 SER X O   1 
ATOM   588  C CB  . SER A 1 94  ? 2.968   3.031   17.777  1.00 74.74 ? 142 SER X CB  1 
ATOM   589  O OG  . SER A 1 94  ? 3.251   2.986   19.172  1.00 74.52 ? 142 SER X OG  1 
ATOM   590  N N   . ILE A 1 95  ? 5.808   1.613   18.257  1.00 75.97 ? 143 ILE X N   1 
ATOM   591  C CA  . ILE A 1 95  ? 6.490   0.410   18.751  1.00 76.46 ? 143 ILE X CA  1 
ATOM   592  C C   . ILE A 1 95  ? 5.512   -0.533  19.472  1.00 76.81 ? 143 ILE X C   1 
ATOM   593  O O   . ILE A 1 95  ? 5.637   -1.756  19.371  1.00 77.23 ? 143 ILE X O   1 
ATOM   594  C CB  . ILE A 1 95  ? 7.658   0.785   19.715  1.00 76.64 ? 143 ILE X CB  1 
ATOM   595  C CG1 . ILE A 1 95  ? 8.699   1.652   18.992  1.00 77.06 ? 143 ILE X CG1 1 
ATOM   596  C CG2 . ILE A 1 95  ? 8.314   -0.464  20.322  1.00 76.61 ? 143 ILE X CG2 1 
ATOM   597  C CD1 . ILE A 1 95  ? 9.279   1.032   17.743  1.00 77.68 ? 143 ILE X CD1 1 
ATOM   598  N N   . LEU A 1 96  ? 4.549   0.037   20.203  1.00 76.94 ? 144 LEU X N   1 
ATOM   599  C CA  . LEU A 1 96  ? 3.555   -0.754  20.938  1.00 76.94 ? 144 LEU X CA  1 
ATOM   600  C C   . LEU A 1 96  ? 2.429   -1.277  20.036  1.00 77.12 ? 144 LEU X C   1 
ATOM   601  O O   . LEU A 1 96  ? 2.450   -1.106  18.811  1.00 76.85 ? 144 LEU X O   1 
ATOM   602  N N   . PRO A 1 98  ? 2.272   -2.502  15.427  1.00 87.59 ? 146 PRO X N   1 
ATOM   603  C CA  . PRO A 1 98  ? 2.246   -3.606  16.374  1.00 87.31 ? 146 PRO X CA  1 
ATOM   604  C C   . PRO A 1 98  ? 2.476   -5.051  15.857  1.00 87.20 ? 146 PRO X C   1 
ATOM   605  O O   . PRO A 1 98  ? 2.773   -5.896  16.705  1.00 87.22 ? 146 PRO X O   1 
ATOM   606  C CB  . PRO A 1 98  ? 0.857   -3.473  17.024  1.00 87.37 ? 146 PRO X CB  1 
ATOM   607  C CG  . PRO A 1 98  ? 0.364   -2.062  16.672  1.00 87.44 ? 146 PRO X CG  1 
ATOM   608  C CD  . PRO A 1 98  ? 1.459   -1.376  15.914  1.00 87.48 ? 146 PRO X CD  1 
ATOM   609  N N   . LYS A 1 99  ? 2.329   -5.417  14.569  1.00 86.75 ? 147 LYS X N   1 
ATOM   610  C CA  . LYS A 1 99  ? 1.690   -4.694  13.438  1.00 86.60 ? 147 LYS X CA  1 
ATOM   611  C C   . LYS A 1 99  ? 2.535   -3.640  12.686  1.00 86.21 ? 147 LYS X C   1 
ATOM   612  O O   . LYS A 1 99  ? 2.044   -3.018  11.742  1.00 86.23 ? 147 LYS X O   1 
ATOM   613  C CB  . LYS A 1 99  ? 0.313   -4.132  13.823  1.00 86.73 ? 147 LYS X CB  1 
ATOM   614  N N   . GLU A 1 100 ? 3.807   -3.500  13.062  1.00 85.64 ? 148 GLU X N   1 
ATOM   615  C CA  . GLU A 1 100 ? 4.677   -2.409  12.590  1.00 85.13 ? 148 GLU X CA  1 
ATOM   616  C C   . GLU A 1 100 ? 5.342   -2.716  11.243  1.00 83.90 ? 148 GLU X C   1 
ATOM   617  O O   . GLU A 1 100 ? 5.568   -3.868  10.895  1.00 84.06 ? 148 GLU X O   1 
ATOM   618  C CB  . GLU A 1 100 ? 5.746   -2.126  13.667  1.00 85.32 ? 148 GLU X CB  1 
ATOM   619  C CG  . GLU A 1 100 ? 6.792   -1.041  13.347  1.00 85.92 ? 148 GLU X CG  1 
ATOM   620  C CD  . GLU A 1 100 ? 8.031   -1.144  14.245  1.00 86.25 ? 148 GLU X CD  1 
ATOM   621  O OE1 . GLU A 1 100 ? 9.099   -1.555  13.730  1.00 88.05 ? 148 GLU X OE1 1 
ATOM   622  O OE2 . GLU A 1 100 ? 7.935   -0.833  15.458  1.00 86.05 ? 148 GLU X OE2 1 
ATOM   623  N N   . VAL A 1 101 ? 5.639   -1.666  10.485  1.00 82.77 ? 149 VAL X N   1 
ATOM   624  C CA  . VAL A 1 101 ? 6.394   -1.774  9.233   1.00 81.52 ? 149 VAL X CA  1 
ATOM   625  C C   . VAL A 1 101 ? 7.829   -1.319  9.479   1.00 80.55 ? 149 VAL X C   1 
ATOM   626  O O   . VAL A 1 101 ? 8.075   -0.441  10.300  1.00 80.42 ? 149 VAL X O   1 
ATOM   627  C CB  . VAL A 1 101 ? 5.748   -0.947  8.072   1.00 81.35 ? 149 VAL X CB  1 
ATOM   628  C CG1 . VAL A 1 101 ? 4.318   -1.384  7.840   1.00 81.37 ? 149 VAL X CG1 1 
ATOM   629  C CG2 . VAL A 1 101 ? 5.806   0.564   8.334   1.00 81.10 ? 149 VAL X CG2 1 
ATOM   630  N N   . SER A 1 102 ? 8.772   -1.906  8.758   1.00 79.71 ? 150 SER X N   1 
ATOM   631  C CA  . SER A 1 102 ? 10.186  -1.620  8.986   1.00 79.31 ? 150 SER X CA  1 
ATOM   632  C C   . SER A 1 102 ? 10.627  -0.368  8.253   1.00 78.50 ? 150 SER X C   1 
ATOM   633  O O   . SER A 1 102 ? 10.661  -0.346  7.020   1.00 78.02 ? 150 SER X O   1 
ATOM   634  C CB  . SER A 1 102 ? 11.055  -2.802  8.558   1.00 79.27 ? 150 SER X CB  1 
ATOM   635  O OG  . SER A 1 102 ? 10.888  -3.878  9.459   1.00 80.59 ? 150 SER X OG  1 
ATOM   636  N N   . LEU A 1 103 ? 10.988  0.656   9.027   1.00 77.85 ? 151 LEU X N   1 
ATOM   637  C CA  . LEU A 1 103 ? 11.423  1.939   8.482   1.00 77.40 ? 151 LEU X CA  1 
ATOM   638  C C   . LEU A 1 103 ? 12.780  2.333   9.043   1.00 77.18 ? 151 LEU X C   1 
ATOM   639  O O   . LEU A 1 103 ? 13.089  2.053   10.200  1.00 77.18 ? 151 LEU X O   1 
ATOM   640  C CB  . LEU A 1 103 ? 10.414  3.043   8.814   1.00 77.19 ? 151 LEU X CB  1 
ATOM   641  C CG  . LEU A 1 103 ? 8.949   2.793   8.487   1.00 76.74 ? 151 LEU X CG  1 
ATOM   642  C CD1 . LEU A 1 103 ? 8.089   3.900   9.076   1.00 76.38 ? 151 LEU X CD1 1 
ATOM   643  C CD2 . LEU A 1 103 ? 8.749   2.688   6.976   1.00 76.23 ? 151 LEU X CD2 1 
ATOM   644  N N   . ASP A 1 104 ? 13.572  3.014   8.223   1.00 77.03 ? 152 ASP X N   1 
ATOM   645  C CA  . ASP A 1 104 ? 14.860  3.553   8.653   1.00 76.88 ? 152 ASP X CA  1 
ATOM   646  C C   . ASP A 1 104 ? 14.653  4.649   9.698   1.00 76.64 ? 152 ASP X C   1 
ATOM   647  O O   . ASP A 1 104 ? 13.585  5.266   9.751   1.00 76.37 ? 152 ASP X O   1 
ATOM   648  C CB  . ASP A 1 104 ? 15.624  4.138   7.462   1.00 76.98 ? 152 ASP X CB  1 
ATOM   649  C CG  . ASP A 1 104 ? 15.579  3.243   6.244   1.00 77.78 ? 152 ASP X CG  1 
ATOM   650  N N   . SER A 1 105 ? 15.683  4.888   10.507  1.00 76.29 ? 153 SER X N   1 
ATOM   651  C CA  . SER A 1 105 ? 15.671  5.926   11.539  1.00 76.22 ? 153 SER X CA  1 
ATOM   652  C C   . SER A 1 105 ? 15.496  7.305   10.925  1.00 76.14 ? 153 SER X C   1 
ATOM   653  O O   . SER A 1 105 ? 14.712  8.118   11.418  1.00 76.20 ? 153 SER X O   1 
ATOM   654  C CB  . SER A 1 105 ? 16.977  5.893   12.338  1.00 76.17 ? 153 SER X CB  1 
ATOM   655  O OG  . SER A 1 105 ? 17.455  4.565   12.471  1.00 76.58 ? 153 SER X OG  1 
ATOM   656  N N   . ARG A 1 106 ? 16.254  7.561   9.857   1.00 76.00 ? 154 ARG X N   1 
ATOM   657  C CA  . ARG A 1 106 ? 16.114  8.773   9.045   1.00 75.77 ? 154 ARG X CA  1 
ATOM   658  C C   . ARG A 1 106 ? 14.641  9.076   8.768   1.00 75.11 ? 154 ARG X C   1 
ATOM   659  O O   . ARG A 1 106 ? 14.153  10.175  9.019   1.00 75.20 ? 154 ARG X O   1 
ATOM   660  C CB  . ARG A 1 106 ? 16.847  8.589   7.705   1.00 75.99 ? 154 ARG X CB  1 
ATOM   661  N N   . VAL A 1 107 ? 13.948  8.071   8.256   1.00 74.38 ? 155 VAL X N   1 
ATOM   662  C CA  . VAL A 1 107 ? 12.531  8.177   7.917   1.00 73.79 ? 155 VAL X CA  1 
ATOM   663  C C   . VAL A 1 107 ? 11.618  8.249   9.156   1.00 73.16 ? 155 VAL X C   1 
ATOM   664  O O   . VAL A 1 107 ? 10.558  8.870   9.115   1.00 73.44 ? 155 VAL X O   1 
ATOM   665  C CB  . VAL A 1 107 ? 12.135  7.000   6.988   1.00 73.58 ? 155 VAL X CB  1 
ATOM   666  C CG1 . VAL A 1 107 ? 10.637  6.822   6.897   1.00 73.82 ? 155 VAL X CG1 1 
ATOM   667  C CG2 . VAL A 1 107 ? 12.743  7.213   5.619   1.00 73.63 ? 155 VAL X CG2 1 
ATOM   668  N N   . ARG A 1 108 ? 12.017  7.616   10.249  1.00 72.44 ? 156 ARG X N   1 
ATOM   669  C CA  . ARG A 1 108 ? 11.229  7.675   11.476  1.00 72.13 ? 156 ARG X CA  1 
ATOM   670  C C   . ARG A 1 108 ? 11.267  9.046   12.122  1.00 71.74 ? 156 ARG X C   1 
ATOM   671  O O   . ARG A 1 108 ? 10.247  9.544   12.559  1.00 71.40 ? 156 ARG X O   1 
ATOM   672  C CB  . ARG A 1 108 ? 11.696  6.625   12.470  1.00 71.92 ? 156 ARG X CB  1 
ATOM   673  C CG  . ARG A 1 108 ? 11.238  5.263   12.104  1.00 72.62 ? 156 ARG X CG  1 
ATOM   674  C CD  . ARG A 1 108 ? 11.414  4.294   13.224  1.00 74.65 ? 156 ARG X CD  1 
ATOM   675  N NE  . ARG A 1 108 ? 10.308  3.348   13.198  1.00 76.42 ? 156 ARG X NE  1 
ATOM   676  C CZ  . ARG A 1 108 ? 9.247   3.375   14.003  1.00 76.22 ? 156 ARG X CZ  1 
ATOM   677  N NH1 . ARG A 1 108 ? 9.112   4.293   14.967  1.00 74.11 ? 156 ARG X NH1 1 
ATOM   678  N NH2 . ARG A 1 108 ? 8.312   2.445   13.834  1.00 76.92 ? 156 ARG X NH2 1 
ATOM   679  N N   . GLU A 1 109 ? 12.443  9.656   12.175  1.00 71.92 ? 157 GLU X N   1 
ATOM   680  C CA  . GLU A 1 109 ? 12.583  10.963  12.797  1.00 72.23 ? 157 GLU X CA  1 
ATOM   681  C C   . GLU A 1 109 ? 11.897  12.087  12.019  1.00 72.21 ? 157 GLU X C   1 
ATOM   682  O O   . GLU A 1 109 ? 11.461  13.058  12.624  1.00 71.95 ? 157 GLU X O   1 
ATOM   683  C CB  . GLU A 1 109 ? 14.054  11.282  13.047  1.00 72.49 ? 157 GLU X CB  1 
ATOM   684  C CG  . GLU A 1 109 ? 14.743  10.294  13.999  1.00 73.65 ? 157 GLU X CG  1 
ATOM   685  C CD  . GLU A 1 109 ? 13.902  9.962   15.240  1.00 75.17 ? 157 GLU X CD  1 
ATOM   686  O OE1 . GLU A 1 109 ? 13.477  10.903  15.942  1.00 74.91 ? 157 GLU X OE1 1 
ATOM   687  O OE2 . GLU A 1 109 ? 13.667  8.756   15.501  1.00 76.69 ? 157 GLU X OE2 1 
ATOM   688  N N   . VAL A 1 110 ? 11.773  11.953  10.697  1.00 72.58 ? 158 VAL X N   1 
ATOM   689  C CA  . VAL A 1 110 ? 11.008  12.924  9.912   1.00 72.60 ? 158 VAL X CA  1 
ATOM   690  C C   . VAL A 1 110 ? 9.519   12.806  10.262  1.00 72.50 ? 158 VAL X C   1 
ATOM   691  O O   . VAL A 1 110 ? 8.862   13.823  10.466  1.00 72.44 ? 158 VAL X O   1 
ATOM   692  C CB  . VAL A 1 110 ? 11.290  12.834  8.366   1.00 73.11 ? 158 VAL X CB  1 
ATOM   693  C CG1 . VAL A 1 110 ? 10.930  11.485  7.794   1.00 74.10 ? 158 VAL X CG1 1 
ATOM   694  C CG2 . VAL A 1 110 ? 10.529  13.915  7.603   1.00 73.62 ? 158 VAL X CG2 1 
ATOM   695  N N   . ILE A 1 111 ? 8.999   11.580  10.372  1.00 72.42 ? 159 ILE X N   1 
ATOM   696  C CA  . ILE A 1 111 ? 7.618   11.356  10.841  1.00 72.67 ? 159 ILE X CA  1 
ATOM   697  C C   . ILE A 1 111 ? 7.353   11.966  12.226  1.00 72.68 ? 159 ILE X C   1 
ATOM   698  O O   . ILE A 1 111 ? 6.277   12.524  12.486  1.00 72.95 ? 159 ILE X O   1 
ATOM   699  C CB  . ILE A 1 111 ? 7.281   9.849   10.930  1.00 72.75 ? 159 ILE X CB  1 
ATOM   700  C CG1 . ILE A 1 111 ? 7.173   9.235   9.537   1.00 73.64 ? 159 ILE X CG1 1 
ATOM   701  C CG2 . ILE A 1 111 ? 5.963   9.605   11.687  1.00 72.55 ? 159 ILE X CG2 1 
ATOM   702  C CD1 . ILE A 1 111 ? 7.081   7.720   9.566   1.00 74.88 ? 159 ILE X CD1 1 
ATOM   703  N N   . ASN A 1 112 ? 8.320   11.832  13.127  1.00 72.69 ? 160 ASN X N   1 
ATOM   704  C CA  . ASN A 1 112 ? 8.166   12.328  14.492  1.00 72.58 ? 160 ASN X CA  1 
ATOM   705  C C   . ASN A 1 112 ? 8.082   13.850  14.557  1.00 73.23 ? 160 ASN X C   1 
ATOM   706  O O   . ASN A 1 112 ? 7.327   14.396  15.351  1.00 72.99 ? 160 ASN X O   1 
ATOM   707  C CB  . ASN A 1 112 ? 9.313   11.826  15.358  1.00 72.33 ? 160 ASN X CB  1 
ATOM   708  C CG  . ASN A 1 112 ? 9.307   10.319  15.507  1.00 71.17 ? 160 ASN X CG  1 
ATOM   709  O OD1 . ASN A 1 112 ? 8.248   9.696   15.622  1.00 69.06 ? 160 ASN X OD1 1 
ATOM   710  N ND2 . ASN A 1 112 ? 10.495  9.723   15.504  1.00 69.86 ? 160 ASN X ND2 1 
ATOM   711  N N   . ARG A 1 113 ? 8.856   14.528  13.714  1.00 74.34 ? 161 ARG X N   1 
ATOM   712  C CA  . ARG A 1 113 ? 8.820   15.993  13.639  1.00 75.26 ? 161 ARG X CA  1 
ATOM   713  C C   . ARG A 1 113 ? 7.506   16.493  13.034  1.00 75.89 ? 161 ARG X C   1 
ATOM   714  O O   . ARG A 1 113 ? 6.975   17.526  13.452  1.00 76.02 ? 161 ARG X O   1 
ATOM   715  C CB  . ARG A 1 113 ? 10.014  16.522  12.842  1.00 75.28 ? 161 ARG X CB  1 
ATOM   716  C CG  . ARG A 1 113 ? 11.317  16.340  13.589  1.00 75.82 ? 161 ARG X CG  1 
ATOM   717  C CD  . ARG A 1 113 ? 12.513  16.832  12.816  1.00 77.22 ? 161 ARG X CD  1 
ATOM   718  N NE  . ARG A 1 113 ? 12.853  15.966  11.690  1.00 77.90 ? 161 ARG X NE  1 
ATOM   719  C CZ  . ARG A 1 113 ? 14.077  15.827  11.182  1.00 79.01 ? 161 ARG X CZ  1 
ATOM   720  N NH1 . ARG A 1 113 ? 14.267  15.011  10.149  1.00 79.23 ? 161 ARG X NH1 1 
ATOM   721  N NH2 . ARG A 1 113 ? 15.118  16.494  11.692  1.00 80.35 ? 161 ARG X NH2 1 
ATOM   722  N N   . ASN A 1 114 ? 6.978   15.743  12.072  1.00 76.64 ? 162 ASN X N   1 
ATOM   723  C CA  . ASN A 1 114 ? 5.688   16.058  11.465  1.00 77.38 ? 162 ASN X CA  1 
ATOM   724  C C   . ASN A 1 114 ? 4.504   15.703  12.370  1.00 77.72 ? 162 ASN X C   1 
ATOM   725  O O   . ASN A 1 114 ? 3.362   16.008  12.043  1.00 78.36 ? 162 ASN X O   1 
ATOM   726  C CB  . ASN A 1 114 ? 5.543   15.331  10.123  1.00 77.49 ? 162 ASN X CB  1 
ATOM   727  C CG  . ASN A 1 114 ? 6.665   15.666  9.144   1.00 78.44 ? 162 ASN X CG  1 
ATOM   728  O OD1 . ASN A 1 114 ? 7.372   16.663  9.313   1.00 80.66 ? 162 ASN X OD1 1 
ATOM   729  N ND2 . ASN A 1 114 ? 6.831   14.832  8.113   1.00 78.42 ? 162 ASN X ND2 1 
ATOM   730  N N   . LEU A 1 115 ? 4.778   15.099  13.519  1.00 78.00 ? 163 LEU X N   1 
ATOM   731  C CA  . LEU A 1 115 ? 3.738   14.480  14.339  1.00 78.28 ? 163 LEU X CA  1 
ATOM   732  C C   . LEU A 1 115 ? 2.928   15.460  15.174  1.00 78.34 ? 163 LEU X C   1 
ATOM   733  O O   . LEU A 1 115 ? 1.766   15.185  15.473  1.00 78.83 ? 163 LEU X O   1 
ATOM   734  C CB  . LEU A 1 115 ? 4.370   13.439  15.271  1.00 78.54 ? 163 LEU X CB  1 
ATOM   735  C CG  . LEU A 1 115 ? 3.641   12.128  15.548  1.00 78.37 ? 163 LEU X CG  1 
ATOM   736  C CD1 . LEU A 1 115 ? 3.119   11.487  14.262  1.00 77.39 ? 163 LEU X CD1 1 
ATOM   737  C CD2 . LEU A 1 115 ? 4.602   11.188  16.277  1.00 78.19 ? 163 LEU X CD2 1 
ATOM   738  N N   . LEU A 1 116 ? 3.532   16.579  15.581  1.00 78.20 ? 164 LEU X N   1 
ATOM   739  C CA  . LEU A 1 116 ? 2.834   17.569  16.417  1.00 77.83 ? 164 LEU X CA  1 
ATOM   740  C C   . LEU A 1 116 ? 1.945   18.500  15.577  1.00 77.45 ? 164 LEU X C   1 
ATOM   741  O O   . LEU A 1 116 ? 0.936   19.016  16.076  1.00 77.51 ? 164 LEU X O   1 
ATOM   742  C CB  . LEU A 1 116 ? 3.827   18.384  17.257  1.00 77.98 ? 164 LEU X CB  1 
ATOM   743  N N   . ASP A 1 117 ? 2.334   18.718  14.316  1.00 76.79 ? 165 ASP X N   1 
ATOM   744  C CA  . ASP A 1 117 ? 1.508   19.435  13.332  1.00 76.10 ? 165 ASP X CA  1 
ATOM   745  C C   . ASP A 1 117 ? 1.320   18.578  12.076  1.00 75.30 ? 165 ASP X C   1 
ATOM   746  O O   . ASP A 1 117 ? 2.046   18.755  11.095  1.00 75.54 ? 165 ASP X O   1 
ATOM   747  C CB  . ASP A 1 117 ? 2.154   20.769  12.957  1.00 76.27 ? 165 ASP X CB  1 
ATOM   748  N N   . PRO A 1 118 ? 0.342   17.647  12.101  1.00 74.11 ? 166 PRO X N   1 
ATOM   749  C CA  . PRO A 1 118 ? 0.106   16.730  10.980  1.00 73.36 ? 166 PRO X CA  1 
ATOM   750  C C   . PRO A 1 118 ? -0.392  17.394  9.692   1.00 72.65 ? 166 PRO X C   1 
ATOM   751  O O   . PRO A 1 118 ? -1.091  18.397  9.733   1.00 72.65 ? 166 PRO X O   1 
ATOM   752  C CB  . PRO A 1 118 ? -0.979  15.785  11.519  1.00 73.30 ? 166 PRO X CB  1 
ATOM   753  C CG  . PRO A 1 118 ? -1.005  15.998  12.988  1.00 73.45 ? 166 PRO X CG  1 
ATOM   754  C CD  . PRO A 1 118 ? -0.609  17.405  13.199  1.00 73.96 ? 166 PRO X CD  1 
ATOM   755  N N   . ASN A 1 119 ? -0.020  16.811  8.558   1.00 72.08 ? 167 ASN X N   1 
ATOM   756  C CA  . ASN A 1 119 ? -0.556  17.191  7.248   1.00 71.30 ? 167 ASN X CA  1 
ATOM   757  C C   . ASN A 1 119 ? -0.801  15.926  6.390   1.00 70.52 ? 167 ASN X C   1 
ATOM   758  O O   . ASN A 1 119 ? -0.353  14.843  6.749   1.00 69.61 ? 167 ASN X O   1 
ATOM   759  C CB  . ASN A 1 119 ? 0.395   18.189  6.566   1.00 71.32 ? 167 ASN X CB  1 
ATOM   760  C CG  . ASN A 1 119 ? 1.769   17.597  6.269   1.00 71.20 ? 167 ASN X CG  1 
ATOM   761  O OD1 . ASN A 1 119 ? 1.947   16.873  5.299   1.00 71.05 ? 167 ASN X OD1 1 
ATOM   762  N ND2 . ASN A 1 119 ? 2.747   17.937  7.087   1.00 72.04 ? 167 ASN X ND2 1 
ATOM   763  N N   . PRO A 1 120 ? -1.538  16.054  5.270   1.00 69.93 ? 168 PRO X N   1 
ATOM   764  C CA  . PRO A 1 120 ? -1.803  14.878  4.420   1.00 69.67 ? 168 PRO X CA  1 
ATOM   765  C C   . PRO A 1 120 ? -0.553  14.118  3.899   1.00 69.37 ? 168 PRO X C   1 
ATOM   766  O O   . PRO A 1 120 ? -0.620  12.911  3.669   1.00 67.85 ? 168 PRO X O   1 
ATOM   767  C CB  . PRO A 1 120 ? -2.612  15.465  3.253   1.00 69.70 ? 168 PRO X CB  1 
ATOM   768  C CG  . PRO A 1 120 ? -3.192  16.720  3.780   1.00 69.72 ? 168 PRO X CG  1 
ATOM   769  C CD  . PRO A 1 120 ? -2.189  17.265  4.743   1.00 69.73 ? 168 PRO X CD  1 
ATOM   770  N N   . HIS A 1 121 ? 0.571   14.815  3.756   1.00 69.60 ? 169 HIS X N   1 
ATOM   771  C CA  . HIS A 1 121 ? 1.777   14.240  3.151   1.00 70.03 ? 169 HIS X CA  1 
ATOM   772  C C   . HIS A 1 121 ? 2.920   13.901  4.152   1.00 70.51 ? 169 HIS X C   1 
ATOM   773  O O   . HIS A 1 121 ? 4.055   13.679  3.724   1.00 70.78 ? 169 HIS X O   1 
ATOM   774  C CB  . HIS A 1 121 ? 2.261   15.185  2.049   1.00 69.60 ? 169 HIS X CB  1 
ATOM   775  C CG  . HIS A 1 121 ? 1.262   15.379  0.949   1.00 69.64 ? 169 HIS X CG  1 
ATOM   776  N ND1 . HIS A 1 121 ? 0.263   16.327  1.004   1.00 70.56 ? 169 HIS X ND1 1 
ATOM   777  C CD2 . HIS A 1 121 ? 1.098   14.733  -0.231  1.00 70.63 ? 169 HIS X CD2 1 
ATOM   778  C CE1 . HIS A 1 121 ? -0.468  16.264  -0.093  0.50 70.07 ? 169 HIS X CE1 1 
ATOM   779  N NE2 . HIS A 1 121 ? 0.019   15.306  -0.861  1.00 70.84 ? 169 HIS X NE2 1 
ATOM   780  N N   . MET A 1 122 ? 2.597   13.851  5.457   1.00 70.70 ? 170 MET X N   1 
ATOM   781  C CA  . MET A 1 122 ? 3.513   13.437  6.559   1.00 70.98 ? 170 MET X CA  1 
ATOM   782  C C   . MET A 1 122 ? 4.293   12.161  6.323   1.00 70.39 ? 170 MET X C   1 
ATOM   783  O O   . MET A 1 122 ? 5.433   12.040  6.744   1.00 70.04 ? 170 MET X O   1 
ATOM   784  C CB  . MET A 1 122 ? 2.718   13.043  7.800   1.00 70.71 ? 170 MET X CB  1 
ATOM   785  C CG  . MET A 1 122 ? 2.037   14.070  8.533   1.00 72.01 ? 170 MET X CG  1 
ATOM   786  S SD  . MET A 1 122 ? 0.976   13.232  9.730   1.00 73.98 ? 170 MET X SD  1 
ATOM   787  C CE  . MET A 1 122 ? 2.185   12.756  10.974  1.00 72.87 ? 170 MET X CE  1 
ATOM   788  N N   . TYR A 1 123 ? 3.617   11.168  5.758   1.00 70.28 ? 171 TYR X N   1 
ATOM   789  C CA  . TYR A 1 123 ? 4.157   9.814   5.707   1.00 70.35 ? 171 TYR X CA  1 
ATOM   790  C C   . TYR A 1 123 ? 4.765   9.462   4.365   1.00 70.47 ? 171 TYR X C   1 
ATOM   791  O O   . TYR A 1 123 ? 5.086   8.316   4.150   1.00 70.68 ? 171 TYR X O   1 
ATOM   792  C CB  . TYR A 1 123 ? 3.065   8.802   6.068   1.00 70.11 ? 171 TYR X CB  1 
ATOM   793  C CG  . TYR A 1 123 ? 2.548   8.943   7.479   1.00 69.22 ? 171 TYR X CG  1 
ATOM   794  C CD1 . TYR A 1 123 ? 3.336   8.589   8.563   1.00 69.94 ? 171 TYR X CD1 1 
ATOM   795  C CD2 . TYR A 1 123 ? 1.270   9.430   7.730   1.00 68.83 ? 171 TYR X CD2 1 
ATOM   796  C CE1 . TYR A 1 123 ? 2.862   8.725   9.879   1.00 70.05 ? 171 TYR X CE1 1 
ATOM   797  C CE2 . TYR A 1 123 ? 0.779   9.557   9.027   1.00 69.00 ? 171 TYR X CE2 1 
ATOM   798  C CZ  . TYR A 1 123 ? 1.583   9.214   10.102  1.00 69.80 ? 171 TYR X CZ  1 
ATOM   799  O OH  . TYR A 1 123 ? 1.111   9.347   11.392  1.00 69.26 ? 171 TYR X OH  1 
ATOM   800  N N   . GLU A 1 124 ? 4.967   10.445  3.488   1.00 71.41 ? 172 GLU X N   1 
ATOM   801  C CA  . GLU A 1 124 ? 5.301   10.179  2.078   1.00 72.54 ? 172 GLU X CA  1 
ATOM   802  C C   . GLU A 1 124 ? 6.647   9.483   1.872   1.00 71.89 ? 172 GLU X C   1 
ATOM   803  O O   . GLU A 1 124 ? 6.765   8.616   0.994   1.00 72.46 ? 172 GLU X O   1 
ATOM   804  C CB  . GLU A 1 124 ? 5.228   11.462  1.225   1.00 72.74 ? 172 GLU X CB  1 
ATOM   805  C CG  . GLU A 1 124 ? 6.294   12.528  1.550   1.00 74.72 ? 172 GLU X CG  1 
ATOM   806  C CD  . GLU A 1 124 ? 6.126   13.833  0.738   1.00 75.76 ? 172 GLU X CD  1 
ATOM   807  O OE1 . GLU A 1 124 ? 5.666   13.767  -0.433  1.00 80.66 ? 172 GLU X OE1 1 
ATOM   808  O OE2 . GLU A 1 124 ? 6.468   14.921  1.278   1.00 78.08 ? 172 GLU X OE2 1 
ATOM   809  N N   . ASP A 1 125 ? 7.653   9.857   2.654   1.00 71.30 ? 173 ASP X N   1 
ATOM   810  C CA  . ASP A 1 125 ? 8.967   9.210   2.585   1.00 71.32 ? 173 ASP X CA  1 
ATOM   811  C C   . ASP A 1 125 ? 8.884   7.767   3.078   1.00 71.00 ? 173 ASP X C   1 
ATOM   812  O O   . ASP A 1 125 ? 9.478   6.865   2.493   1.00 70.74 ? 173 ASP X O   1 
ATOM   813  C CB  . ASP A 1 125 ? 10.024  10.006  3.369   1.00 71.38 ? 173 ASP X CB  1 
ATOM   814  C CG  . ASP A 1 125 ? 10.526  11.255  2.609   1.00 73.95 ? 173 ASP X CG  1 
ATOM   815  O OD1 . ASP A 1 125 ? 10.534  11.259  1.357   1.00 76.98 ? 173 ASP X OD1 1 
ATOM   816  O OD2 . ASP A 1 125 ? 10.942  12.239  3.265   1.00 78.15 ? 173 ASP X OD2 1 
ATOM   817  N N   . ALA A 1 126 ? 8.137   7.550   4.157   1.00 70.61 ? 174 ALA X N   1 
ATOM   818  C CA  . ALA A 1 126 ? 7.868   6.203   4.650   1.00 70.05 ? 174 ALA X CA  1 
ATOM   819  C C   . ALA A 1 126 ? 7.062   5.386   3.638   1.00 69.69 ? 174 ALA X C   1 
ATOM   820  O O   . ALA A 1 126 ? 7.367   4.232   3.414   1.00 69.55 ? 174 ALA X O   1 
ATOM   821  C CB  . ALA A 1 126 ? 7.137   6.262   5.967   1.00 69.98 ? 174 ALA X CB  1 
ATOM   822  N N   . GLN A 1 127 ? 6.031   5.987   3.051   1.00 69.64 ? 175 GLN X N   1 
ATOM   823  C CA  . GLN A 1 127 ? 5.245   5.343   2.003   1.00 69.53 ? 175 GLN X CA  1 
ATOM   824  C C   . GLN A 1 127 ? 6.131   4.937   0.827   1.00 69.31 ? 175 GLN X C   1 
ATOM   825  O O   . GLN A 1 127 ? 6.063   3.794   0.376   1.00 70.10 ? 175 GLN X O   1 
ATOM   826  C CB  . GLN A 1 127 ? 4.146   6.271   1.496   1.00 69.72 ? 175 GLN X CB  1 
ATOM   827  C CG  . GLN A 1 127 ? 3.196   5.588   0.528   1.00 70.32 ? 175 GLN X CG  1 
ATOM   828  C CD  . GLN A 1 127 ? 2.162   6.511   -0.061  1.00 70.43 ? 175 GLN X CD  1 
ATOM   829  O OE1 . GLN A 1 127 ? 2.408   7.687   -0.235  1.00 72.51 ? 175 GLN X OE1 1 
ATOM   830  N NE2 . GLN A 1 127 ? 1.000   5.970   -0.398  1.00 71.63 ? 175 GLN X NE2 1 
ATOM   831  N N   . LEU A 1 128 ? 6.969   5.853   0.348   1.00 68.69 ? 176 LEU X N   1 
ATOM   832  C CA  . LEU A 1 128 ? 7.901   5.539   -0.740  1.00 68.97 ? 176 LEU X CA  1 
ATOM   833  C C   . LEU A 1 128 ? 8.894   4.419   -0.397  1.00 69.29 ? 176 LEU X C   1 
ATOM   834  O O   . LEU A 1 128 ? 9.241   3.616   -1.266  1.00 69.71 ? 176 LEU X O   1 
ATOM   835  C CB  . LEU A 1 128 ? 8.687   6.781   -1.167  1.00 68.98 ? 176 LEU X CB  1 
ATOM   836  C CG  . LEU A 1 128 ? 9.474   6.626   -2.470  1.00 69.11 ? 176 LEU X CG  1 
ATOM   837  C CD1 . LEU A 1 128 ? 8.573   6.244   -3.614  1.00 68.60 ? 176 LEU X CD1 1 
ATOM   838  C CD2 . LEU A 1 128 ? 10.264  7.892   -2.794  1.00 69.02 ? 176 LEU X CD2 1 
ATOM   839  N N   . GLN A 1 129 ? 9.361   4.371   0.850   1.00 69.26 ? 177 GLN X N   1 
ATOM   840  C CA  . GLN A 1 129 ? 10.294  3.324   1.275   1.00 69.68 ? 177 GLN X CA  1 
ATOM   841  C C   . GLN A 1 129 ? 9.647   1.934   1.247   1.00 69.69 ? 177 GLN X C   1 
ATOM   842  O O   . GLN A 1 129 ? 10.245  0.985   0.779   1.00 70.32 ? 177 GLN X O   1 
ATOM   843  C CB  . GLN A 1 129 ? 10.833  3.624   2.672   1.00 69.84 ? 177 GLN X CB  1 
ATOM   844  C CG  . GLN A 1 129 ? 11.826  2.595   3.194   1.00 69.85 ? 177 GLN X CG  1 
ATOM   845  C CD  . GLN A 1 129 ? 12.594  3.094   4.398   1.00 71.27 ? 177 GLN X CD  1 
ATOM   846  O OE1 . GLN A 1 129 ? 12.553  2.487   5.460   1.00 71.69 ? 177 GLN X OE1 1 
ATOM   847  N NE2 . GLN A 1 129 ? 13.285  4.224   4.243   1.00 72.84 ? 177 GLN X NE2 1 
ATOM   848  N N   . ILE A 1 130 ? 8.415   1.838   1.720   1.00 70.07 ? 178 ILE X N   1 
ATOM   849  C CA  . ILE A 1 130 ? 7.679   0.576   1.750   1.00 70.51 ? 178 ILE X CA  1 
ATOM   850  C C   . ILE A 1 130 ? 7.225   0.166   0.348   1.00 70.87 ? 178 ILE X C   1 
ATOM   851  O O   . ILE A 1 130 ? 7.157   -1.022  0.045   1.00 71.29 ? 178 ILE X O   1 
ATOM   852  C CB  . ILE A 1 130 ? 6.464   0.676   2.721   1.00 70.59 ? 178 ILE X CB  1 
ATOM   853  C CG1 . ILE A 1 130 ? 6.940   0.923   4.162   1.00 70.41 ? 178 ILE X CG1 1 
ATOM   854  C CG2 . ILE A 1 130 ? 5.597   -0.564  2.665   1.00 71.42 ? 178 ILE X CG2 1 
ATOM   855  C CD1 . ILE A 1 130 ? 7.781   -0.200  4.761   1.00 70.04 ? 178 ILE X CD1 1 
ATOM   856  N N   . TYR A 1 131 ? 6.909   1.150   -0.498  1.00 71.24 ? 179 TYR X N   1 
ATOM   857  C CA  . TYR A 1 131 ? 6.589   0.909   -1.917  1.00 71.23 ? 179 TYR X CA  1 
ATOM   858  C C   . TYR A 1 131 ? 7.758   0.285   -2.662  1.00 70.92 ? 179 TYR X C   1 
ATOM   859  O O   . TYR A 1 131 ? 7.577   -0.637  -3.429  1.00 71.66 ? 179 TYR X O   1 
ATOM   860  C CB  . TYR A 1 131 ? 6.211   2.224   -2.613  1.00 71.31 ? 179 TYR X CB  1 
ATOM   861  C CG  . TYR A 1 131 ? 5.927   2.109   -4.106  1.00 71.70 ? 179 TYR X CG  1 
ATOM   862  C CD1 . TYR A 1 131 ? 4.649   1.806   -4.579  1.00 71.03 ? 179 TYR X CD1 1 
ATOM   863  C CD2 . TYR A 1 131 ? 6.939   2.323   -5.045  1.00 72.29 ? 179 TYR X CD2 1 
ATOM   864  C CE1 . TYR A 1 131 ? 4.391   1.730   -5.939  1.00 71.27 ? 179 TYR X CE1 1 
ATOM   865  C CE2 . TYR A 1 131 ? 6.699   2.231   -6.395  1.00 70.76 ? 179 TYR X CE2 1 
ATOM   866  C CZ  . TYR A 1 131 ? 5.422   1.937   -6.850  1.00 71.90 ? 179 TYR X CZ  1 
ATOM   867  O OH  . TYR A 1 131 ? 5.190   1.845   -8.223  1.00 70.64 ? 179 TYR X OH  1 
ATOM   868  N N   . THR A 1 132 ? 8.949   0.824   -2.435  1.00 70.69 ? 180 THR X N   1 
ATOM   869  C CA  . THR A 1 132 ? 10.166  0.383   -3.091  1.00 70.24 ? 180 THR X CA  1 
ATOM   870  C C   . THR A 1 132 ? 10.556  -1.052  -2.652  1.00 70.69 ? 180 THR X C   1 
ATOM   871  O O   . THR A 1 132 ? 11.018  -1.851  -3.471  1.00 70.54 ? 180 THR X O   1 
ATOM   872  C CB  . THR A 1 132 ? 11.295  1.395   -2.802  1.00 69.96 ? 180 THR X CB  1 
ATOM   873  O OG1 . THR A 1 132 ? 10.895  2.702   -3.251  1.00 68.93 ? 180 THR X OG1 1 
ATOM   874  C CG2 . THR A 1 132 ? 12.579  1.016   -3.487  1.00 69.23 ? 180 THR X CG2 1 
ATOM   875  N N   . LEU A 1 133 ? 10.357  -1.359  -1.368  1.00 71.05 ? 181 LEU X N   1 
ATOM   876  C CA  . LEU A 1 133 ? 10.538  -2.714  -0.809  1.00 71.05 ? 181 LEU X CA  1 
ATOM   877  C C   . LEU A 1 133 ? 9.587   -3.716  -1.464  1.00 71.02 ? 181 LEU X C   1 
ATOM   878  O O   . LEU A 1 133 ? 10.015  -4.766  -1.941  1.00 71.07 ? 181 LEU X O   1 
ATOM   879  C CB  . LEU A 1 133 ? 10.315  -2.705  0.719   1.00 71.05 ? 181 LEU X CB  1 
ATOM   880  C CG  . LEU A 1 133 ? 10.176  -4.045  1.467   1.00 71.51 ? 181 LEU X CG  1 
ATOM   881  C CD1 . LEU A 1 133 ? 11.533  -4.733  1.615   1.00 71.92 ? 181 LEU X CD1 1 
ATOM   882  C CD2 . LEU A 1 133 ? 9.528   -3.847  2.839   1.00 71.61 ? 181 LEU X CD2 1 
ATOM   883  N N   . MET A 1 134 ? 8.297   -3.402  -1.480  1.00 70.96 ? 182 MET X N   1 
ATOM   884  C CA  . MET A 1 134 ? 7.315   -4.274  -2.146  1.00 71.11 ? 182 MET X CA  1 
ATOM   885  C C   . MET A 1 134 ? 7.652   -4.522  -3.621  1.00 70.73 ? 182 MET X C   1 
ATOM   886  O O   . MET A 1 134 ? 7.574   -5.654  -4.104  1.00 70.39 ? 182 MET X O   1 
ATOM   887  C CB  . MET A 1 134 ? 5.904   -3.687  -2.022  1.00 71.25 ? 182 MET X CB  1 
ATOM   888  C CG  . MET A 1 134 ? 5.294   -3.842  -0.630  1.00 71.83 ? 182 MET X CG  1 
ATOM   889  S SD  . MET A 1 134 ? 3.602   -3.233  -0.512  1.00 72.51 ? 182 MET X SD  1 
ATOM   890  C CE  . MET A 1 134 ? 3.774   -1.504  -0.906  1.00 71.58 ? 182 MET X CE  1 
ATOM   891  N N   . HIS A 1 135 ? 8.019   -3.461  -4.334  1.00 70.71 ? 183 HIS X N   1 
ATOM   892  C CA  . HIS A 1 135 ? 8.423   -3.575  -5.741  1.00 70.85 ? 183 HIS X CA  1 
ATOM   893  C C   . HIS A 1 135 ? 9.668   -4.480  -5.910  1.00 71.20 ? 183 HIS X C   1 
ATOM   894  O O   . HIS A 1 135 ? 9.710   -5.350  -6.787  1.00 71.10 ? 183 HIS X O   1 
ATOM   895  C CB  . HIS A 1 135 ? 8.666   -2.168  -6.311  1.00 70.54 ? 183 HIS X CB  1 
ATOM   896  C CG  . HIS A 1 135 ? 8.780   -2.117  -7.804  1.00 69.27 ? 183 HIS X CG  1 
ATOM   897  N ND1 . HIS A 1 135 ? 9.665   -1.283  -8.448  1.00 68.17 ? 183 HIS X ND1 1 
ATOM   898  C CD2 . HIS A 1 135 ? 8.107   -2.776  -8.778  1.00 67.40 ? 183 HIS X CD2 1 
ATOM   899  C CE1 . HIS A 1 135 ? 9.535   -1.430  -9.754  1.00 68.69 ? 183 HIS X CE1 1 
ATOM   900  N NE2 . HIS A 1 135 ? 8.594   -2.330  -9.980  1.00 67.44 ? 183 HIS X NE2 1 
ATOM   901  N N   . ARG A 1 136 ? 10.658  -4.277  -5.045  1.00 71.99 ? 184 ARG X N   1 
ATOM   902  C CA  . ARG A 1 136 ? 11.935  -5.018  -5.068  1.00 72.50 ? 184 ARG X CA  1 
ATOM   903  C C   . ARG A 1 136 ? 11.823  -6.483  -4.613  1.00 73.10 ? 184 ARG X C   1 
ATOM   904  O O   . ARG A 1 136 ? 12.358  -7.370  -5.256  1.00 73.27 ? 184 ARG X O   1 
ATOM   905  C CB  . ARG A 1 136 ? 12.937  -4.295  -4.157  1.00 72.36 ? 184 ARG X CB  1 
ATOM   906  C CG  . ARG A 1 136 ? 14.317  -4.929  -4.033  1.00 73.20 ? 184 ARG X CG  1 
ATOM   907  C CD  . ARG A 1 136 ? 15.006  -4.484  -2.731  1.00 73.49 ? 184 ARG X CD  1 
ATOM   908  N N   . ASP A 1 137 ? 11.163  -6.726  -3.481  1.00 73.77 ? 185 ASP X N   1 
ATOM   909  C CA  . ASP A 1 137 ? 11.161  -8.046  -2.863  1.00 74.22 ? 185 ASP X CA  1 
ATOM   910  C C   . ASP A 1 137 ? 9.901   -8.852  -3.149  1.00 73.78 ? 185 ASP X C   1 
ATOM   911  O O   . ASP A 1 137 ? 9.986   -10.010 -3.540  1.00 74.58 ? 185 ASP X O   1 
ATOM   912  C CB  . ASP A 1 137 ? 11.360  -7.926  -1.346  1.00 74.77 ? 185 ASP X CB  1 
ATOM   913  C CG  . ASP A 1 137 ? 12.817  -7.641  -0.954  1.00 77.47 ? 185 ASP X CG  1 
ATOM   914  O OD1 . ASP A 1 137 ? 13.760  -8.034  -1.695  1.00 79.09 ? 185 ASP X OD1 1 
ATOM   915  O OD2 . ASP A 1 137 ? 13.022  -7.032  0.125   1.00 81.80 ? 185 ASP X OD2 1 
ATOM   916  N N   . SER A 1 138 ? 8.745   -8.241  -2.954  1.00 73.29 ? 186 SER X N   1 
ATOM   917  C CA  . SER A 1 138 ? 7.455   -8.935  -3.009  1.00 73.10 ? 186 SER X CA  1 
ATOM   918  C C   . SER A 1 138 ? 6.894   -9.123  -4.414  1.00 72.11 ? 186 SER X C   1 
ATOM   919  O O   . SER A 1 138 ? 6.420   -10.208 -4.758  1.00 72.02 ? 186 SER X O   1 
ATOM   920  C CB  . SER A 1 138 ? 6.418   -8.171  -2.173  1.00 73.18 ? 186 SER X CB  1 
ATOM   921  O OG  . SER A 1 138 ? 6.627   -8.402  -0.793  1.00 75.41 ? 186 SER X OG  1 
ATOM   922  N N   . PHE A 1 139 ? 6.920   -8.053  -5.203  1.00 71.14 ? 187 PHE X N   1 
ATOM   923  C CA  . PHE A 1 139 ? 6.277   -8.033  -6.521  1.00 70.45 ? 187 PHE X CA  1 
ATOM   924  C C   . PHE A 1 139 ? 6.787   -9.090  -7.485  1.00 70.35 ? 187 PHE X C   1 
ATOM   925  O O   . PHE A 1 139 ? 5.975   -9.750  -8.108  1.00 70.37 ? 187 PHE X O   1 
ATOM   926  C CB  . PHE A 1 139 ? 6.392   -6.645  -7.162  1.00 69.89 ? 187 PHE X CB  1 
ATOM   927  C CG  . PHE A 1 139 ? 5.642   -6.494  -8.463  1.00 68.69 ? 187 PHE X CG  1 
ATOM   928  C CD1 . PHE A 1 139 ? 4.285   -6.750  -8.536  1.00 68.65 ? 187 PHE X CD1 1 
ATOM   929  C CD2 . PHE A 1 139 ? 6.292   -6.051  -9.605  1.00 68.11 ? 187 PHE X CD2 1 
ATOM   930  C CE1 . PHE A 1 139 ? 3.593   -6.577  -9.718  1.00 67.71 ? 187 PHE X CE1 1 
ATOM   931  C CE2 . PHE A 1 139 ? 5.601   -5.874  -10.783 1.00 67.64 ? 187 PHE X CE2 1 
ATOM   932  C CZ  . PHE A 1 139 ? 4.248   -6.137  -10.837 1.00 67.55 ? 187 PHE X CZ  1 
ATOM   933  N N   . PRO A 1 140 ? 8.126   -9.258  -7.610  1.00 70.52 ? 188 PRO X N   1 
ATOM   934  C CA  . PRO A 1 140 ? 8.617   -10.265 -8.538  1.00 70.70 ? 188 PRO X CA  1 
ATOM   935  C C   . PRO A 1 140 ? 8.298   -11.707 -8.134  1.00 70.98 ? 188 PRO X C   1 
ATOM   936  O O   . PRO A 1 140 ? 8.224   -12.574 -9.008  1.00 71.30 ? 188 PRO X O   1 
ATOM   937  C CB  . PRO A 1 140 ? 10.134  -10.021 -8.541  1.00 70.89 ? 188 PRO X CB  1 
ATOM   938  C CG  . PRO A 1 140 ? 10.304  -8.647  -8.004  1.00 70.18 ? 188 PRO X CG  1 
ATOM   939  C CD  . PRO A 1 140 ? 9.254   -8.574  -6.959  1.00 70.21 ? 188 PRO X CD  1 
ATOM   940  N N   . ARG A 1 141 ? 8.121   -11.967 -6.838  1.00 71.12 ? 189 ARG X N   1 
ATOM   941  C CA  . ARG A 1 141 ? 7.657   -13.291 -6.381  1.00 71.35 ? 189 ARG X CA  1 
ATOM   942  C C   . ARG A 1 141 ? 6.153   -13.419 -6.587  1.00 70.73 ? 189 ARG X C   1 
ATOM   943  O O   . ARG A 1 141 ? 5.657   -14.512 -6.795  1.00 70.69 ? 189 ARG X O   1 
ATOM   944  C CB  . ARG A 1 141 ? 8.003   -13.545 -4.907  1.00 71.29 ? 189 ARG X CB  1 
ATOM   945  C CG  . ARG A 1 141 ? 9.457   -13.968 -4.662  1.00 72.47 ? 189 ARG X CG  1 
ATOM   946  C CD  . ARG A 1 141 ? 9.666   -14.483 -3.228  1.00 73.13 ? 189 ARG X CD  1 
ATOM   947  N NE  . ARG A 1 141 ? 9.237   -13.505 -2.218  1.00 75.25 ? 189 ARG X NE  1 
ATOM   948  C CZ  . ARG A 1 141 ? 9.977   -12.494 -1.760  1.00 75.73 ? 189 ARG X CZ  1 
ATOM   949  N NH1 . ARG A 1 141 ? 11.221  -12.289 -2.188  1.00 76.81 ? 189 ARG X NH1 1 
ATOM   950  N NH2 . ARG A 1 141 ? 9.466   -11.677 -0.849  1.00 76.12 ? 189 ARG X NH2 1 
ATOM   951  N N   . PHE A 1 142 ? 5.432   -12.300 -6.524  1.00 70.39 ? 190 PHE X N   1 
ATOM   952  C CA  . PHE A 1 142 ? 4.009   -12.281 -6.867  1.00 70.19 ? 190 PHE X CA  1 
ATOM   953  C C   . PHE A 1 142 ? 3.793   -12.692 -8.332  1.00 70.29 ? 190 PHE X C   1 
ATOM   954  O O   . PHE A 1 142 ? 2.905   -13.495 -8.623  1.00 70.18 ? 190 PHE X O   1 
ATOM   955  C CB  . PHE A 1 142 ? 3.391   -10.896 -6.564  1.00 70.02 ? 190 PHE X CB  1 
ATOM   956  C CG  . PHE A 1 142 ? 1.959   -10.737 -7.023  1.00 69.66 ? 190 PHE X CG  1 
ATOM   957  C CD1 . PHE A 1 142 ? 0.933   -11.437 -6.407  1.00 68.85 ? 190 PHE X CD1 1 
ATOM   958  C CD2 . PHE A 1 142 ? 1.639   -9.875  -8.069  1.00 69.84 ? 190 PHE X CD2 1 
ATOM   959  C CE1 . PHE A 1 142 ? -0.387  -11.300 -6.827  1.00 67.97 ? 190 PHE X CE1 1 
ATOM   960  C CE2 . PHE A 1 142 ? 0.322   -9.719  -8.482  1.00 69.34 ? 190 PHE X CE2 1 
ATOM   961  C CZ  . PHE A 1 142 ? -0.692  -10.436 -7.859  1.00 68.63 ? 190 PHE X CZ  1 
ATOM   962  N N   . LEU A 1 143 ? 4.623   -12.186 -9.244  1.00 70.42 ? 191 LEU X N   1 
ATOM   963  C CA  . LEU A 1 143 ? 4.444   -12.479 -10.669 1.00 70.87 ? 191 LEU X CA  1 
ATOM   964  C C   . LEU A 1 143 ? 4.694   -13.959 -11.033 1.00 71.12 ? 191 LEU X C   1 
ATOM   965  O O   . LEU A 1 143 ? 4.244   -14.435 -12.084 1.00 70.87 ? 191 LEU X O   1 
ATOM   966  C CB  . LEU A 1 143 ? 5.319   -11.558 -11.531 1.00 70.95 ? 191 LEU X CB  1 
ATOM   967  C CG  . LEU A 1 143 ? 5.048   -10.050 -11.492 1.00 71.17 ? 191 LEU X CG  1 
ATOM   968  C CD1 . LEU A 1 143 ? 6.039   -9.337  -12.415 1.00 71.84 ? 191 LEU X CD1 1 
ATOM   969  C CD2 . LEU A 1 143 ? 3.610   -9.700  -11.873 1.00 70.75 ? 191 LEU X CD2 1 
ATOM   970  N N   . ASN A 1 144 ? 5.412   -14.673 -10.166 1.00 71.54 ? 192 ASN X N   1 
ATOM   971  C CA  . ASN A 1 144 ? 5.605   -16.126 -10.301 1.00 71.56 ? 192 ASN X CA  1 
ATOM   972  C C   . ASN A 1 144 ? 4.721   -16.953 -9.363  1.00 71.27 ? 192 ASN X C   1 
ATOM   973  O O   . ASN A 1 144 ? 4.842   -18.162 -9.321  1.00 71.85 ? 192 ASN X O   1 
ATOM   974  C CB  . ASN A 1 144 ? 7.079   -16.484 -10.055 1.00 71.66 ? 192 ASN X CB  1 
ATOM   975  C CG  . ASN A 1 144 ? 8.022   -15.845 -11.070 1.00 72.59 ? 192 ASN X CG  1 
ATOM   976  O OD1 . ASN A 1 144 ? 9.199   -15.642 -10.784 1.00 74.60 ? 192 ASN X OD1 1 
ATOM   977  N ND2 . ASN A 1 144 ? 7.510   -15.534 -12.259 1.00 73.06 ? 192 ASN X ND2 1 
ATOM   978  N N   . SER A 1 145 ? 3.837   -16.308 -8.609  1.00 71.32 ? 193 SER X N   1 
ATOM   979  C CA  . SER A 1 145 ? 2.941   -17.011 -7.697  1.00 71.05 ? 193 SER X CA  1 
ATOM   980  C C   . SER A 1 145 ? 1.816   -17.724 -8.459  1.00 71.35 ? 193 SER X C   1 
ATOM   981  O O   . SER A 1 145 ? 1.513   -17.390 -9.606  1.00 71.11 ? 193 SER X O   1 
ATOM   982  C CB  . SER A 1 145 ? 2.364   -16.050 -6.644  1.00 71.03 ? 193 SER X CB  1 
ATOM   983  O OG  . SER A 1 145 ? 1.456   -15.104 -7.196  1.00 70.13 ? 193 SER X OG  1 
ATOM   984  N N   . GLN A 1 146 ? 1.230   -18.736 -7.820  1.00 71.63 ? 194 GLN X N   1 
ATOM   985  C CA  . GLN A 1 146 ? 0.028   -19.385 -8.335  1.00 71.76 ? 194 GLN X CA  1 
ATOM   986  C C   . GLN A 1 146 ? -1.143  -18.414 -8.304  1.00 71.94 ? 194 GLN X C   1 
ATOM   987  O O   . GLN A 1 146 ? -1.931  -18.364 -9.241  1.00 71.72 ? 194 GLN X O   1 
ATOM   988  C CB  . GLN A 1 146 ? -0.321  -20.629 -7.511  1.00 71.97 ? 194 GLN X CB  1 
ATOM   989  N N   . ILE A 1 147 ? -1.243  -17.635 -7.225  1.00 72.21 ? 195 ILE X N   1 
ATOM   990  C CA  . ILE A 1 147 ? -2.337  -16.668 -7.050  1.00 72.20 ? 195 ILE X CA  1 
ATOM   991  C C   . ILE A 1 147 ? -2.470  -15.777 -8.293  1.00 72.35 ? 195 ILE X C   1 
ATOM   992  O O   . ILE A 1 147 ? -3.561  -15.683 -8.864  1.00 72.09 ? 195 ILE X O   1 
ATOM   993  C CB  . ILE A 1 147 ? -2.161  -15.845 -5.741  1.00 72.16 ? 195 ILE X CB  1 
ATOM   994  C CG1 . ILE A 1 147 ? -2.448  -16.733 -4.520  1.00 72.29 ? 195 ILE X CG1 1 
ATOM   995  C CG2 . ILE A 1 147 ? -3.092  -14.630 -5.710  1.00 72.18 ? 195 ILE X CG2 1 
ATOM   996  C CD1 . ILE A 1 147 ? -1.946  -16.158 -3.183  1.00 71.97 ? 195 ILE X CD1 1 
ATOM   997  N N   . TYR A 1 148 ? -1.353  -15.171 -8.717  1.00 72.61 ? 196 TYR X N   1 
ATOM   998  C CA  . TYR A 1 148 ? -1.297  -14.329 -9.929  1.00 72.83 ? 196 TYR X CA  1 
ATOM   999  C C   . TYR A 1 148 ? -1.579  -15.107 -11.218 1.00 72.90 ? 196 TYR X C   1 
ATOM   1000 O O   . TYR A 1 148 ? -2.531  -14.798 -11.945 1.00 72.82 ? 196 TYR X O   1 
ATOM   1001 C CB  . TYR A 1 148 ? 0.074   -13.657 -10.063 1.00 73.02 ? 196 TYR X CB  1 
ATOM   1002 C CG  . TYR A 1 148 ? 0.254   -12.897 -11.368 1.00 73.77 ? 196 TYR X CG  1 
ATOM   1003 C CD1 . TYR A 1 148 ? -0.387  -11.684 -11.572 1.00 74.66 ? 196 TYR X CD1 1 
ATOM   1004 C CD2 . TYR A 1 148 ? 1.059   -13.392 -12.396 1.00 73.95 ? 196 TYR X CD2 1 
ATOM   1005 C CE1 . TYR A 1 148 ? -0.246  -10.981 -12.751 1.00 74.52 ? 196 TYR X CE1 1 
ATOM   1006 C CE2 . TYR A 1 148 ? 1.212   -12.690 -13.586 1.00 73.53 ? 196 TYR X CE2 1 
ATOM   1007 C CZ  . TYR A 1 148 ? 0.554   -11.480 -13.753 1.00 74.25 ? 196 TYR X CZ  1 
ATOM   1008 O OH  . TYR A 1 148 ? 0.675   -10.745 -14.916 1.00 74.27 ? 196 TYR X OH  1 
ATOM   1009 N N   . LYS A 1 149 ? -0.737  -16.104 -11.495 1.00 72.95 ? 197 LYS X N   1 
ATOM   1010 C CA  . LYS A 1 149 ? -0.828  -16.913 -12.715 1.00 72.88 ? 197 LYS X CA  1 
ATOM   1011 C C   . LYS A 1 149 ? -2.193  -17.570 -12.874 1.00 72.91 ? 197 LYS X C   1 
ATOM   1012 O O   . LYS A 1 149 ? -2.684  -17.723 -13.994 1.00 73.35 ? 197 LYS X O   1 
ATOM   1013 C CB  . LYS A 1 149 ? 0.271   -17.988 -12.736 1.00 72.84 ? 197 LYS X CB  1 
ATOM   1014 N N   . SER A 1 150 ? -2.786  -17.978 -11.755 1.00 72.96 ? 198 SER X N   1 
ATOM   1015 C CA  . SER A 1 150 ? -4.159  -18.479 -11.727 1.00 72.94 ? 198 SER X CA  1 
ATOM   1016 C C   . SER A 1 150 ? -5.153  -17.357 -12.064 1.00 72.98 ? 198 SER X C   1 
ATOM   1017 O O   . SER A 1 150 ? -6.131  -17.579 -12.778 1.00 72.57 ? 198 SER X O   1 
ATOM   1018 C CB  . SER A 1 150 ? -4.465  -19.077 -10.350 1.00 72.86 ? 198 SER X CB  1 
ATOM   1019 O OG  . SER A 1 150 ? -5.743  -19.667 -10.302 1.00 73.10 ? 198 SER X OG  1 
ATOM   1020 N N   . PHE A 1 151 ? -4.890  -16.153 -11.550 1.00 73.40 ? 199 PHE X N   1 
ATOM   1021 C CA  . PHE A 1 151 ? -5.727  -14.987 -11.846 1.00 73.50 ? 199 PHE X CA  1 
ATOM   1022 C C   . PHE A 1 151 ? -5.675  -14.589 -13.331 1.00 73.82 ? 199 PHE X C   1 
ATOM   1023 O O   . PHE A 1 151 ? -6.722  -14.350 -13.933 1.00 73.77 ? 199 PHE X O   1 
ATOM   1024 C CB  . PHE A 1 151 ? -5.357  -13.785 -10.964 1.00 73.32 ? 199 PHE X CB  1 
ATOM   1025 C CG  . PHE A 1 151 ? -6.204  -12.565 -11.232 1.00 73.21 ? 199 PHE X CG  1 
ATOM   1026 C CD1 . PHE A 1 151 ? -7.387  -12.354 -10.534 1.00 72.94 ? 199 PHE X CD1 1 
ATOM   1027 C CD2 . PHE A 1 151 ? -5.832  -11.647 -12.208 1.00 72.26 ? 199 PHE X CD2 1 
ATOM   1028 C CE1 . PHE A 1 151 ? -8.174  -11.248 -10.798 1.00 72.90 ? 199 PHE X CE1 1 
ATOM   1029 C CE2 . PHE A 1 151 ? -6.616  -10.550 -12.481 1.00 72.21 ? 199 PHE X CE2 1 
ATOM   1030 C CZ  . PHE A 1 151 ? -7.786  -10.345 -11.778 1.00 72.88 ? 199 PHE X CZ  1 
ATOM   1031 N N   . VAL A 1 152 ? -4.481  -14.510 -13.923 1.00 74.31 ? 200 VAL X N   1 
ATOM   1032 C CA  . VAL A 1 152 ? -4.395  -14.135 -15.351 1.00 74.77 ? 200 VAL X CA  1 
ATOM   1033 C C   . VAL A 1 152 ? -5.019  -15.215 -16.231 1.00 74.64 ? 200 VAL X C   1 
ATOM   1034 O O   . VAL A 1 152 ? -5.642  -14.904 -17.238 1.00 74.62 ? 200 VAL X O   1 
ATOM   1035 C CB  . VAL A 1 152 ? -2.949  -13.782 -15.865 1.00 74.87 ? 200 VAL X CB  1 
ATOM   1036 C CG1 . VAL A 1 152 ? -2.169  -12.985 -14.823 1.00 74.85 ? 200 VAL X CG1 1 
ATOM   1037 C CG2 . VAL A 1 152 ? -2.175  -15.013 -16.337 1.00 75.02 ? 200 VAL X CG2 1 
ATOM   1038 N N   . GLU A 1 153 ? -4.849  -16.470 -15.823 1.00 74.87 ? 201 GLU X N   1 
ATOM   1039 C CA  . GLU A 1 153 ? -5.438  -17.628 -16.500 1.00 75.29 ? 201 GLU X CA  1 
ATOM   1040 C C   . GLU A 1 153 ? -6.973  -17.549 -16.558 1.00 75.41 ? 201 GLU X C   1 
ATOM   1041 O O   . GLU A 1 153 ? -7.579  -17.886 -17.575 1.00 75.22 ? 201 GLU X O   1 
ATOM   1042 C CB  . GLU A 1 153 ? -5.001  -18.900 -15.770 1.00 75.29 ? 201 GLU X CB  1 
ATOM   1043 C CG  . GLU A 1 153 ? -5.305  -20.206 -16.464 1.00 75.55 ? 201 GLU X CG  1 
ATOM   1044 C CD  . GLU A 1 153 ? -4.870  -21.412 -15.640 1.00 75.78 ? 201 GLU X CD  1 
ATOM   1045 O OE1 . GLU A 1 153 ? -4.436  -21.232 -14.481 1.00 76.48 ? 201 GLU X OE1 1 
ATOM   1046 O OE2 . GLU A 1 153 ? -4.964  -22.550 -16.150 1.00 77.25 ? 201 GLU X OE2 1 
ATOM   1047 N N   . SER A 1 154 ? -7.586  -17.094 -15.469 1.00 75.73 ? 202 SER X N   1 
ATOM   1048 C CA  . SER A 1 154 ? -9.042  -16.912 -15.411 1.00 75.89 ? 202 SER X CA  1 
ATOM   1049 C C   . SER A 1 154 ? -9.539  -15.748 -16.263 1.00 75.91 ? 202 SER X C   1 
ATOM   1050 O O   . SER A 1 154 ? -10.554 -15.878 -16.936 1.00 75.78 ? 202 SER X O   1 
ATOM   1051 C CB  . SER A 1 154 ? -9.514  -16.725 -13.967 1.00 75.89 ? 202 SER X CB  1 
ATOM   1052 O OG  . SER A 1 154 ? -9.736  -17.985 -13.361 1.00 76.84 ? 202 SER X OG  1 
ATOM   1053 N N   . THR A 1 155 ? -8.835  -14.615 -16.239 1.00 76.21 ? 203 THR X N   1 
ATOM   1054 C CA  . THR A 1 155 ? -9.275  -13.442 -17.007 1.00 76.42 ? 203 THR X CA  1 
ATOM   1055 C C   . THR A 1 155 ? -9.046  -13.612 -18.517 1.00 76.27 ? 203 THR X C   1 
ATOM   1056 O O   . THR A 1 155 ? -9.625  -12.880 -19.317 1.00 75.99 ? 203 THR X O   1 
ATOM   1057 C CB  . THR A 1 155 ? -8.637  -12.113 -16.504 1.00 76.58 ? 203 THR X CB  1 
ATOM   1058 O OG1 . THR A 1 155 ? -7.230  -12.127 -16.735 1.00 77.49 ? 203 THR X OG1 1 
ATOM   1059 C CG2 . THR A 1 155 ? -8.916  -11.895 -15.008 1.00 76.42 ? 203 THR X CG2 1 
ATOM   1060 N N   . ALA A 1 156 ? -8.217  -14.587 -18.892 1.00 76.40 ? 204 ALA X N   1 
ATOM   1061 C CA  . ALA A 1 156 ? -8.017  -14.970 -20.297 1.00 76.57 ? 204 ALA X CA  1 
ATOM   1062 C C   . ALA A 1 156 ? -8.869  -16.183 -20.673 1.00 76.55 ? 204 ALA X C   1 
ATOM   1063 O O   . ALA A 1 156 ? -10.074 -16.216 -20.416 1.00 76.79 ? 204 ALA X O   1 
ATOM   1064 C CB  . ALA A 1 156 ? -6.546  -15.266 -20.556 1.00 76.49 ? 204 ALA X CB  1 
HETATM 1065 O O   . HOH B 2 .   ? 11.934  7.172   1.135   1.00 55.73 ? 1   HOH X O   1 
HETATM 1066 O O   . HOH B 2 .   ? -8.183  3.306   4.899   1.00 85.44 ? 2   HOH X O   1 
HETATM 1067 O O   . HOH B 2 .   ? 6.979   -2.233  -12.421 1.00 53.59 ? 3   HOH X O   1 
HETATM 1068 O O   . HOH B 2 .   ? 4.469   5.265   -3.265  1.00 64.77 ? 4   HOH X O   1 
HETATM 1069 O O   . HOH B 2 .   ? 1.308   11.080  4.131   1.00 61.61 ? 5   HOH X O   1 
HETATM 1070 O O   . HOH B 2 .   ? 0.173   -10.301 6.758   1.00 74.79 ? 6   HOH X O   1 
HETATM 1071 O O   . HOH B 2 .   ? 0.329   -18.363 -4.455  1.00 76.98 ? 11  HOH X O   1 
HETATM 1072 O O   . HOH B 2 .   ? 6.013   9.188   -1.506  1.00 67.67 ? 12  HOH X O   1 
# 
loop_
_pdbx_poly_seq_scheme.asym_id 
_pdbx_poly_seq_scheme.entity_id 
_pdbx_poly_seq_scheme.seq_id 
_pdbx_poly_seq_scheme.mon_id 
_pdbx_poly_seq_scheme.ndb_seq_num 
_pdbx_poly_seq_scheme.pdb_seq_num 
_pdbx_poly_seq_scheme.auth_seq_num 
_pdbx_poly_seq_scheme.pdb_mon_id 
_pdbx_poly_seq_scheme.auth_mon_id 
_pdbx_poly_seq_scheme.pdb_strand_id 
_pdbx_poly_seq_scheme.pdb_ins_code 
_pdbx_poly_seq_scheme.hetero 
A 1 1   MET 1   49  ?   ?   ?   X . n 
A 1 2   HIS 2   50  ?   ?   ?   X . n 
A 1 3   HIS 3   51  ?   ?   ?   X . n 
A 1 4   HIS 4   52  ?   ?   ?   X . n 
A 1 5   HIS 5   53  ?   ?   ?   X . n 
A 1 6   HIS 6   54  ?   ?   ?   X . n 
A 1 7   HIS 7   55  ?   ?   ?   X . n 
A 1 8   SER 8   56  ?   ?   ?   X . n 
A 1 9   SER 9   57  ?   ?   ?   X . n 
A 1 10  GLY 10  58  ?   ?   ?   X . n 
A 1 11  VAL 11  59  ?   ?   ?   X . n 
A 1 12  ASP 12  60  ?   ?   ?   X . n 
A 1 13  LEU 13  61  ?   ?   ?   X . n 
A 1 14  GLY 14  62  ?   ?   ?   X . n 
A 1 15  THR 15  63  ?   ?   ?   X . n 
A 1 16  GLU 16  64  ?   ?   ?   X . n 
A 1 17  ASN 17  65  ?   ?   ?   X . n 
A 1 18  LEU 18  66  66  LEU LEU X . n 
A 1 19  TYR 19  67  67  TYR TYR X . n 
A 1 20  PHE 20  68  68  PHE PHE X . n 
A 1 21  GLN 21  69  69  GLN GLN X . n 
A 1 22  SER 22  70  70  SER SER X . n 
A 1 23  MET 23  71  71  MET MET X . n 
A 1 24  ASN 24  72  72  ASN ASN X . n 
A 1 25  PRO 25  73  73  PRO PRO X . n 
A 1 26  THR 26  74  74  THR THR X . n 
A 1 27  ALA 27  75  75  ALA ALA X . n 
A 1 28  GLU 28  76  76  GLU GLU X . n 
A 1 29  GLU 29  77  77  GLU GLU X . n 
A 1 30  VAL 30  78  78  VAL VAL X . n 
A 1 31  LEU 31  79  79  LEU LEU X . n 
A 1 32  SER 32  80  80  SER SER X . n 
A 1 33  TRP 33  81  81  TRP TRP X . n 
A 1 34  SER 34  82  82  SER SER X . n 
A 1 35  GLN 35  83  83  GLN GLN X . n 
A 1 36  ASN 36  84  84  ASN ASN X . n 
A 1 37  PHE 37  85  85  PHE PHE X . n 
A 1 38  ASP 38  86  86  ASP ASP X . n 
A 1 39  LYS 39  87  87  LYS LYS X . n 
A 1 40  MET 40  88  88  MET MET X . n 
A 1 41  MET 41  89  89  MET MET X . n 
A 1 42  LYS 42  90  90  LYS LYS X . n 
A 1 43  ALA 43  91  91  ALA ALA X . n 
A 1 44  PRO 44  92  92  PRO PRO X . n 
A 1 45  ALA 45  93  93  ALA ALA X . n 
A 1 46  GLY 46  94  94  GLY GLY X . n 
A 1 47  ARG 47  95  95  ARG ARG X . n 
A 1 48  ASN 48  96  96  ASN ASN X . n 
A 1 49  LEU 49  97  97  LEU LEU X . n 
A 1 50  PHE 50  98  98  PHE PHE X . n 
A 1 51  ARG 51  99  99  ARG ARG X . n 
A 1 52  GLU 52  100 100 GLU GLU X . n 
A 1 53  PHE 53  101 101 PHE PHE X . n 
A 1 54  LEU 54  102 102 LEU LEU X . n 
A 1 55  ARG 55  103 103 ARG ARG X . n 
A 1 56  THR 56  104 104 THR THR X . n 
A 1 57  GLU 57  105 105 GLU GLU X . n 
A 1 58  TYR 58  106 106 TYR TYR X . n 
A 1 59  SER 59  107 107 SER SER X . n 
A 1 60  GLU 60  108 108 GLU GLU X . n 
A 1 61  GLU 61  109 109 GLU GLU X . n 
A 1 62  ASN 62  110 110 ASN ASN X . n 
A 1 63  LEU 63  111 111 LEU LEU X . n 
A 1 64  LEU 64  112 112 LEU LEU X . n 
A 1 65  PHE 65  113 113 PHE PHE X . n 
A 1 66  TRP 66  114 114 TRP TRP X . n 
A 1 67  LEU 67  115 115 LEU LEU X . n 
A 1 68  ALA 68  116 116 ALA ALA X . n 
A 1 69  CYS 69  117 117 CYS CYS X . n 
A 1 70  GLU 70  118 118 GLU GLU X . n 
A 1 71  ASP 71  119 119 ASP ASP X . n 
A 1 72  LEU 72  120 120 LEU LEU X . n 
A 1 73  LYS 73  121 121 LYS LYS X . n 
A 1 74  LYS 74  122 122 LYS LYS X . n 
A 1 75  GLU 75  123 123 GLU GLU X . n 
A 1 76  GLN 76  124 124 GLN GLN X . n 
A 1 77  ASN 77  125 125 ASN ASN X . n 
A 1 78  LYS 78  126 126 LYS LYS X . n 
A 1 79  LYS 79  127 127 LYS LYS X . n 
A 1 80  VAL 80  128 128 VAL VAL X . n 
A 1 81  ILE 81  129 129 ILE ILE X . n 
A 1 82  GLU 82  130 130 GLU GLU X . n 
A 1 83  GLU 83  131 131 GLU GLU X . n 
A 1 84  LYS 84  132 132 LYS LYS X . n 
A 1 85  ALA 85  133 133 ALA ALA X . n 
A 1 86  ARG 86  134 134 ARG ARG X . n 
A 1 87  MET 87  135 135 MET MET X . n 
A 1 88  ILE 88  136 136 ILE ILE X . n 
A 1 89  TYR 89  137 137 TYR TYR X . n 
A 1 90  GLU 90  138 138 GLU GLU X . n 
A 1 91  ASP 91  139 139 ASP ASP X . n 
A 1 92  TYR 92  140 140 TYR TYR X . n 
A 1 93  ILE 93  141 141 ILE ILE X . n 
A 1 94  SER 94  142 142 SER SER X . n 
A 1 95  ILE 95  143 143 ILE ILE X . n 
A 1 96  LEU 96  144 144 LEU LEU X . n 
A 1 97  SER 97  145 ?   ?   ?   X . n 
A 1 98  PRO 98  146 146 PRO PRO X . n 
A 1 99  LYS 99  147 147 LYS LYS X . n 
A 1 100 GLU 100 148 148 GLU GLU X . n 
A 1 101 VAL 101 149 149 VAL VAL X . n 
A 1 102 SER 102 150 150 SER SER X . n 
A 1 103 LEU 103 151 151 LEU LEU X . n 
A 1 104 ASP 104 152 152 ASP ASP X . n 
A 1 105 SER 105 153 153 SER SER X . n 
A 1 106 ARG 106 154 154 ARG ARG X . n 
A 1 107 VAL 107 155 155 VAL VAL X . n 
A 1 108 ARG 108 156 156 ARG ARG X . n 
A 1 109 GLU 109 157 157 GLU GLU X . n 
A 1 110 VAL 110 158 158 VAL VAL X . n 
A 1 111 ILE 111 159 159 ILE ILE X . n 
A 1 112 ASN 112 160 160 ASN ASN X . n 
A 1 113 ARG 113 161 161 ARG ARG X . n 
A 1 114 ASN 114 162 162 ASN ASN X . n 
A 1 115 LEU 115 163 163 LEU LEU X . n 
A 1 116 LEU 116 164 164 LEU LEU X . n 
A 1 117 ASP 117 165 165 ASP ASP X . n 
A 1 118 PRO 118 166 166 PRO PRO X . n 
A 1 119 ASN 119 167 167 ASN ASN X . n 
A 1 120 PRO 120 168 168 PRO PRO X . n 
A 1 121 HIS 121 169 169 HIS HIS X . n 
A 1 122 MET 122 170 170 MET MET X . n 
A 1 123 TYR 123 171 171 TYR TYR X . n 
A 1 124 GLU 124 172 172 GLU GLU X . n 
A 1 125 ASP 125 173 173 ASP ASP X . n 
A 1 126 ALA 126 174 174 ALA ALA X . n 
A 1 127 GLN 127 175 175 GLN GLN X . n 
A 1 128 LEU 128 176 176 LEU LEU X . n 
A 1 129 GLN 129 177 177 GLN GLN X . n 
A 1 130 ILE 130 178 178 ILE ILE X . n 
A 1 131 TYR 131 179 179 TYR TYR X . n 
A 1 132 THR 132 180 180 THR THR X . n 
A 1 133 LEU 133 181 181 LEU LEU X . n 
A 1 134 MET 134 182 182 MET MET X . n 
A 1 135 HIS 135 183 183 HIS HIS X . n 
A 1 136 ARG 136 184 184 ARG ARG X . n 
A 1 137 ASP 137 185 185 ASP ASP X . n 
A 1 138 SER 138 186 186 SER SER X . n 
A 1 139 PHE 139 187 187 PHE PHE X . n 
A 1 140 PRO 140 188 188 PRO PRO X . n 
A 1 141 ARG 141 189 189 ARG ARG X . n 
A 1 142 PHE 142 190 190 PHE PHE X . n 
A 1 143 LEU 143 191 191 LEU LEU X . n 
A 1 144 ASN 144 192 192 ASN ASN X . n 
A 1 145 SER 145 193 193 SER SER X . n 
A 1 146 GLN 146 194 194 GLN GLN X . n 
A 1 147 ILE 147 195 195 ILE ILE X . n 
A 1 148 TYR 148 196 196 TYR TYR X . n 
A 1 149 LYS 149 197 197 LYS LYS X . n 
A 1 150 SER 150 198 198 SER SER X . n 
A 1 151 PHE 151 199 199 PHE PHE X . n 
A 1 152 VAL 152 200 200 VAL VAL X . n 
A 1 153 GLU 153 201 201 GLU GLU X . n 
A 1 154 SER 154 202 202 SER SER X . n 
A 1 155 THR 155 203 203 THR THR X . n 
A 1 156 ALA 156 204 204 ALA ALA X . n 
A 1 157 GLY 157 205 ?   ?   ?   X . n 
A 1 158 SER 158 206 ?   ?   ?   X . n 
# 
_pdbx_SG_project.id                    1 
_pdbx_SG_project.project_name          ? 
_pdbx_SG_project.full_name_of_center   'Structural Genomics Consortium' 
_pdbx_SG_project.initial_of_center     SGC 
# 
loop_
_pdbx_nonpoly_scheme.asym_id 
_pdbx_nonpoly_scheme.entity_id 
_pdbx_nonpoly_scheme.mon_id 
_pdbx_nonpoly_scheme.ndb_seq_num 
_pdbx_nonpoly_scheme.pdb_seq_num 
_pdbx_nonpoly_scheme.auth_seq_num 
_pdbx_nonpoly_scheme.pdb_mon_id 
_pdbx_nonpoly_scheme.auth_mon_id 
_pdbx_nonpoly_scheme.pdb_strand_id 
_pdbx_nonpoly_scheme.pdb_ins_code 
B 2 HOH 1 1  1  HOH HOH X . 
B 2 HOH 2 2  2  HOH HOH X . 
B 2 HOH 3 3  3  HOH HOH X . 
B 2 HOH 4 4  4  HOH HOH X . 
B 2 HOH 5 5  5  HOH HOH X . 
B 2 HOH 6 6  6  HOH HOH X . 
B 2 HOH 7 11 11 HOH HOH X . 
B 2 HOH 8 12 12 HOH HOH X . 
# 
_pdbx_struct_assembly.id                   1 
_pdbx_struct_assembly.details              author_defined_assembly 
_pdbx_struct_assembly.method_details       ? 
_pdbx_struct_assembly.oligomeric_details   monomeric 
_pdbx_struct_assembly.oligomeric_count     1 
# 
_pdbx_struct_assembly_gen.assembly_id       1 
_pdbx_struct_assembly_gen.oper_expression   1 
_pdbx_struct_assembly_gen.asym_id_list      A,B 
# 
_pdbx_struct_oper_list.id                   1 
_pdbx_struct_oper_list.type                 'identity operation' 
_pdbx_struct_oper_list.name                 1_555 
_pdbx_struct_oper_list.symmetry_operation   x,y,z 
_pdbx_struct_oper_list.matrix[1][1]         1.0000000000 
_pdbx_struct_oper_list.matrix[1][2]         0.0000000000 
_pdbx_struct_oper_list.matrix[1][3]         0.0000000000 
_pdbx_struct_oper_list.vector[1]            0.0000000000 
_pdbx_struct_oper_list.matrix[2][1]         0.0000000000 
_pdbx_struct_oper_list.matrix[2][2]         1.0000000000 
_pdbx_struct_oper_list.matrix[2][3]         0.0000000000 
_pdbx_struct_oper_list.vector[2]            0.0000000000 
_pdbx_struct_oper_list.matrix[3][1]         0.0000000000 
_pdbx_struct_oper_list.matrix[3][2]         0.0000000000 
_pdbx_struct_oper_list.matrix[3][3]         1.0000000000 
_pdbx_struct_oper_list.vector[3]            0.0000000000 
# 
loop_
_pdbx_audit_revision_history.ordinal 
_pdbx_audit_revision_history.data_content_type 
_pdbx_audit_revision_history.major_revision 
_pdbx_audit_revision_history.minor_revision 
_pdbx_audit_revision_history.revision_date 
1 'Structure model' 1 0 2005-06-28 
2 'Structure model' 1 1 2008-04-30 
3 'Structure model' 1 2 2011-07-13 
4 'Structure model' 1 3 2023-08-23 
# 
_pdbx_audit_revision_details.ordinal             1 
_pdbx_audit_revision_details.revision_ordinal    1 
_pdbx_audit_revision_details.data_content_type   'Structure model' 
_pdbx_audit_revision_details.provider            repository 
_pdbx_audit_revision_details.type                'Initial release' 
_pdbx_audit_revision_details.description         ? 
_pdbx_audit_revision_details.details             ? 
# 
loop_
_pdbx_audit_revision_group.ordinal 
_pdbx_audit_revision_group.revision_ordinal 
_pdbx_audit_revision_group.data_content_type 
_pdbx_audit_revision_group.group 
1 2 'Structure model' 'Version format compliance' 
2 3 'Structure model' Advisory                    
3 3 'Structure model' 'Version format compliance' 
4 4 'Structure model' 'Data collection'           
5 4 'Structure model' 'Database references'       
6 4 'Structure model' 'Refinement description'    
# 
loop_
_pdbx_audit_revision_category.ordinal 
_pdbx_audit_revision_category.revision_ordinal 
_pdbx_audit_revision_category.data_content_type 
_pdbx_audit_revision_category.category 
1 4 'Structure model' chem_comp_atom                
2 4 'Structure model' chem_comp_bond                
3 4 'Structure model' database_2                    
4 4 'Structure model' pdbx_initial_refinement_model 
5 4 'Structure model' struct_ref_seq_dif            
# 
loop_
_pdbx_audit_revision_item.ordinal 
_pdbx_audit_revision_item.revision_ordinal 
_pdbx_audit_revision_item.data_content_type 
_pdbx_audit_revision_item.item 
1 4 'Structure model' '_database_2.pdbx_DOI'                
2 4 'Structure model' '_database_2.pdbx_database_accession' 
3 4 'Structure model' '_struct_ref_seq_dif.details'         
# 
loop_
_pdbx_refine_tls.id 
_pdbx_refine_tls.details 
_pdbx_refine_tls.method 
_pdbx_refine_tls.origin_x 
_pdbx_refine_tls.origin_y 
_pdbx_refine_tls.origin_z 
_pdbx_refine_tls.T[1][1] 
_pdbx_refine_tls.T[2][2] 
_pdbx_refine_tls.T[3][3] 
_pdbx_refine_tls.T[1][2] 
_pdbx_refine_tls.T[1][3] 
_pdbx_refine_tls.T[2][3] 
_pdbx_refine_tls.L[1][1] 
_pdbx_refine_tls.L[2][2] 
_pdbx_refine_tls.L[3][3] 
_pdbx_refine_tls.L[1][2] 
_pdbx_refine_tls.L[1][3] 
_pdbx_refine_tls.L[2][3] 
_pdbx_refine_tls.S[1][1] 
_pdbx_refine_tls.S[1][2] 
_pdbx_refine_tls.S[1][3] 
_pdbx_refine_tls.S[2][1] 
_pdbx_refine_tls.S[2][2] 
_pdbx_refine_tls.S[2][3] 
_pdbx_refine_tls.S[3][1] 
_pdbx_refine_tls.S[3][2] 
_pdbx_refine_tls.S[3][3] 
_pdbx_refine_tls.pdbx_refine_id 
1 ? refined -7.2755 -9.3547 -13.5018 0.2755  0.0953  -0.1074 -0.0706 0.1009  -0.2202 6.3414 4.8794 11.4403 1.3950 -0.1855 -0.8273 0.3794 0.2389  -0.0402 -0.1149 -0.1844 0.7311 0.3788 -1.8297 -0.1950 'X-RAY DIFFRACTION' 
2 ? refined 2.0722  1.8361  2.8551   -0.0797 -0.2158 -0.3349 0.0535  -0.0124 -0.0165 4.2900 7.1345 9.8397  1.3929 -0.7752 4.2349  0.0586 -0.4697 -0.0799 0.5379  -0.4203 0.1931 0.2394 -0.4685 0.3618  'X-RAY DIFFRACTION' 
# 
loop_
_pdbx_refine_tls_group.id 
_pdbx_refine_tls_group.refine_tls_id 
_pdbx_refine_tls_group.beg_auth_asym_id 
_pdbx_refine_tls_group.beg_auth_seq_id 
_pdbx_refine_tls_group.beg_label_asym_id 
_pdbx_refine_tls_group.beg_label_seq_id 
_pdbx_refine_tls_group.end_auth_asym_id 
_pdbx_refine_tls_group.end_auth_seq_id 
_pdbx_refine_tls_group.end_label_asym_id 
_pdbx_refine_tls_group.end_label_seq_id 
_pdbx_refine_tls_group.selection 
_pdbx_refine_tls_group.pdbx_refine_id 
_pdbx_refine_tls_group.selection_details 
1 1 X 66  A 18  X 80  A 32  ? 'X-RAY DIFFRACTION' ? 
2 1 X 192 A 144 X 204 A 156 ? 'X-RAY DIFFRACTION' ? 
3 2 X 81  A 33  X 191 A 143 ? 'X-RAY DIFFRACTION' ? 
# 
loop_
_software.name 
_software.classification 
_software.version 
_software.citation_id 
_software.pdbx_ordinal 
REFMAC refinement       5.2.0005  ? 1 
MOSFLM 'data reduction' .         ? 2 
CCP4   'data scaling'   '(SCALA)' ? 3 
PHASER phasing          .         ? 4 
# 
_pdbx_validate_torsion.id              1 
_pdbx_validate_torsion.PDB_model_num   1 
_pdbx_validate_torsion.auth_comp_id    LYS 
_pdbx_validate_torsion.auth_asym_id    X 
_pdbx_validate_torsion.auth_seq_id     147 
_pdbx_validate_torsion.PDB_ins_code    ? 
_pdbx_validate_torsion.label_alt_id    ? 
_pdbx_validate_torsion.phi             83.34 
_pdbx_validate_torsion.psi             3.31 
# 
loop_
_pdbx_unobs_or_zero_occ_atoms.id 
_pdbx_unobs_or_zero_occ_atoms.PDB_model_num 
_pdbx_unobs_or_zero_occ_atoms.polymer_flag 
_pdbx_unobs_or_zero_occ_atoms.occupancy_flag 
_pdbx_unobs_or_zero_occ_atoms.auth_asym_id 
_pdbx_unobs_or_zero_occ_atoms.auth_comp_id 
_pdbx_unobs_or_zero_occ_atoms.auth_seq_id 
_pdbx_unobs_or_zero_occ_atoms.PDB_ins_code 
_pdbx_unobs_or_zero_occ_atoms.auth_atom_id 
_pdbx_unobs_or_zero_occ_atoms.label_alt_id 
_pdbx_unobs_or_zero_occ_atoms.label_asym_id 
_pdbx_unobs_or_zero_occ_atoms.label_comp_id 
_pdbx_unobs_or_zero_occ_atoms.label_seq_id 
_pdbx_unobs_or_zero_occ_atoms.label_atom_id 
1   1 Y 1 X LEU 66  ? CG  ? A LEU 18  CG  
2   1 Y 1 X LEU 66  ? CD1 ? A LEU 18  CD1 
3   1 Y 1 X LEU 66  ? CD2 ? A LEU 18  CD2 
4   1 Y 1 X TYR 67  ? CG  ? A TYR 19  CG  
5   1 Y 1 X TYR 67  ? CD1 ? A TYR 19  CD1 
6   1 Y 1 X TYR 67  ? CD2 ? A TYR 19  CD2 
7   1 Y 1 X TYR 67  ? CE1 ? A TYR 19  CE1 
8   1 Y 1 X TYR 67  ? CE2 ? A TYR 19  CE2 
9   1 Y 1 X TYR 67  ? CZ  ? A TYR 19  CZ  
10  1 Y 1 X TYR 67  ? OH  ? A TYR 19  OH  
11  1 Y 1 X SER 70  ? OG  ? A SER 22  OG  
12  1 Y 1 X MET 71  ? CG  ? A MET 23  CG  
13  1 Y 1 X MET 71  ? SD  ? A MET 23  SD  
14  1 Y 1 X MET 71  ? CE  ? A MET 23  CE  
15  1 Y 1 X GLN 83  ? CG  ? A GLN 35  CG  
16  1 Y 1 X GLN 83  ? CD  ? A GLN 35  CD  
17  1 Y 1 X GLN 83  ? OE1 ? A GLN 35  OE1 
18  1 Y 1 X GLN 83  ? NE2 ? A GLN 35  NE2 
19  1 Y 1 X LYS 87  ? NZ  ? A LYS 39  NZ  
20  1 Y 1 X LYS 90  ? CE  ? A LYS 42  CE  
21  1 Y 1 X LYS 90  ? NZ  ? A LYS 42  NZ  
22  1 Y 1 X GLU 100 ? CG  ? A GLU 52  CG  
23  1 Y 1 X GLU 100 ? CD  ? A GLU 52  CD  
24  1 Y 1 X GLU 100 ? OE1 ? A GLU 52  OE1 
25  1 Y 1 X GLU 100 ? OE2 ? A GLU 52  OE2 
26  1 Y 1 X LYS 122 ? CG  ? A LYS 74  CG  
27  1 Y 1 X LYS 122 ? CD  ? A LYS 74  CD  
28  1 Y 1 X LYS 122 ? CE  ? A LYS 74  CE  
29  1 Y 1 X LYS 122 ? NZ  ? A LYS 74  NZ  
30  1 Y 1 X GLN 124 ? CG  ? A GLN 76  CG  
31  1 Y 1 X GLN 124 ? CD  ? A GLN 76  CD  
32  1 Y 1 X GLN 124 ? OE1 ? A GLN 76  OE1 
33  1 Y 1 X GLN 124 ? NE2 ? A GLN 76  NE2 
34  1 Y 1 X ASN 125 ? CG  ? A ASN 77  CG  
35  1 Y 1 X ASN 125 ? OD1 ? A ASN 77  OD1 
36  1 Y 1 X ASN 125 ? ND2 ? A ASN 77  ND2 
37  1 Y 1 X LYS 126 ? CG  ? A LYS 78  CG  
38  1 Y 1 X LYS 126 ? CD  ? A LYS 78  CD  
39  1 Y 1 X LYS 126 ? CE  ? A LYS 78  CE  
40  1 Y 1 X LYS 126 ? NZ  ? A LYS 78  NZ  
41  1 Y 1 X LYS 127 ? CB  ? A LYS 79  CB  
42  1 Y 1 X LYS 127 ? CG  ? A LYS 79  CG  
43  1 Y 1 X LYS 127 ? CD  ? A LYS 79  CD  
44  1 Y 1 X LYS 127 ? CE  ? A LYS 79  CE  
45  1 Y 1 X LYS 127 ? NZ  ? A LYS 79  NZ  
46  1 Y 1 X GLU 130 ? CG  ? A GLU 82  CG  
47  1 Y 1 X GLU 130 ? CD  ? A GLU 82  CD  
48  1 Y 1 X GLU 130 ? OE1 ? A GLU 82  OE1 
49  1 Y 1 X GLU 130 ? OE2 ? A GLU 82  OE2 
50  1 Y 1 X GLU 131 ? CG  ? A GLU 83  CG  
51  1 Y 1 X GLU 131 ? CD  ? A GLU 83  CD  
52  1 Y 1 X GLU 131 ? OE1 ? A GLU 83  OE1 
53  1 Y 1 X GLU 131 ? OE2 ? A GLU 83  OE2 
54  1 Y 1 X ARG 134 ? CG  ? A ARG 86  CG  
55  1 Y 1 X ARG 134 ? CD  ? A ARG 86  CD  
56  1 Y 1 X ARG 134 ? NE  ? A ARG 86  NE  
57  1 Y 1 X ARG 134 ? CZ  ? A ARG 86  CZ  
58  1 Y 1 X ARG 134 ? NH1 ? A ARG 86  NH1 
59  1 Y 1 X ARG 134 ? NH2 ? A ARG 86  NH2 
60  1 Y 1 X MET 135 ? CG  ? A MET 87  CG  
61  1 Y 1 X MET 135 ? SD  ? A MET 87  SD  
62  1 Y 1 X MET 135 ? CE  ? A MET 87  CE  
63  1 Y 1 X GLU 138 ? CG  ? A GLU 90  CG  
64  1 Y 1 X GLU 138 ? CD  ? A GLU 90  CD  
65  1 Y 1 X GLU 138 ? OE1 ? A GLU 90  OE1 
66  1 Y 1 X GLU 138 ? OE2 ? A GLU 90  OE2 
67  1 Y 1 X LEU 144 ? CB  ? A LEU 96  CB  
68  1 Y 1 X LEU 144 ? CG  ? A LEU 96  CG  
69  1 Y 1 X LEU 144 ? CD1 ? A LEU 96  CD1 
70  1 Y 1 X LEU 144 ? CD2 ? A LEU 96  CD2 
71  1 Y 1 X LYS 147 ? CG  ? A LYS 99  CG  
72  1 Y 1 X LYS 147 ? CD  ? A LYS 99  CD  
73  1 Y 1 X LYS 147 ? CE  ? A LYS 99  CE  
74  1 Y 1 X LYS 147 ? NZ  ? A LYS 99  NZ  
75  1 Y 1 X ASP 152 ? OD1 ? A ASP 104 OD1 
76  1 Y 1 X ASP 152 ? OD2 ? A ASP 104 OD2 
77  1 Y 1 X ARG 154 ? CG  ? A ARG 106 CG  
78  1 Y 1 X ARG 154 ? CD  ? A ARG 106 CD  
79  1 Y 1 X ARG 154 ? NE  ? A ARG 106 NE  
80  1 Y 1 X ARG 154 ? CZ  ? A ARG 106 CZ  
81  1 Y 1 X ARG 154 ? NH1 ? A ARG 106 NH1 
82  1 Y 1 X ARG 154 ? NH2 ? A ARG 106 NH2 
83  1 Y 1 X LEU 164 ? CG  ? A LEU 116 CG  
84  1 Y 1 X LEU 164 ? CD1 ? A LEU 116 CD1 
85  1 Y 1 X LEU 164 ? CD2 ? A LEU 116 CD2 
86  1 Y 1 X ASP 165 ? CG  ? A ASP 117 CG  
87  1 Y 1 X ASP 165 ? OD1 ? A ASP 117 OD1 
88  1 Y 1 X ASP 165 ? OD2 ? A ASP 117 OD2 
89  1 Y 1 X ARG 184 ? NE  ? A ARG 136 NE  
90  1 Y 1 X ARG 184 ? CZ  ? A ARG 136 CZ  
91  1 Y 1 X ARG 184 ? NH1 ? A ARG 136 NH1 
92  1 Y 1 X ARG 184 ? NH2 ? A ARG 136 NH2 
93  1 Y 1 X GLN 194 ? CG  ? A GLN 146 CG  
94  1 Y 1 X GLN 194 ? CD  ? A GLN 146 CD  
95  1 Y 1 X GLN 194 ? OE1 ? A GLN 146 OE1 
96  1 Y 1 X GLN 194 ? NE2 ? A GLN 146 NE2 
97  1 Y 1 X LYS 197 ? CG  ? A LYS 149 CG  
98  1 Y 1 X LYS 197 ? CD  ? A LYS 149 CD  
99  1 Y 1 X LYS 197 ? CE  ? A LYS 149 CE  
100 1 Y 1 X LYS 197 ? NZ  ? A LYS 149 NZ  
# 
loop_
_pdbx_unobs_or_zero_occ_residues.id 
_pdbx_unobs_or_zero_occ_residues.PDB_model_num 
_pdbx_unobs_or_zero_occ_residues.polymer_flag 
_pdbx_unobs_or_zero_occ_residues.occupancy_flag 
_pdbx_unobs_or_zero_occ_residues.auth_asym_id 
_pdbx_unobs_or_zero_occ_residues.auth_comp_id 
_pdbx_unobs_or_zero_occ_residues.auth_seq_id 
_pdbx_unobs_or_zero_occ_residues.PDB_ins_code 
_pdbx_unobs_or_zero_occ_residues.label_asym_id 
_pdbx_unobs_or_zero_occ_residues.label_comp_id 
_pdbx_unobs_or_zero_occ_residues.label_seq_id 
1  1 Y 1 X MET 49  ? A MET 1   
2  1 Y 1 X HIS 50  ? A HIS 2   
3  1 Y 1 X HIS 51  ? A HIS 3   
4  1 Y 1 X HIS 52  ? A HIS 4   
5  1 Y 1 X HIS 53  ? A HIS 5   
6  1 Y 1 X HIS 54  ? A HIS 6   
7  1 Y 1 X HIS 55  ? A HIS 7   
8  1 Y 1 X SER 56  ? A SER 8   
9  1 Y 1 X SER 57  ? A SER 9   
10 1 Y 1 X GLY 58  ? A GLY 10  
11 1 Y 1 X VAL 59  ? A VAL 11  
12 1 Y 1 X ASP 60  ? A ASP 12  
13 1 Y 1 X LEU 61  ? A LEU 13  
14 1 Y 1 X GLY 62  ? A GLY 14  
15 1 Y 1 X THR 63  ? A THR 15  
16 1 Y 1 X GLU 64  ? A GLU 16  
17 1 Y 1 X ASN 65  ? A ASN 17  
18 1 Y 1 X SER 145 ? A SER 97  
19 1 Y 1 X GLY 205 ? A GLY 157 
20 1 Y 1 X SER 206 ? A SER 158 
# 
loop_
_chem_comp_atom.comp_id 
_chem_comp_atom.atom_id 
_chem_comp_atom.type_symbol 
_chem_comp_atom.pdbx_aromatic_flag 
_chem_comp_atom.pdbx_stereo_config 
_chem_comp_atom.pdbx_ordinal 
ALA N    N N N 1   
ALA CA   C N S 2   
ALA C    C N N 3   
ALA O    O N N 4   
ALA CB   C N N 5   
ALA OXT  O N N 6   
ALA H    H N N 7   
ALA H2   H N N 8   
ALA HA   H N N 9   
ALA HB1  H N N 10  
ALA HB2  H N N 11  
ALA HB3  H N N 12  
ALA HXT  H N N 13  
ARG N    N N N 14  
ARG CA   C N S 15  
ARG C    C N N 16  
ARG O    O N N 17  
ARG CB   C N N 18  
ARG CG   C N N 19  
ARG CD   C N N 20  
ARG NE   N N N 21  
ARG CZ   C N N 22  
ARG NH1  N N N 23  
ARG NH2  N N N 24  
ARG OXT  O N N 25  
ARG H    H N N 26  
ARG H2   H N N 27  
ARG HA   H N N 28  
ARG HB2  H N N 29  
ARG HB3  H N N 30  
ARG HG2  H N N 31  
ARG HG3  H N N 32  
ARG HD2  H N N 33  
ARG HD3  H N N 34  
ARG HE   H N N 35  
ARG HH11 H N N 36  
ARG HH12 H N N 37  
ARG HH21 H N N 38  
ARG HH22 H N N 39  
ARG HXT  H N N 40  
ASN N    N N N 41  
ASN CA   C N S 42  
ASN C    C N N 43  
ASN O    O N N 44  
ASN CB   C N N 45  
ASN CG   C N N 46  
ASN OD1  O N N 47  
ASN ND2  N N N 48  
ASN OXT  O N N 49  
ASN H    H N N 50  
ASN H2   H N N 51  
ASN HA   H N N 52  
ASN HB2  H N N 53  
ASN HB3  H N N 54  
ASN HD21 H N N 55  
ASN HD22 H N N 56  
ASN HXT  H N N 57  
ASP N    N N N 58  
ASP CA   C N S 59  
ASP C    C N N 60  
ASP O    O N N 61  
ASP CB   C N N 62  
ASP CG   C N N 63  
ASP OD1  O N N 64  
ASP OD2  O N N 65  
ASP OXT  O N N 66  
ASP H    H N N 67  
ASP H2   H N N 68  
ASP HA   H N N 69  
ASP HB2  H N N 70  
ASP HB3  H N N 71  
ASP HD2  H N N 72  
ASP HXT  H N N 73  
CYS N    N N N 74  
CYS CA   C N R 75  
CYS C    C N N 76  
CYS O    O N N 77  
CYS CB   C N N 78  
CYS SG   S N N 79  
CYS OXT  O N N 80  
CYS H    H N N 81  
CYS H2   H N N 82  
CYS HA   H N N 83  
CYS HB2  H N N 84  
CYS HB3  H N N 85  
CYS HG   H N N 86  
CYS HXT  H N N 87  
GLN N    N N N 88  
GLN CA   C N S 89  
GLN C    C N N 90  
GLN O    O N N 91  
GLN CB   C N N 92  
GLN CG   C N N 93  
GLN CD   C N N 94  
GLN OE1  O N N 95  
GLN NE2  N N N 96  
GLN OXT  O N N 97  
GLN H    H N N 98  
GLN H2   H N N 99  
GLN HA   H N N 100 
GLN HB2  H N N 101 
GLN HB3  H N N 102 
GLN HG2  H N N 103 
GLN HG3  H N N 104 
GLN HE21 H N N 105 
GLN HE22 H N N 106 
GLN HXT  H N N 107 
GLU N    N N N 108 
GLU CA   C N S 109 
GLU C    C N N 110 
GLU O    O N N 111 
GLU CB   C N N 112 
GLU CG   C N N 113 
GLU CD   C N N 114 
GLU OE1  O N N 115 
GLU OE2  O N N 116 
GLU OXT  O N N 117 
GLU H    H N N 118 
GLU H2   H N N 119 
GLU HA   H N N 120 
GLU HB2  H N N 121 
GLU HB3  H N N 122 
GLU HG2  H N N 123 
GLU HG3  H N N 124 
GLU HE2  H N N 125 
GLU HXT  H N N 126 
GLY N    N N N 127 
GLY CA   C N N 128 
GLY C    C N N 129 
GLY O    O N N 130 
GLY OXT  O N N 131 
GLY H    H N N 132 
GLY H2   H N N 133 
GLY HA2  H N N 134 
GLY HA3  H N N 135 
GLY HXT  H N N 136 
HIS N    N N N 137 
HIS CA   C N S 138 
HIS C    C N N 139 
HIS O    O N N 140 
HIS CB   C N N 141 
HIS CG   C Y N 142 
HIS ND1  N Y N 143 
HIS CD2  C Y N 144 
HIS CE1  C Y N 145 
HIS NE2  N Y N 146 
HIS OXT  O N N 147 
HIS H    H N N 148 
HIS H2   H N N 149 
HIS HA   H N N 150 
HIS HB2  H N N 151 
HIS HB3  H N N 152 
HIS HD1  H N N 153 
HIS HD2  H N N 154 
HIS HE1  H N N 155 
HIS HE2  H N N 156 
HIS HXT  H N N 157 
HOH O    O N N 158 
HOH H1   H N N 159 
HOH H2   H N N 160 
ILE N    N N N 161 
ILE CA   C N S 162 
ILE C    C N N 163 
ILE O    O N N 164 
ILE CB   C N S 165 
ILE CG1  C N N 166 
ILE CG2  C N N 167 
ILE CD1  C N N 168 
ILE OXT  O N N 169 
ILE H    H N N 170 
ILE H2   H N N 171 
ILE HA   H N N 172 
ILE HB   H N N 173 
ILE HG12 H N N 174 
ILE HG13 H N N 175 
ILE HG21 H N N 176 
ILE HG22 H N N 177 
ILE HG23 H N N 178 
ILE HD11 H N N 179 
ILE HD12 H N N 180 
ILE HD13 H N N 181 
ILE HXT  H N N 182 
LEU N    N N N 183 
LEU CA   C N S 184 
LEU C    C N N 185 
LEU O    O N N 186 
LEU CB   C N N 187 
LEU CG   C N N 188 
LEU CD1  C N N 189 
LEU CD2  C N N 190 
LEU OXT  O N N 191 
LEU H    H N N 192 
LEU H2   H N N 193 
LEU HA   H N N 194 
LEU HB2  H N N 195 
LEU HB3  H N N 196 
LEU HG   H N N 197 
LEU HD11 H N N 198 
LEU HD12 H N N 199 
LEU HD13 H N N 200 
LEU HD21 H N N 201 
LEU HD22 H N N 202 
LEU HD23 H N N 203 
LEU HXT  H N N 204 
LYS N    N N N 205 
LYS CA   C N S 206 
LYS C    C N N 207 
LYS O    O N N 208 
LYS CB   C N N 209 
LYS CG   C N N 210 
LYS CD   C N N 211 
LYS CE   C N N 212 
LYS NZ   N N N 213 
LYS OXT  O N N 214 
LYS H    H N N 215 
LYS H2   H N N 216 
LYS HA   H N N 217 
LYS HB2  H N N 218 
LYS HB3  H N N 219 
LYS HG2  H N N 220 
LYS HG3  H N N 221 
LYS HD2  H N N 222 
LYS HD3  H N N 223 
LYS HE2  H N N 224 
LYS HE3  H N N 225 
LYS HZ1  H N N 226 
LYS HZ2  H N N 227 
LYS HZ3  H N N 228 
LYS HXT  H N N 229 
MET N    N N N 230 
MET CA   C N S 231 
MET C    C N N 232 
MET O    O N N 233 
MET CB   C N N 234 
MET CG   C N N 235 
MET SD   S N N 236 
MET CE   C N N 237 
MET OXT  O N N 238 
MET H    H N N 239 
MET H2   H N N 240 
MET HA   H N N 241 
MET HB2  H N N 242 
MET HB3  H N N 243 
MET HG2  H N N 244 
MET HG3  H N N 245 
MET HE1  H N N 246 
MET HE2  H N N 247 
MET HE3  H N N 248 
MET HXT  H N N 249 
PHE N    N N N 250 
PHE CA   C N S 251 
PHE C    C N N 252 
PHE O    O N N 253 
PHE CB   C N N 254 
PHE CG   C Y N 255 
PHE CD1  C Y N 256 
PHE CD2  C Y N 257 
PHE CE1  C Y N 258 
PHE CE2  C Y N 259 
PHE CZ   C Y N 260 
PHE OXT  O N N 261 
PHE H    H N N 262 
PHE H2   H N N 263 
PHE HA   H N N 264 
PHE HB2  H N N 265 
PHE HB3  H N N 266 
PHE HD1  H N N 267 
PHE HD2  H N N 268 
PHE HE1  H N N 269 
PHE HE2  H N N 270 
PHE HZ   H N N 271 
PHE HXT  H N N 272 
PRO N    N N N 273 
PRO CA   C N S 274 
PRO C    C N N 275 
PRO O    O N N 276 
PRO CB   C N N 277 
PRO CG   C N N 278 
PRO CD   C N N 279 
PRO OXT  O N N 280 
PRO H    H N N 281 
PRO HA   H N N 282 
PRO HB2  H N N 283 
PRO HB3  H N N 284 
PRO HG2  H N N 285 
PRO HG3  H N N 286 
PRO HD2  H N N 287 
PRO HD3  H N N 288 
PRO HXT  H N N 289 
SER N    N N N 290 
SER CA   C N S 291 
SER C    C N N 292 
SER O    O N N 293 
SER CB   C N N 294 
SER OG   O N N 295 
SER OXT  O N N 296 
SER H    H N N 297 
SER H2   H N N 298 
SER HA   H N N 299 
SER HB2  H N N 300 
SER HB3  H N N 301 
SER HG   H N N 302 
SER HXT  H N N 303 
THR N    N N N 304 
THR CA   C N S 305 
THR C    C N N 306 
THR O    O N N 307 
THR CB   C N R 308 
THR OG1  O N N 309 
THR CG2  C N N 310 
THR OXT  O N N 311 
THR H    H N N 312 
THR H2   H N N 313 
THR HA   H N N 314 
THR HB   H N N 315 
THR HG1  H N N 316 
THR HG21 H N N 317 
THR HG22 H N N 318 
THR HG23 H N N 319 
THR HXT  H N N 320 
TRP N    N N N 321 
TRP CA   C N S 322 
TRP C    C N N 323 
TRP O    O N N 324 
TRP CB   C N N 325 
TRP CG   C Y N 326 
TRP CD1  C Y N 327 
TRP CD2  C Y N 328 
TRP NE1  N Y N 329 
TRP CE2  C Y N 330 
TRP CE3  C Y N 331 
TRP CZ2  C Y N 332 
TRP CZ3  C Y N 333 
TRP CH2  C Y N 334 
TRP OXT  O N N 335 
TRP H    H N N 336 
TRP H2   H N N 337 
TRP HA   H N N 338 
TRP HB2  H N N 339 
TRP HB3  H N N 340 
TRP HD1  H N N 341 
TRP HE1  H N N 342 
TRP HE3  H N N 343 
TRP HZ2  H N N 344 
TRP HZ3  H N N 345 
TRP HH2  H N N 346 
TRP HXT  H N N 347 
TYR N    N N N 348 
TYR CA   C N S 349 
TYR C    C N N 350 
TYR O    O N N 351 
TYR CB   C N N 352 
TYR CG   C Y N 353 
TYR CD1  C Y N 354 
TYR CD2  C Y N 355 
TYR CE1  C Y N 356 
TYR CE2  C Y N 357 
TYR CZ   C Y N 358 
TYR OH   O N N 359 
TYR OXT  O N N 360 
TYR H    H N N 361 
TYR H2   H N N 362 
TYR HA   H N N 363 
TYR HB2  H N N 364 
TYR HB3  H N N 365 
TYR HD1  H N N 366 
TYR HD2  H N N 367 
TYR HE1  H N N 368 
TYR HE2  H N N 369 
TYR HH   H N N 370 
TYR HXT  H N N 371 
VAL N    N N N 372 
VAL CA   C N S 373 
VAL C    C N N 374 
VAL O    O N N 375 
VAL CB   C N N 376 
VAL CG1  C N N 377 
VAL CG2  C N N 378 
VAL OXT  O N N 379 
VAL H    H N N 380 
VAL H2   H N N 381 
VAL HA   H N N 382 
VAL HB   H N N 383 
VAL HG11 H N N 384 
VAL HG12 H N N 385 
VAL HG13 H N N 386 
VAL HG21 H N N 387 
VAL HG22 H N N 388 
VAL HG23 H N N 389 
VAL HXT  H N N 390 
# 
loop_
_chem_comp_bond.comp_id 
_chem_comp_bond.atom_id_1 
_chem_comp_bond.atom_id_2 
_chem_comp_bond.value_order 
_chem_comp_bond.pdbx_aromatic_flag 
_chem_comp_bond.pdbx_stereo_config 
_chem_comp_bond.pdbx_ordinal 
ALA N   CA   sing N N 1   
ALA N   H    sing N N 2   
ALA N   H2   sing N N 3   
ALA CA  C    sing N N 4   
ALA CA  CB   sing N N 5   
ALA CA  HA   sing N N 6   
ALA C   O    doub N N 7   
ALA C   OXT  sing N N 8   
ALA CB  HB1  sing N N 9   
ALA CB  HB2  sing N N 10  
ALA CB  HB3  sing N N 11  
ALA OXT HXT  sing N N 12  
ARG N   CA   sing N N 13  
ARG N   H    sing N N 14  
ARG N   H2   sing N N 15  
ARG CA  C    sing N N 16  
ARG CA  CB   sing N N 17  
ARG CA  HA   sing N N 18  
ARG C   O    doub N N 19  
ARG C   OXT  sing N N 20  
ARG CB  CG   sing N N 21  
ARG CB  HB2  sing N N 22  
ARG CB  HB3  sing N N 23  
ARG CG  CD   sing N N 24  
ARG CG  HG2  sing N N 25  
ARG CG  HG3  sing N N 26  
ARG CD  NE   sing N N 27  
ARG CD  HD2  sing N N 28  
ARG CD  HD3  sing N N 29  
ARG NE  CZ   sing N N 30  
ARG NE  HE   sing N N 31  
ARG CZ  NH1  sing N N 32  
ARG CZ  NH2  doub N N 33  
ARG NH1 HH11 sing N N 34  
ARG NH1 HH12 sing N N 35  
ARG NH2 HH21 sing N N 36  
ARG NH2 HH22 sing N N 37  
ARG OXT HXT  sing N N 38  
ASN N   CA   sing N N 39  
ASN N   H    sing N N 40  
ASN N   H2   sing N N 41  
ASN CA  C    sing N N 42  
ASN CA  CB   sing N N 43  
ASN CA  HA   sing N N 44  
ASN C   O    doub N N 45  
ASN C   OXT  sing N N 46  
ASN CB  CG   sing N N 47  
ASN CB  HB2  sing N N 48  
ASN CB  HB3  sing N N 49  
ASN CG  OD1  doub N N 50  
ASN CG  ND2  sing N N 51  
ASN ND2 HD21 sing N N 52  
ASN ND2 HD22 sing N N 53  
ASN OXT HXT  sing N N 54  
ASP N   CA   sing N N 55  
ASP N   H    sing N N 56  
ASP N   H2   sing N N 57  
ASP CA  C    sing N N 58  
ASP CA  CB   sing N N 59  
ASP CA  HA   sing N N 60  
ASP C   O    doub N N 61  
ASP C   OXT  sing N N 62  
ASP CB  CG   sing N N 63  
ASP CB  HB2  sing N N 64  
ASP CB  HB3  sing N N 65  
ASP CG  OD1  doub N N 66  
ASP CG  OD2  sing N N 67  
ASP OD2 HD2  sing N N 68  
ASP OXT HXT  sing N N 69  
CYS N   CA   sing N N 70  
CYS N   H    sing N N 71  
CYS N   H2   sing N N 72  
CYS CA  C    sing N N 73  
CYS CA  CB   sing N N 74  
CYS CA  HA   sing N N 75  
CYS C   O    doub N N 76  
CYS C   OXT  sing N N 77  
CYS CB  SG   sing N N 78  
CYS CB  HB2  sing N N 79  
CYS CB  HB3  sing N N 80  
CYS SG  HG   sing N N 81  
CYS OXT HXT  sing N N 82  
GLN N   CA   sing N N 83  
GLN N   H    sing N N 84  
GLN N   H2   sing N N 85  
GLN CA  C    sing N N 86  
GLN CA  CB   sing N N 87  
GLN CA  HA   sing N N 88  
GLN C   O    doub N N 89  
GLN C   OXT  sing N N 90  
GLN CB  CG   sing N N 91  
GLN CB  HB2  sing N N 92  
GLN CB  HB3  sing N N 93  
GLN CG  CD   sing N N 94  
GLN CG  HG2  sing N N 95  
GLN CG  HG3  sing N N 96  
GLN CD  OE1  doub N N 97  
GLN CD  NE2  sing N N 98  
GLN NE2 HE21 sing N N 99  
GLN NE2 HE22 sing N N 100 
GLN OXT HXT  sing N N 101 
GLU N   CA   sing N N 102 
GLU N   H    sing N N 103 
GLU N   H2   sing N N 104 
GLU CA  C    sing N N 105 
GLU CA  CB   sing N N 106 
GLU CA  HA   sing N N 107 
GLU C   O    doub N N 108 
GLU C   OXT  sing N N 109 
GLU CB  CG   sing N N 110 
GLU CB  HB2  sing N N 111 
GLU CB  HB3  sing N N 112 
GLU CG  CD   sing N N 113 
GLU CG  HG2  sing N N 114 
GLU CG  HG3  sing N N 115 
GLU CD  OE1  doub N N 116 
GLU CD  OE2  sing N N 117 
GLU OE2 HE2  sing N N 118 
GLU OXT HXT  sing N N 119 
GLY N   CA   sing N N 120 
GLY N   H    sing N N 121 
GLY N   H2   sing N N 122 
GLY CA  C    sing N N 123 
GLY CA  HA2  sing N N 124 
GLY CA  HA3  sing N N 125 
GLY C   O    doub N N 126 
GLY C   OXT  sing N N 127 
GLY OXT HXT  sing N N 128 
HIS N   CA   sing N N 129 
HIS N   H    sing N N 130 
HIS N   H2   sing N N 131 
HIS CA  C    sing N N 132 
HIS CA  CB   sing N N 133 
HIS CA  HA   sing N N 134 
HIS C   O    doub N N 135 
HIS C   OXT  sing N N 136 
HIS CB  CG   sing N N 137 
HIS CB  HB2  sing N N 138 
HIS CB  HB3  sing N N 139 
HIS CG  ND1  sing Y N 140 
HIS CG  CD2  doub Y N 141 
HIS ND1 CE1  doub Y N 142 
HIS ND1 HD1  sing N N 143 
HIS CD2 NE2  sing Y N 144 
HIS CD2 HD2  sing N N 145 
HIS CE1 NE2  sing Y N 146 
HIS CE1 HE1  sing N N 147 
HIS NE2 HE2  sing N N 148 
HIS OXT HXT  sing N N 149 
HOH O   H1   sing N N 150 
HOH O   H2   sing N N 151 
ILE N   CA   sing N N 152 
ILE N   H    sing N N 153 
ILE N   H2   sing N N 154 
ILE CA  C    sing N N 155 
ILE CA  CB   sing N N 156 
ILE CA  HA   sing N N 157 
ILE C   O    doub N N 158 
ILE C   OXT  sing N N 159 
ILE CB  CG1  sing N N 160 
ILE CB  CG2  sing N N 161 
ILE CB  HB   sing N N 162 
ILE CG1 CD1  sing N N 163 
ILE CG1 HG12 sing N N 164 
ILE CG1 HG13 sing N N 165 
ILE CG2 HG21 sing N N 166 
ILE CG2 HG22 sing N N 167 
ILE CG2 HG23 sing N N 168 
ILE CD1 HD11 sing N N 169 
ILE CD1 HD12 sing N N 170 
ILE CD1 HD13 sing N N 171 
ILE OXT HXT  sing N N 172 
LEU N   CA   sing N N 173 
LEU N   H    sing N N 174 
LEU N   H2   sing N N 175 
LEU CA  C    sing N N 176 
LEU CA  CB   sing N N 177 
LEU CA  HA   sing N N 178 
LEU C   O    doub N N 179 
LEU C   OXT  sing N N 180 
LEU CB  CG   sing N N 181 
LEU CB  HB2  sing N N 182 
LEU CB  HB3  sing N N 183 
LEU CG  CD1  sing N N 184 
LEU CG  CD2  sing N N 185 
LEU CG  HG   sing N N 186 
LEU CD1 HD11 sing N N 187 
LEU CD1 HD12 sing N N 188 
LEU CD1 HD13 sing N N 189 
LEU CD2 HD21 sing N N 190 
LEU CD2 HD22 sing N N 191 
LEU CD2 HD23 sing N N 192 
LEU OXT HXT  sing N N 193 
LYS N   CA   sing N N 194 
LYS N   H    sing N N 195 
LYS N   H2   sing N N 196 
LYS CA  C    sing N N 197 
LYS CA  CB   sing N N 198 
LYS CA  HA   sing N N 199 
LYS C   O    doub N N 200 
LYS C   OXT  sing N N 201 
LYS CB  CG   sing N N 202 
LYS CB  HB2  sing N N 203 
LYS CB  HB3  sing N N 204 
LYS CG  CD   sing N N 205 
LYS CG  HG2  sing N N 206 
LYS CG  HG3  sing N N 207 
LYS CD  CE   sing N N 208 
LYS CD  HD2  sing N N 209 
LYS CD  HD3  sing N N 210 
LYS CE  NZ   sing N N 211 
LYS CE  HE2  sing N N 212 
LYS CE  HE3  sing N N 213 
LYS NZ  HZ1  sing N N 214 
LYS NZ  HZ2  sing N N 215 
LYS NZ  HZ3  sing N N 216 
LYS OXT HXT  sing N N 217 
MET N   CA   sing N N 218 
MET N   H    sing N N 219 
MET N   H2   sing N N 220 
MET CA  C    sing N N 221 
MET CA  CB   sing N N 222 
MET CA  HA   sing N N 223 
MET C   O    doub N N 224 
MET C   OXT  sing N N 225 
MET CB  CG   sing N N 226 
MET CB  HB2  sing N N 227 
MET CB  HB3  sing N N 228 
MET CG  SD   sing N N 229 
MET CG  HG2  sing N N 230 
MET CG  HG3  sing N N 231 
MET SD  CE   sing N N 232 
MET CE  HE1  sing N N 233 
MET CE  HE2  sing N N 234 
MET CE  HE3  sing N N 235 
MET OXT HXT  sing N N 236 
PHE N   CA   sing N N 237 
PHE N   H    sing N N 238 
PHE N   H2   sing N N 239 
PHE CA  C    sing N N 240 
PHE CA  CB   sing N N 241 
PHE CA  HA   sing N N 242 
PHE C   O    doub N N 243 
PHE C   OXT  sing N N 244 
PHE CB  CG   sing N N 245 
PHE CB  HB2  sing N N 246 
PHE CB  HB3  sing N N 247 
PHE CG  CD1  doub Y N 248 
PHE CG  CD2  sing Y N 249 
PHE CD1 CE1  sing Y N 250 
PHE CD1 HD1  sing N N 251 
PHE CD2 CE2  doub Y N 252 
PHE CD2 HD2  sing N N 253 
PHE CE1 CZ   doub Y N 254 
PHE CE1 HE1  sing N N 255 
PHE CE2 CZ   sing Y N 256 
PHE CE2 HE2  sing N N 257 
PHE CZ  HZ   sing N N 258 
PHE OXT HXT  sing N N 259 
PRO N   CA   sing N N 260 
PRO N   CD   sing N N 261 
PRO N   H    sing N N 262 
PRO CA  C    sing N N 263 
PRO CA  CB   sing N N 264 
PRO CA  HA   sing N N 265 
PRO C   O    doub N N 266 
PRO C   OXT  sing N N 267 
PRO CB  CG   sing N N 268 
PRO CB  HB2  sing N N 269 
PRO CB  HB3  sing N N 270 
PRO CG  CD   sing N N 271 
PRO CG  HG2  sing N N 272 
PRO CG  HG3  sing N N 273 
PRO CD  HD2  sing N N 274 
PRO CD  HD3  sing N N 275 
PRO OXT HXT  sing N N 276 
SER N   CA   sing N N 277 
SER N   H    sing N N 278 
SER N   H2   sing N N 279 
SER CA  C    sing N N 280 
SER CA  CB   sing N N 281 
SER CA  HA   sing N N 282 
SER C   O    doub N N 283 
SER C   OXT  sing N N 284 
SER CB  OG   sing N N 285 
SER CB  HB2  sing N N 286 
SER CB  HB3  sing N N 287 
SER OG  HG   sing N N 288 
SER OXT HXT  sing N N 289 
THR N   CA   sing N N 290 
THR N   H    sing N N 291 
THR N   H2   sing N N 292 
THR CA  C    sing N N 293 
THR CA  CB   sing N N 294 
THR CA  HA   sing N N 295 
THR C   O    doub N N 296 
THR C   OXT  sing N N 297 
THR CB  OG1  sing N N 298 
THR CB  CG2  sing N N 299 
THR CB  HB   sing N N 300 
THR OG1 HG1  sing N N 301 
THR CG2 HG21 sing N N 302 
THR CG2 HG22 sing N N 303 
THR CG2 HG23 sing N N 304 
THR OXT HXT  sing N N 305 
TRP N   CA   sing N N 306 
TRP N   H    sing N N 307 
TRP N   H2   sing N N 308 
TRP CA  C    sing N N 309 
TRP CA  CB   sing N N 310 
TRP CA  HA   sing N N 311 
TRP C   O    doub N N 312 
TRP C   OXT  sing N N 313 
TRP CB  CG   sing N N 314 
TRP CB  HB2  sing N N 315 
TRP CB  HB3  sing N N 316 
TRP CG  CD1  doub Y N 317 
TRP CG  CD2  sing Y N 318 
TRP CD1 NE1  sing Y N 319 
TRP CD1 HD1  sing N N 320 
TRP CD2 CE2  doub Y N 321 
TRP CD2 CE3  sing Y N 322 
TRP NE1 CE2  sing Y N 323 
TRP NE1 HE1  sing N N 324 
TRP CE2 CZ2  sing Y N 325 
TRP CE3 CZ3  doub Y N 326 
TRP CE3 HE3  sing N N 327 
TRP CZ2 CH2  doub Y N 328 
TRP CZ2 HZ2  sing N N 329 
TRP CZ3 CH2  sing Y N 330 
TRP CZ3 HZ3  sing N N 331 
TRP CH2 HH2  sing N N 332 
TRP OXT HXT  sing N N 333 
TYR N   CA   sing N N 334 
TYR N   H    sing N N 335 
TYR N   H2   sing N N 336 
TYR CA  C    sing N N 337 
TYR CA  CB   sing N N 338 
TYR CA  HA   sing N N 339 
TYR C   O    doub N N 340 
TYR C   OXT  sing N N 341 
TYR CB  CG   sing N N 342 
TYR CB  HB2  sing N N 343 
TYR CB  HB3  sing N N 344 
TYR CG  CD1  doub Y N 345 
TYR CG  CD2  sing Y N 346 
TYR CD1 CE1  sing Y N 347 
TYR CD1 HD1  sing N N 348 
TYR CD2 CE2  doub Y N 349 
TYR CD2 HD2  sing N N 350 
TYR CE1 CZ   doub Y N 351 
TYR CE1 HE1  sing N N 352 
TYR CE2 CZ   sing Y N 353 
TYR CE2 HE2  sing N N 354 
TYR CZ  OH   sing N N 355 
TYR OH  HH   sing N N 356 
TYR OXT HXT  sing N N 357 
VAL N   CA   sing N N 358 
VAL N   H    sing N N 359 
VAL N   H2   sing N N 360 
VAL CA  C    sing N N 361 
VAL CA  CB   sing N N 362 
VAL CA  HA   sing N N 363 
VAL C   O    doub N N 364 
VAL C   OXT  sing N N 365 
VAL CB  CG1  sing N N 366 
VAL CB  CG2  sing N N 367 
VAL CB  HB   sing N N 368 
VAL CG1 HG11 sing N N 369 
VAL CG1 HG12 sing N N 370 
VAL CG1 HG13 sing N N 371 
VAL CG2 HG21 sing N N 372 
VAL CG2 HG22 sing N N 373 
VAL CG2 HG23 sing N N 374 
VAL OXT HXT  sing N N 375 
# 
_pdbx_entity_nonpoly.entity_id   2 
_pdbx_entity_nonpoly.name        water 
_pdbx_entity_nonpoly.comp_id     HOH 
# 
_pdbx_initial_refinement_model.id               1 
_pdbx_initial_refinement_model.entity_id_list   ? 
_pdbx_initial_refinement_model.type             'experimental model' 
_pdbx_initial_refinement_model.source_name      PDB 
_pdbx_initial_refinement_model.accession_code   1CMZ 
_pdbx_initial_refinement_model.details          ? 
# 
